data_1FNL
# 
_entry.id   1FNL 
# 
_audit_conform.dict_name       mmcif_pdbx.dic 
_audit_conform.dict_version    5.397 
_audit_conform.dict_location   http://mmcif.pdb.org/dictionaries/ascii/mmcif_pdbx.dic 
# 
loop_
_database_2.database_id 
_database_2.database_code 
_database_2.pdbx_database_accession 
_database_2.pdbx_DOI 
PDB   1FNL         pdb_00001fnl 10.2210/pdb1fnl/pdb 
RCSB  RCSB011742   ?            ?                   
WWPDB D_1000011742 ?            ?                   
# 
loop_
_pdbx_audit_revision_history.ordinal 
_pdbx_audit_revision_history.data_content_type 
_pdbx_audit_revision_history.major_revision 
_pdbx_audit_revision_history.minor_revision 
_pdbx_audit_revision_history.revision_date 
1 'Structure model' 1 0 2000-11-22 
2 'Structure model' 1 1 2008-04-27 
3 'Structure model' 1 2 2011-07-13 
4 'Structure model' 1 3 2024-10-30 
# 
_pdbx_audit_revision_details.ordinal             1 
_pdbx_audit_revision_details.revision_ordinal    1 
_pdbx_audit_revision_details.data_content_type   'Structure model' 
_pdbx_audit_revision_details.provider            repository 
_pdbx_audit_revision_details.type                'Initial release' 
_pdbx_audit_revision_details.description         ? 
_pdbx_audit_revision_details.details             ? 
# 
loop_
_pdbx_audit_revision_group.ordinal 
_pdbx_audit_revision_group.revision_ordinal 
_pdbx_audit_revision_group.data_content_type 
_pdbx_audit_revision_group.group 
1 2 'Structure model' 'Version format compliance' 
2 3 'Structure model' 'Version format compliance' 
3 4 'Structure model' 'Data collection'           
4 4 'Structure model' 'Database references'       
5 4 'Structure model' 'Derived calculations'      
6 4 'Structure model' 'Structure summary'         
# 
loop_
_pdbx_audit_revision_category.ordinal 
_pdbx_audit_revision_category.revision_ordinal 
_pdbx_audit_revision_category.data_content_type 
_pdbx_audit_revision_category.category 
1 4 'Structure model' chem_comp_atom            
2 4 'Structure model' chem_comp_bond            
3 4 'Structure model' database_2                
4 4 'Structure model' pdbx_entry_details        
5 4 'Structure model' pdbx_modification_feature 
6 4 'Structure model' pdbx_struct_conn_angle    
7 4 'Structure model' struct_conn               
8 4 'Structure model' struct_site               
# 
loop_
_pdbx_audit_revision_item.ordinal 
_pdbx_audit_revision_item.revision_ordinal 
_pdbx_audit_revision_item.data_content_type 
_pdbx_audit_revision_item.item 
1  4 'Structure model' '_database_2.pdbx_DOI'                        
2  4 'Structure model' '_database_2.pdbx_database_accession'         
3  4 'Structure model' '_pdbx_struct_conn_angle.ptnr1_auth_comp_id'  
4  4 'Structure model' '_pdbx_struct_conn_angle.ptnr1_auth_seq_id'   
5  4 'Structure model' '_pdbx_struct_conn_angle.ptnr1_label_atom_id' 
6  4 'Structure model' '_pdbx_struct_conn_angle.ptnr1_label_comp_id' 
7  4 'Structure model' '_pdbx_struct_conn_angle.ptnr1_label_seq_id'  
8  4 'Structure model' '_pdbx_struct_conn_angle.ptnr3_auth_comp_id'  
9  4 'Structure model' '_pdbx_struct_conn_angle.ptnr3_auth_seq_id'   
10 4 'Structure model' '_pdbx_struct_conn_angle.ptnr3_label_atom_id' 
11 4 'Structure model' '_pdbx_struct_conn_angle.ptnr3_label_comp_id' 
12 4 'Structure model' '_pdbx_struct_conn_angle.ptnr3_label_seq_id'  
13 4 'Structure model' '_struct_conn.pdbx_dist_value'                
14 4 'Structure model' '_struct_conn.ptnr1_auth_comp_id'             
15 4 'Structure model' '_struct_conn.ptnr1_auth_seq_id'              
16 4 'Structure model' '_struct_conn.ptnr1_label_asym_id'            
17 4 'Structure model' '_struct_conn.ptnr1_label_atom_id'            
18 4 'Structure model' '_struct_conn.ptnr1_label_comp_id'            
19 4 'Structure model' '_struct_conn.ptnr1_label_seq_id'             
20 4 'Structure model' '_struct_conn.ptnr2_auth_comp_id'             
21 4 'Structure model' '_struct_conn.ptnr2_auth_seq_id'              
22 4 'Structure model' '_struct_conn.ptnr2_label_asym_id'            
23 4 'Structure model' '_struct_conn.ptnr2_label_atom_id'            
24 4 'Structure model' '_struct_conn.ptnr2_label_comp_id'            
25 4 'Structure model' '_struct_conn.ptnr2_label_seq_id'             
26 4 'Structure model' '_struct_site.pdbx_auth_asym_id'              
27 4 'Structure model' '_struct_site.pdbx_auth_comp_id'              
28 4 'Structure model' '_struct_site.pdbx_auth_seq_id'               
# 
_pdbx_database_status.status_code                     REL 
_pdbx_database_status.entry_id                        1FNL 
_pdbx_database_status.recvd_initial_deposition_date   2000-08-22 
_pdbx_database_status.deposit_site                    RCSB 
_pdbx_database_status.process_site                    RCSB 
_pdbx_database_status.SG_entry                        . 
_pdbx_database_status.pdb_format_compatible           Y 
_pdbx_database_status.status_code_mr                  ? 
_pdbx_database_status.status_code_sf                  ? 
_pdbx_database_status.status_code_cs                  ? 
_pdbx_database_status.status_code_nmr_data            ? 
_pdbx_database_status.methods_development_category    ? 
# 
loop_
_audit_author.name 
_audit_author.pdbx_ordinal 
'Zhang, Y.'          1 
'Boesen, C.C.'       2 
'Radaev, S.'         3 
'Brooks, A.G.'       4 
'Fridman, W.H.'      5 
'Sautes-Fridman, C.' 6 
'Sun, P.D.'          7 
# 
_citation.id                        primary 
_citation.title                     'Crystal structure of the extracellular domain of a human Fc gamma RIII.' 
_citation.journal_abbrev            Immunity 
_citation.journal_volume            13 
_citation.page_first                387 
_citation.page_last                 395 
_citation.year                      2000 
_citation.journal_id_ASTM           IUNIEH 
_citation.country                   US 
_citation.journal_id_ISSN           1074-7613 
_citation.journal_id_CSD            2048 
_citation.book_publisher            ? 
_citation.pdbx_database_id_PubMed   11021536 
_citation.pdbx_database_id_DOI      '10.1016/S1074-7613(00)00038-8' 
# 
loop_
_citation_author.citation_id 
_citation_author.name 
_citation_author.ordinal 
_citation_author.identifier_ORCID 
primary 'Zhang, Y.'          1 ? 
primary 'Boesen, C.C.'       2 ? 
primary 'Radaev, S.'         3 ? 
primary 'Brooks, A.G.'       4 ? 
primary 'Fridman, W.H.'      5 ? 
primary 'Sautes-Fridman, C.' 6 ? 
primary 'Sun, P.D.'          7 ? 
# 
loop_
_entity.id 
_entity.type 
_entity.src_method 
_entity.pdbx_description 
_entity.formula_weight 
_entity.pdbx_number_of_molecules 
_entity.pdbx_ec 
_entity.pdbx_mutation 
_entity.pdbx_fragment 
_entity.details 
1 polymer     man 'LOW AFFINITY IMMUNOGLOBULIN GAMMA FC REGION RECEPTOR III-B' 20004.285 1   ? ? 
'EXTRACELLULAR LIGAND BINDING DOMAIN' ? 
2 non-polymer syn 'MERCURY (II) ION'                                           200.590   2   ? ? ? ? 
3 water       nat water                                                        18.015    225 ? ? ? ? 
# 
_entity_poly.entity_id                      1 
_entity_poly.type                           'polypeptide(L)' 
_entity_poly.nstd_linkage                   no 
_entity_poly.nstd_monomer                   no 
_entity_poly.pdbx_seq_one_letter_code       
;RTEDLPKAVVFLEPQWYSVLEKDSVTLKCQGAYSPEDNSTQWFHNESLISSQASSYFIDAATVNDSGEYRCQTNLSTLSD
PVQLEVHIGWLLLQAPRWVFKEEDPIHLRCHSWKNTALHKVTYLQNGKDRKYFHHNSDFHIPKATLKDSGSYFCRGLVGS
KNVSSETVNITITQA
;
_entity_poly.pdbx_seq_one_letter_code_can   
;RTEDLPKAVVFLEPQWYSVLEKDSVTLKCQGAYSPEDNSTQWFHNESLISSQASSYFIDAATVNDSGEYRCQTNLSTLSD
PVQLEVHIGWLLLQAPRWVFKEEDPIHLRCHSWKNTALHKVTYLQNGKDRKYFHHNSDFHIPKATLKDSGSYFCRGLVGS
KNVSSETVNITITQA
;
_entity_poly.pdbx_strand_id                 A 
_entity_poly.pdbx_target_identifier         ? 
# 
loop_
_pdbx_entity_nonpoly.entity_id 
_pdbx_entity_nonpoly.name 
_pdbx_entity_nonpoly.comp_id 
2 'MERCURY (II) ION' HG  
3 water              HOH 
# 
loop_
_entity_poly_seq.entity_id 
_entity_poly_seq.num 
_entity_poly_seq.mon_id 
_entity_poly_seq.hetero 
1 1   ARG n 
1 2   THR n 
1 3   GLU n 
1 4   ASP n 
1 5   LEU n 
1 6   PRO n 
1 7   LYS n 
1 8   ALA n 
1 9   VAL n 
1 10  VAL n 
1 11  PHE n 
1 12  LEU n 
1 13  GLU n 
1 14  PRO n 
1 15  GLN n 
1 16  TRP n 
1 17  TYR n 
1 18  SER n 
1 19  VAL n 
1 20  LEU n 
1 21  GLU n 
1 22  LYS n 
1 23  ASP n 
1 24  SER n 
1 25  VAL n 
1 26  THR n 
1 27  LEU n 
1 28  LYS n 
1 29  CYS n 
1 30  GLN n 
1 31  GLY n 
1 32  ALA n 
1 33  TYR n 
1 34  SER n 
1 35  PRO n 
1 36  GLU n 
1 37  ASP n 
1 38  ASN n 
1 39  SER n 
1 40  THR n 
1 41  GLN n 
1 42  TRP n 
1 43  PHE n 
1 44  HIS n 
1 45  ASN n 
1 46  GLU n 
1 47  SER n 
1 48  LEU n 
1 49  ILE n 
1 50  SER n 
1 51  SER n 
1 52  GLN n 
1 53  ALA n 
1 54  SER n 
1 55  SER n 
1 56  TYR n 
1 57  PHE n 
1 58  ILE n 
1 59  ASP n 
1 60  ALA n 
1 61  ALA n 
1 62  THR n 
1 63  VAL n 
1 64  ASN n 
1 65  ASP n 
1 66  SER n 
1 67  GLY n 
1 68  GLU n 
1 69  TYR n 
1 70  ARG n 
1 71  CYS n 
1 72  GLN n 
1 73  THR n 
1 74  ASN n 
1 75  LEU n 
1 76  SER n 
1 77  THR n 
1 78  LEU n 
1 79  SER n 
1 80  ASP n 
1 81  PRO n 
1 82  VAL n 
1 83  GLN n 
1 84  LEU n 
1 85  GLU n 
1 86  VAL n 
1 87  HIS n 
1 88  ILE n 
1 89  GLY n 
1 90  TRP n 
1 91  LEU n 
1 92  LEU n 
1 93  LEU n 
1 94  GLN n 
1 95  ALA n 
1 96  PRO n 
1 97  ARG n 
1 98  TRP n 
1 99  VAL n 
1 100 PHE n 
1 101 LYS n 
1 102 GLU n 
1 103 GLU n 
1 104 ASP n 
1 105 PRO n 
1 106 ILE n 
1 107 HIS n 
1 108 LEU n 
1 109 ARG n 
1 110 CYS n 
1 111 HIS n 
1 112 SER n 
1 113 TRP n 
1 114 LYS n 
1 115 ASN n 
1 116 THR n 
1 117 ALA n 
1 118 LEU n 
1 119 HIS n 
1 120 LYS n 
1 121 VAL n 
1 122 THR n 
1 123 TYR n 
1 124 LEU n 
1 125 GLN n 
1 126 ASN n 
1 127 GLY n 
1 128 LYS n 
1 129 ASP n 
1 130 ARG n 
1 131 LYS n 
1 132 TYR n 
1 133 PHE n 
1 134 HIS n 
1 135 HIS n 
1 136 ASN n 
1 137 SER n 
1 138 ASP n 
1 139 PHE n 
1 140 HIS n 
1 141 ILE n 
1 142 PRO n 
1 143 LYS n 
1 144 ALA n 
1 145 THR n 
1 146 LEU n 
1 147 LYS n 
1 148 ASP n 
1 149 SER n 
1 150 GLY n 
1 151 SER n 
1 152 TYR n 
1 153 PHE n 
1 154 CYS n 
1 155 ARG n 
1 156 GLY n 
1 157 LEU n 
1 158 VAL n 
1 159 GLY n 
1 160 SER n 
1 161 LYS n 
1 162 ASN n 
1 163 VAL n 
1 164 SER n 
1 165 SER n 
1 166 GLU n 
1 167 THR n 
1 168 VAL n 
1 169 ASN n 
1 170 ILE n 
1 171 THR n 
1 172 ILE n 
1 173 THR n 
1 174 GLN n 
1 175 ALA n 
# 
_entity_src_gen.entity_id                          1 
_entity_src_gen.pdbx_src_id                        1 
_entity_src_gen.pdbx_alt_source_flag               sample 
_entity_src_gen.pdbx_seq_type                      ? 
_entity_src_gen.pdbx_beg_seq_num                   ? 
_entity_src_gen.pdbx_end_seq_num                   ? 
_entity_src_gen.gene_src_common_name               human 
_entity_src_gen.gene_src_genus                     Homo 
_entity_src_gen.pdbx_gene_src_gene                 ? 
_entity_src_gen.gene_src_species                   ? 
_entity_src_gen.gene_src_strain                    ? 
_entity_src_gen.gene_src_tissue                    ? 
_entity_src_gen.gene_src_tissue_fraction           ? 
_entity_src_gen.gene_src_details                   ? 
_entity_src_gen.pdbx_gene_src_fragment             ? 
_entity_src_gen.pdbx_gene_src_scientific_name      'Homo sapiens' 
_entity_src_gen.pdbx_gene_src_ncbi_taxonomy_id     9606 
_entity_src_gen.pdbx_gene_src_variant              ? 
_entity_src_gen.pdbx_gene_src_cell_line            ? 
_entity_src_gen.pdbx_gene_src_atcc                 ? 
_entity_src_gen.pdbx_gene_src_organ                ? 
_entity_src_gen.pdbx_gene_src_organelle            ? 
_entity_src_gen.pdbx_gene_src_cell                 ? 
_entity_src_gen.pdbx_gene_src_cellular_location    ? 
_entity_src_gen.host_org_common_name               ? 
_entity_src_gen.pdbx_host_org_scientific_name      'Escherichia coli' 
_entity_src_gen.pdbx_host_org_ncbi_taxonomy_id     562 
_entity_src_gen.host_org_genus                     Escherichia 
_entity_src_gen.pdbx_host_org_gene                 ? 
_entity_src_gen.pdbx_host_org_organ                ? 
_entity_src_gen.host_org_species                   ? 
_entity_src_gen.pdbx_host_org_tissue               ? 
_entity_src_gen.pdbx_host_org_tissue_fraction      ? 
_entity_src_gen.pdbx_host_org_strain               ? 
_entity_src_gen.pdbx_host_org_variant              ? 
_entity_src_gen.pdbx_host_org_cell_line            ? 
_entity_src_gen.pdbx_host_org_atcc                 ? 
_entity_src_gen.pdbx_host_org_culture_collection   ? 
_entity_src_gen.pdbx_host_org_cell                 ? 
_entity_src_gen.pdbx_host_org_organelle            ? 
_entity_src_gen.pdbx_host_org_cellular_location    ? 
_entity_src_gen.pdbx_host_org_vector_type          ? 
_entity_src_gen.pdbx_host_org_vector               ? 
_entity_src_gen.host_org_details                   ? 
_entity_src_gen.expression_system_id               ? 
_entity_src_gen.plasmid_name                       PET30 
_entity_src_gen.plasmid_details                    ? 
_entity_src_gen.pdbx_description                   ? 
# 
loop_
_chem_comp.id 
_chem_comp.type 
_chem_comp.mon_nstd_flag 
_chem_comp.name 
_chem_comp.pdbx_synonyms 
_chem_comp.formula 
_chem_comp.formula_weight 
ALA 'L-peptide linking' y ALANINE            ? 'C3 H7 N O2'     89.093  
ARG 'L-peptide linking' y ARGININE           ? 'C6 H15 N4 O2 1' 175.209 
ASN 'L-peptide linking' y ASPARAGINE         ? 'C4 H8 N2 O3'    132.118 
ASP 'L-peptide linking' y 'ASPARTIC ACID'    ? 'C4 H7 N O4'     133.103 
CYS 'L-peptide linking' y CYSTEINE           ? 'C3 H7 N O2 S'   121.158 
GLN 'L-peptide linking' y GLUTAMINE          ? 'C5 H10 N2 O3'   146.144 
GLU 'L-peptide linking' y 'GLUTAMIC ACID'    ? 'C5 H9 N O4'     147.129 
GLY 'peptide linking'   y GLYCINE            ? 'C2 H5 N O2'     75.067  
HG  non-polymer         . 'MERCURY (II) ION' ? 'Hg 2'           200.590 
HIS 'L-peptide linking' y HISTIDINE          ? 'C6 H10 N3 O2 1' 156.162 
HOH non-polymer         . WATER              ? 'H2 O'           18.015  
ILE 'L-peptide linking' y ISOLEUCINE         ? 'C6 H13 N O2'    131.173 
LEU 'L-peptide linking' y LEUCINE            ? 'C6 H13 N O2'    131.173 
LYS 'L-peptide linking' y LYSINE             ? 'C6 H15 N2 O2 1' 147.195 
PHE 'L-peptide linking' y PHENYLALANINE      ? 'C9 H11 N O2'    165.189 
PRO 'L-peptide linking' y PROLINE            ? 'C5 H9 N O2'     115.130 
SER 'L-peptide linking' y SERINE             ? 'C3 H7 N O3'     105.093 
THR 'L-peptide linking' y THREONINE          ? 'C4 H9 N O3'     119.119 
TRP 'L-peptide linking' y TRYPTOPHAN         ? 'C11 H12 N2 O2'  204.225 
TYR 'L-peptide linking' y TYROSINE           ? 'C9 H11 N O3'    181.189 
VAL 'L-peptide linking' y VALINE             ? 'C5 H11 N O2'    117.146 
# 
loop_
_pdbx_poly_seq_scheme.asym_id 
_pdbx_poly_seq_scheme.entity_id 
_pdbx_poly_seq_scheme.seq_id 
_pdbx_poly_seq_scheme.mon_id 
_pdbx_poly_seq_scheme.ndb_seq_num 
_pdbx_poly_seq_scheme.pdb_seq_num 
_pdbx_poly_seq_scheme.auth_seq_num 
_pdbx_poly_seq_scheme.pdb_mon_id 
_pdbx_poly_seq_scheme.auth_mon_id 
_pdbx_poly_seq_scheme.pdb_strand_id 
_pdbx_poly_seq_scheme.pdb_ins_code 
_pdbx_poly_seq_scheme.hetero 
A 1 1   ARG 1   1   ?   ?   ?   A . n 
A 1 2   THR 2   2   ?   ?   ?   A . n 
A 1 3   GLU 3   3   3   GLU ALA A . n 
A 1 4   ASP 4   4   4   ASP ASP A . n 
A 1 5   LEU 5   5   5   LEU LEU A . n 
A 1 6   PRO 6   6   6   PRO PRO A . n 
A 1 7   LYS 7   7   7   LYS LYS A . n 
A 1 8   ALA 8   8   8   ALA ALA A . n 
A 1 9   VAL 9   9   9   VAL VAL A . n 
A 1 10  VAL 10  10  10  VAL VAL A . n 
A 1 11  PHE 11  11  11  PHE PHE A . n 
A 1 12  LEU 12  12  12  LEU LEU A . n 
A 1 13  GLU 13  13  13  GLU GLU A . n 
A 1 14  PRO 14  14  14  PRO PRO A . n 
A 1 15  GLN 15  15  15  GLN GLN A . n 
A 1 16  TRP 16  16  16  TRP TRP A . n 
A 1 17  TYR 17  17  17  TYR TYR A . n 
A 1 18  SER 18  18  18  SER SER A . n 
A 1 19  VAL 19  19  19  VAL VAL A . n 
A 1 20  LEU 20  20  20  LEU LEU A . n 
A 1 21  GLU 21  21  21  GLU GLU A . n 
A 1 22  LYS 22  22  22  LYS LYS A . n 
A 1 23  ASP 23  23  23  ASP ASP A . n 
A 1 24  SER 24  24  24  SER SER A . n 
A 1 25  VAL 25  25  25  VAL VAL A . n 
A 1 26  THR 26  26  26  THR THR A . n 
A 1 27  LEU 27  27  27  LEU LEU A . n 
A 1 28  LYS 28  28  28  LYS LYS A . n 
A 1 29  CYS 29  29  29  CYS CYS A . n 
A 1 30  GLN 30  30  30  GLN GLN A . n 
A 1 31  GLY 31  31  31  GLY GLY A . n 
A 1 32  ALA 32  32  32  ALA ALA A . n 
A 1 33  TYR 33  33  33  TYR TYR A . n 
A 1 34  SER 34  34  34  SER SER A . n 
A 1 35  PRO 35  35  35  PRO PRO A . n 
A 1 36  GLU 36  36  36  GLU GLU A . n 
A 1 37  ASP 37  37  37  ASP ASP A . n 
A 1 38  ASN 38  38  38  ASN ASN A . n 
A 1 39  SER 39  39  39  SER SER A . n 
A 1 40  THR 40  40  40  THR THR A . n 
A 1 41  GLN 41  41  41  GLN GLN A . n 
A 1 42  TRP 42  42  42  TRP TRP A . n 
A 1 43  PHE 43  43  43  PHE PHE A . n 
A 1 44  HIS 44  44  44  HIS HIS A . n 
A 1 45  ASN 45  45  45  ASN ASN A . n 
A 1 46  GLU 46  46  46  GLU GLU A . n 
A 1 47  SER 47  47  47  SER SER A . n 
A 1 48  LEU 48  48  48  LEU LEU A . n 
A 1 49  ILE 49  49  49  ILE ILE A . n 
A 1 50  SER 50  50  50  SER SER A . n 
A 1 51  SER 51  51  51  SER SER A . n 
A 1 52  GLN 52  52  52  GLN GLN A . n 
A 1 53  ALA 53  53  53  ALA ALA A . n 
A 1 54  SER 54  54  54  SER SER A . n 
A 1 55  SER 55  55  55  SER SER A . n 
A 1 56  TYR 56  56  56  TYR TYR A . n 
A 1 57  PHE 57  57  57  PHE PHE A . n 
A 1 58  ILE 58  58  58  ILE ILE A . n 
A 1 59  ASP 59  59  59  ASP ASP A . n 
A 1 60  ALA 60  60  60  ALA ALA A . n 
A 1 61  ALA 61  61  61  ALA ALA A . n 
A 1 62  THR 62  62  62  THR THR A . n 
A 1 63  VAL 63  63  63  VAL VAL A . n 
A 1 64  ASN 64  64  64  ASN ASN A . n 
A 1 65  ASP 65  65  65  ASP ASP A . n 
A 1 66  SER 66  66  66  SER SER A . n 
A 1 67  GLY 67  67  67  GLY GLY A . n 
A 1 68  GLU 68  68  68  GLU GLU A . n 
A 1 69  TYR 69  69  69  TYR TYR A . n 
A 1 70  ARG 70  70  70  ARG ARG A . n 
A 1 71  CYS 71  71  71  CYS CYS A . n 
A 1 72  GLN 72  72  72  GLN GLN A . n 
A 1 73  THR 73  73  73  THR THR A . n 
A 1 74  ASN 74  74  74  ASN ASN A . n 
A 1 75  LEU 75  75  75  LEU LEU A . n 
A 1 76  SER 76  76  76  SER SER A . n 
A 1 77  THR 77  77  77  THR THR A . n 
A 1 78  LEU 78  78  78  LEU LEU A . n 
A 1 79  SER 79  79  79  SER SER A . n 
A 1 80  ASP 80  80  80  ASP ASP A . n 
A 1 81  PRO 81  81  81  PRO PRO A . n 
A 1 82  VAL 82  82  82  VAL VAL A . n 
A 1 83  GLN 83  83  83  GLN GLN A . n 
A 1 84  LEU 84  84  84  LEU LEU A . n 
A 1 85  GLU 85  85  85  GLU GLU A . n 
A 1 86  VAL 86  86  86  VAL VAL A . n 
A 1 87  HIS 87  87  87  HIS HIS A . n 
A 1 88  ILE 88  88  88  ILE ILE A . n 
A 1 89  GLY 89  89  89  GLY GLY A . n 
A 1 90  TRP 90  90  90  TRP TRP A . n 
A 1 91  LEU 91  91  91  LEU LEU A . n 
A 1 92  LEU 92  92  92  LEU LEU A . n 
A 1 93  LEU 93  93  93  LEU LEU A . n 
A 1 94  GLN 94  94  94  GLN GLN A . n 
A 1 95  ALA 95  95  95  ALA ALA A . n 
A 1 96  PRO 96  96  96  PRO PRO A . n 
A 1 97  ARG 97  97  97  ARG ARG A . n 
A 1 98  TRP 98  98  98  TRP TRP A . n 
A 1 99  VAL 99  99  99  VAL VAL A . n 
A 1 100 PHE 100 100 100 PHE PHE A . n 
A 1 101 LYS 101 101 101 LYS LYS A . n 
A 1 102 GLU 102 102 102 GLU GLU A . n 
A 1 103 GLU 103 103 103 GLU GLU A . n 
A 1 104 ASP 104 104 104 ASP ASP A . n 
A 1 105 PRO 105 105 105 PRO PRO A . n 
A 1 106 ILE 106 106 106 ILE ILE A . n 
A 1 107 HIS 107 107 107 HIS HIS A . n 
A 1 108 LEU 108 108 108 LEU LEU A . n 
A 1 109 ARG 109 109 109 ARG ARG A . n 
A 1 110 CYS 110 110 110 CYS CYS A . n 
A 1 111 HIS 111 111 111 HIS HIS A . n 
A 1 112 SER 112 112 112 SER SER A . n 
A 1 113 TRP 113 113 113 TRP TRP A . n 
A 1 114 LYS 114 114 114 LYS LYS A . n 
A 1 115 ASN 115 115 115 ASN ASN A . n 
A 1 116 THR 116 116 116 THR THR A . n 
A 1 117 ALA 117 117 117 ALA ALA A . n 
A 1 118 LEU 118 118 118 LEU LEU A . n 
A 1 119 HIS 119 119 119 HIS HIS A . n 
A 1 120 LYS 120 120 120 LYS LYS A . n 
A 1 121 VAL 121 121 121 VAL VAL A . n 
A 1 122 THR 122 122 122 THR THR A . n 
A 1 123 TYR 123 123 123 TYR TYR A . n 
A 1 124 LEU 124 124 124 LEU LEU A . n 
A 1 125 GLN 125 125 125 GLN GLN A . n 
A 1 126 ASN 126 126 126 ASN ASN A . n 
A 1 127 GLY 127 127 127 GLY GLY A . n 
A 1 128 LYS 128 128 128 LYS LYS A . n 
A 1 129 ASP 129 129 129 ASP ASP A . n 
A 1 130 ARG 130 130 130 ARG ARG A . n 
A 1 131 LYS 131 131 131 LYS LYS A . n 
A 1 132 TYR 132 132 132 TYR TYR A . n 
A 1 133 PHE 133 133 133 PHE PHE A . n 
A 1 134 HIS 134 134 134 HIS HIS A . n 
A 1 135 HIS 135 135 135 HIS HIS A . n 
A 1 136 ASN 136 136 136 ASN ASN A . n 
A 1 137 SER 137 137 137 SER SER A . n 
A 1 138 ASP 138 138 138 ASP ASP A . n 
A 1 139 PHE 139 139 139 PHE PHE A . n 
A 1 140 HIS 140 140 140 HIS HIS A . n 
A 1 141 ILE 141 141 141 ILE ILE A . n 
A 1 142 PRO 142 142 142 PRO PRO A . n 
A 1 143 LYS 143 143 143 LYS LYS A . n 
A 1 144 ALA 144 144 144 ALA ALA A . n 
A 1 145 THR 145 145 145 THR THR A . n 
A 1 146 LEU 146 146 146 LEU LEU A . n 
A 1 147 LYS 147 147 147 LYS LYS A . n 
A 1 148 ASP 148 148 148 ASP ASP A . n 
A 1 149 SER 149 149 149 SER SER A . n 
A 1 150 GLY 150 150 150 GLY GLY A . n 
A 1 151 SER 151 151 151 SER SER A . n 
A 1 152 TYR 152 152 152 TYR TYR A . n 
A 1 153 PHE 153 153 153 PHE PHE A . n 
A 1 154 CYS 154 154 154 CYS CYS A . n 
A 1 155 ARG 155 155 155 ARG ARG A . n 
A 1 156 GLY 156 156 156 GLY GLY A . n 
A 1 157 LEU 157 157 157 LEU LEU A . n 
A 1 158 VAL 158 158 158 VAL VAL A . n 
A 1 159 GLY 159 159 159 GLY GLY A . n 
A 1 160 SER 160 160 160 SER SER A . n 
A 1 161 LYS 161 161 161 LYS LYS A . n 
A 1 162 ASN 162 162 162 ASN ASN A . n 
A 1 163 VAL 163 163 163 VAL VAL A . n 
A 1 164 SER 164 164 164 SER SER A . n 
A 1 165 SER 165 165 165 SER SER A . n 
A 1 166 GLU 166 166 166 GLU GLU A . n 
A 1 167 THR 167 167 167 THR THR A . n 
A 1 168 VAL 168 168 168 VAL VAL A . n 
A 1 169 ASN 169 169 169 ASN ASN A . n 
A 1 170 ILE 170 170 170 ILE ILE A . n 
A 1 171 THR 171 171 171 THR THR A . n 
A 1 172 ILE 172 172 172 ILE ILE A . n 
A 1 173 THR 173 173 173 THR THR A . n 
A 1 174 GLN 174 174 174 GLN GLN A . n 
A 1 175 ALA 175 175 175 ALA ALA A . n 
# 
loop_
_pdbx_nonpoly_scheme.asym_id 
_pdbx_nonpoly_scheme.entity_id 
_pdbx_nonpoly_scheme.mon_id 
_pdbx_nonpoly_scheme.ndb_seq_num 
_pdbx_nonpoly_scheme.pdb_seq_num 
_pdbx_nonpoly_scheme.auth_seq_num 
_pdbx_nonpoly_scheme.pdb_mon_id 
_pdbx_nonpoly_scheme.auth_mon_id 
_pdbx_nonpoly_scheme.pdb_strand_id 
_pdbx_nonpoly_scheme.pdb_ins_code 
B 2 HG  1   176 1   HG  HG  A . 
C 2 HG  1   177 2   HG  HG  A . 
D 3 HOH 1   178 3   HOH HOH A . 
D 3 HOH 2   179 4   HOH HOH A . 
D 3 HOH 3   180 5   HOH HOH A . 
D 3 HOH 4   181 6   HOH HOH A . 
D 3 HOH 5   182 7   HOH HOH A . 
D 3 HOH 6   183 8   HOH HOH A . 
D 3 HOH 7   184 9   HOH HOH A . 
D 3 HOH 8   185 10  HOH HOH A . 
D 3 HOH 9   186 11  HOH HOH A . 
D 3 HOH 10  187 12  HOH HOH A . 
D 3 HOH 11  188 13  HOH HOH A . 
D 3 HOH 12  189 14  HOH HOH A . 
D 3 HOH 13  190 15  HOH HOH A . 
D 3 HOH 14  191 16  HOH HOH A . 
D 3 HOH 15  192 17  HOH HOH A . 
D 3 HOH 16  193 18  HOH HOH A . 
D 3 HOH 17  194 19  HOH HOH A . 
D 3 HOH 18  195 20  HOH HOH A . 
D 3 HOH 19  196 21  HOH HOH A . 
D 3 HOH 20  197 22  HOH HOH A . 
D 3 HOH 21  198 23  HOH HOH A . 
D 3 HOH 22  199 24  HOH HOH A . 
D 3 HOH 23  200 25  HOH HOH A . 
D 3 HOH 24  201 26  HOH HOH A . 
D 3 HOH 25  202 27  HOH HOH A . 
D 3 HOH 26  203 28  HOH HOH A . 
D 3 HOH 27  204 29  HOH HOH A . 
D 3 HOH 28  205 30  HOH HOH A . 
D 3 HOH 29  206 31  HOH HOH A . 
D 3 HOH 30  207 32  HOH HOH A . 
D 3 HOH 31  208 33  HOH HOH A . 
D 3 HOH 32  209 34  HOH HOH A . 
D 3 HOH 33  210 35  HOH HOH A . 
D 3 HOH 34  211 36  HOH HOH A . 
D 3 HOH 35  212 37  HOH HOH A . 
D 3 HOH 36  213 38  HOH HOH A . 
D 3 HOH 37  214 39  HOH HOH A . 
D 3 HOH 38  215 40  HOH HOH A . 
D 3 HOH 39  216 41  HOH HOH A . 
D 3 HOH 40  217 42  HOH HOH A . 
D 3 HOH 41  218 43  HOH HOH A . 
D 3 HOH 42  219 44  HOH HOH A . 
D 3 HOH 43  220 45  HOH HOH A . 
D 3 HOH 44  221 46  HOH HOH A . 
D 3 HOH 45  222 47  HOH HOH A . 
D 3 HOH 46  223 48  HOH HOH A . 
D 3 HOH 47  224 49  HOH HOH A . 
D 3 HOH 48  225 50  HOH HOH A . 
D 3 HOH 49  226 51  HOH HOH A . 
D 3 HOH 50  227 52  HOH HOH A . 
D 3 HOH 51  228 53  HOH HOH A . 
D 3 HOH 52  229 54  HOH HOH A . 
D 3 HOH 53  230 55  HOH HOH A . 
D 3 HOH 54  231 56  HOH HOH A . 
D 3 HOH 55  232 57  HOH HOH A . 
D 3 HOH 56  233 58  HOH HOH A . 
D 3 HOH 57  234 59  HOH HOH A . 
D 3 HOH 58  235 60  HOH HOH A . 
D 3 HOH 59  236 61  HOH HOH A . 
D 3 HOH 60  237 62  HOH HOH A . 
D 3 HOH 61  238 63  HOH HOH A . 
D 3 HOH 62  239 64  HOH HOH A . 
D 3 HOH 63  240 65  HOH HOH A . 
D 3 HOH 64  241 66  HOH HOH A . 
D 3 HOH 65  242 67  HOH HOH A . 
D 3 HOH 66  243 68  HOH HOH A . 
D 3 HOH 67  244 69  HOH HOH A . 
D 3 HOH 68  245 70  HOH HOH A . 
D 3 HOH 69  246 71  HOH HOH A . 
D 3 HOH 70  247 72  HOH HOH A . 
D 3 HOH 71  248 73  HOH HOH A . 
D 3 HOH 72  249 74  HOH HOH A . 
D 3 HOH 73  250 75  HOH HOH A . 
D 3 HOH 74  251 76  HOH HOH A . 
D 3 HOH 75  252 77  HOH HOH A . 
D 3 HOH 76  253 78  HOH HOH A . 
D 3 HOH 77  254 79  HOH HOH A . 
D 3 HOH 78  255 80  HOH HOH A . 
D 3 HOH 79  256 81  HOH HOH A . 
D 3 HOH 80  257 82  HOH HOH A . 
D 3 HOH 81  258 83  HOH HOH A . 
D 3 HOH 82  259 84  HOH HOH A . 
D 3 HOH 83  260 85  HOH HOH A . 
D 3 HOH 84  261 86  HOH HOH A . 
D 3 HOH 85  262 87  HOH HOH A . 
D 3 HOH 86  263 88  HOH HOH A . 
D 3 HOH 87  264 89  HOH HOH A . 
D 3 HOH 88  265 90  HOH HOH A . 
D 3 HOH 89  266 91  HOH HOH A . 
D 3 HOH 90  267 92  HOH HOH A . 
D 3 HOH 91  268 93  HOH HOH A . 
D 3 HOH 92  269 94  HOH HOH A . 
D 3 HOH 93  270 95  HOH HOH A . 
D 3 HOH 94  271 96  HOH HOH A . 
D 3 HOH 95  272 97  HOH HOH A . 
D 3 HOH 96  273 98  HOH HOH A . 
D 3 HOH 97  274 99  HOH HOH A . 
D 3 HOH 98  275 100 HOH HOH A . 
D 3 HOH 99  276 101 HOH HOH A . 
D 3 HOH 100 277 102 HOH HOH A . 
D 3 HOH 101 278 103 HOH HOH A . 
D 3 HOH 102 279 104 HOH HOH A . 
D 3 HOH 103 280 105 HOH HOH A . 
D 3 HOH 104 281 106 HOH HOH A . 
D 3 HOH 105 282 107 HOH HOH A . 
D 3 HOH 106 283 108 HOH HOH A . 
D 3 HOH 107 284 109 HOH HOH A . 
D 3 HOH 108 285 110 HOH HOH A . 
D 3 HOH 109 286 111 HOH HOH A . 
D 3 HOH 110 287 112 HOH HOH A . 
D 3 HOH 111 288 113 HOH HOH A . 
D 3 HOH 112 289 114 HOH HOH A . 
D 3 HOH 113 290 115 HOH HOH A . 
D 3 HOH 114 291 116 HOH HOH A . 
D 3 HOH 115 292 117 HOH HOH A . 
D 3 HOH 116 293 118 HOH HOH A . 
D 3 HOH 117 294 119 HOH HOH A . 
D 3 HOH 118 295 120 HOH HOH A . 
D 3 HOH 119 296 121 HOH HOH A . 
D 3 HOH 120 297 122 HOH HOH A . 
D 3 HOH 121 298 123 HOH HOH A . 
D 3 HOH 122 299 124 HOH HOH A . 
D 3 HOH 123 300 125 HOH HOH A . 
D 3 HOH 124 301 126 HOH HOH A . 
D 3 HOH 125 302 127 HOH HOH A . 
D 3 HOH 126 303 128 HOH HOH A . 
D 3 HOH 127 304 129 HOH HOH A . 
D 3 HOH 128 305 130 HOH HOH A . 
D 3 HOH 129 306 131 HOH HOH A . 
D 3 HOH 130 307 132 HOH HOH A . 
D 3 HOH 131 308 133 HOH HOH A . 
D 3 HOH 132 309 134 HOH HOH A . 
D 3 HOH 133 310 135 HOH HOH A . 
D 3 HOH 134 311 136 HOH HOH A . 
D 3 HOH 135 312 137 HOH HOH A . 
D 3 HOH 136 313 138 HOH HOH A . 
D 3 HOH 137 314 139 HOH HOH A . 
D 3 HOH 138 315 140 HOH HOH A . 
D 3 HOH 139 316 141 HOH HOH A . 
D 3 HOH 140 317 142 HOH HOH A . 
D 3 HOH 141 318 143 HOH HOH A . 
D 3 HOH 142 319 144 HOH HOH A . 
D 3 HOH 143 320 145 HOH HOH A . 
D 3 HOH 144 321 146 HOH HOH A . 
D 3 HOH 145 322 147 HOH HOH A . 
D 3 HOH 146 323 148 HOH HOH A . 
D 3 HOH 147 324 149 HOH HOH A . 
D 3 HOH 148 325 150 HOH HOH A . 
D 3 HOH 149 326 151 HOH HOH A . 
D 3 HOH 150 327 152 HOH HOH A . 
D 3 HOH 151 328 153 HOH HOH A . 
D 3 HOH 152 329 154 HOH HOH A . 
D 3 HOH 153 330 155 HOH HOH A . 
D 3 HOH 154 331 156 HOH HOH A . 
D 3 HOH 155 332 157 HOH HOH A . 
D 3 HOH 156 333 158 HOH HOH A . 
D 3 HOH 157 334 159 HOH HOH A . 
D 3 HOH 158 335 160 HOH HOH A . 
D 3 HOH 159 336 161 HOH HOH A . 
D 3 HOH 160 337 162 HOH HOH A . 
D 3 HOH 161 338 163 HOH HOH A . 
D 3 HOH 162 339 165 HOH HOH A . 
D 3 HOH 163 340 166 HOH HOH A . 
D 3 HOH 164 341 167 HOH HOH A . 
D 3 HOH 165 342 168 HOH HOH A . 
D 3 HOH 166 343 169 HOH HOH A . 
D 3 HOH 167 344 170 HOH HOH A . 
D 3 HOH 168 345 171 HOH HOH A . 
D 3 HOH 169 346 172 HOH HOH A . 
D 3 HOH 170 347 173 HOH HOH A . 
D 3 HOH 171 348 174 HOH HOH A . 
D 3 HOH 172 349 175 HOH HOH A . 
D 3 HOH 173 350 176 HOH HOH A . 
D 3 HOH 174 351 177 HOH HOH A . 
D 3 HOH 175 352 178 HOH HOH A . 
D 3 HOH 176 353 179 HOH HOH A . 
D 3 HOH 177 354 180 HOH HOH A . 
D 3 HOH 178 355 181 HOH HOH A . 
D 3 HOH 179 356 182 HOH HOH A . 
D 3 HOH 180 357 183 HOH HOH A . 
D 3 HOH 181 358 184 HOH HOH A . 
D 3 HOH 182 359 185 HOH HOH A . 
D 3 HOH 183 360 200 HOH HOH A . 
D 3 HOH 184 361 201 HOH HOH A . 
D 3 HOH 185 362 202 HOH HOH A . 
D 3 HOH 186 363 203 HOH HOH A . 
D 3 HOH 187 364 204 HOH HOH A . 
D 3 HOH 188 365 205 HOH HOH A . 
D 3 HOH 189 366 206 HOH HOH A . 
D 3 HOH 190 367 207 HOH HOH A . 
D 3 HOH 191 368 208 HOH HOH A . 
D 3 HOH 192 369 209 HOH HOH A . 
D 3 HOH 193 370 210 HOH HOH A . 
D 3 HOH 194 371 211 HOH HOH A . 
D 3 HOH 195 372 212 HOH HOH A . 
D 3 HOH 196 373 213 HOH HOH A . 
D 3 HOH 197 374 214 HOH HOH A . 
D 3 HOH 198 375 215 HOH HOH A . 
D 3 HOH 199 376 216 HOH HOH A . 
D 3 HOH 200 377 218 HOH HOH A . 
D 3 HOH 201 378 219 HOH HOH A . 
D 3 HOH 202 379 220 HOH HOH A . 
D 3 HOH 203 380 221 HOH HOH A . 
D 3 HOH 204 381 222 HOH HOH A . 
D 3 HOH 205 382 223 HOH HOH A . 
D 3 HOH 206 383 224 HOH HOH A . 
D 3 HOH 207 384 225 HOH HOH A . 
D 3 HOH 208 385 226 HOH HOH A . 
D 3 HOH 209 386 227 HOH HOH A . 
D 3 HOH 210 387 229 HOH HOH A . 
D 3 HOH 211 388 230 HOH HOH A . 
D 3 HOH 212 389 231 HOH HOH A . 
D 3 HOH 213 390 232 HOH HOH A . 
D 3 HOH 214 391 233 HOH HOH A . 
D 3 HOH 215 392 234 HOH HOH A . 
D 3 HOH 216 393 235 HOH HOH A . 
D 3 HOH 217 394 236 HOH HOH A . 
D 3 HOH 218 395 238 HOH HOH A . 
D 3 HOH 219 396 239 HOH HOH A . 
D 3 HOH 220 397 240 HOH HOH A . 
D 3 HOH 221 398 241 HOH HOH A . 
D 3 HOH 222 399 242 HOH HOH A . 
D 3 HOH 223 400 243 HOH HOH A . 
D 3 HOH 224 401 244 HOH HOH A . 
D 3 HOH 225 402 245 HOH HOH A . 
# 
loop_
_pdbx_unobs_or_zero_occ_atoms.id 
_pdbx_unobs_or_zero_occ_atoms.PDB_model_num 
_pdbx_unobs_or_zero_occ_atoms.polymer_flag 
_pdbx_unobs_or_zero_occ_atoms.occupancy_flag 
_pdbx_unobs_or_zero_occ_atoms.auth_asym_id 
_pdbx_unobs_or_zero_occ_atoms.auth_comp_id 
_pdbx_unobs_or_zero_occ_atoms.auth_seq_id 
_pdbx_unobs_or_zero_occ_atoms.PDB_ins_code 
_pdbx_unobs_or_zero_occ_atoms.auth_atom_id 
_pdbx_unobs_or_zero_occ_atoms.label_alt_id 
_pdbx_unobs_or_zero_occ_atoms.label_asym_id 
_pdbx_unobs_or_zero_occ_atoms.label_comp_id 
_pdbx_unobs_or_zero_occ_atoms.label_seq_id 
_pdbx_unobs_or_zero_occ_atoms.label_atom_id 
1 1 Y 1 A GLU 3 ? CG  ? A GLU 3 CG  
2 1 Y 1 A GLU 3 ? CD  ? A GLU 3 CD  
3 1 Y 1 A GLU 3 ? OE1 ? A GLU 3 OE1 
4 1 Y 1 A GLU 3 ? OE2 ? A GLU 3 OE2 
# 
loop_
_software.name 
_software.classification 
_software.version 
_software.citation_id 
_software.pdbx_ordinal 
DENZO     'data reduction' . ? 1 
SCALEPACK 'data scaling'   . ? 2 
CNS       refinement       . ? 3 
CNS       phasing          . ? 4 
# 
_cell.entry_id           1FNL 
_cell.length_a           67.427 
_cell.length_b           85.733 
_cell.length_c           36.330 
_cell.angle_alpha        90.00 
_cell.angle_beta         90.00 
_cell.angle_gamma        90.00 
_cell.Z_PDB              4 
_cell.pdbx_unique_axis   ? 
# 
_symmetry.entry_id                         1FNL 
_symmetry.space_group_name_H-M             'P 21 21 2' 
_symmetry.pdbx_full_space_group_name_H-M   ? 
_symmetry.cell_setting                     ? 
_symmetry.Int_Tables_number                18 
# 
_exptl.entry_id          1FNL 
_exptl.method            'X-RAY DIFFRACTION' 
_exptl.crystals_number   1 
# 
_exptl_crystal.id                    1 
_exptl_crystal.density_meas          ? 
_exptl_crystal.density_percent_sol   53.12 
_exptl_crystal.density_Matthews      2.62 
_exptl_crystal.description           ? 
# 
_exptl_crystal_grow.crystal_id      1 
_exptl_crystal_grow.method          EVAPORATION 
_exptl_crystal_grow.pH              6.5 
_exptl_crystal_grow.temp            298.0 
_exptl_crystal_grow.temp_details    ? 
_exptl_crystal_grow.pdbx_details    'PEG 8000, Sodium Hepes, pH 6.5, EVAPORATION, temperature 298.0K' 
_exptl_crystal_grow.pdbx_pH_range   ? 
# 
_diffrn.id                     1 
_diffrn.ambient_temp           100 
_diffrn.ambient_temp_details   ? 
_diffrn.crystal_id             1 
# 
_diffrn_detector.diffrn_id              1 
_diffrn_detector.detector               'IMAGE PLATE' 
_diffrn_detector.type                   'RIGAKU RAXIS IV' 
_diffrn_detector.pdbx_collection_date   2000-03-10 
_diffrn_detector.details                ? 
# 
_diffrn_radiation.diffrn_id                        1 
_diffrn_radiation.wavelength_id                    1 
_diffrn_radiation.monochromator                    ? 
_diffrn_radiation.pdbx_monochromatic_or_laue_m_l   M 
_diffrn_radiation.pdbx_diffrn_protocol             'SINGLE WAVELENGTH' 
_diffrn_radiation.pdbx_scattering_type             x-ray 
# 
_diffrn_radiation_wavelength.id           1 
_diffrn_radiation_wavelength.wavelength   1.54 
_diffrn_radiation_wavelength.wt           1.0 
# 
_diffrn_source.diffrn_id                   1 
_diffrn_source.source                      'ROTATING ANODE' 
_diffrn_source.type                        RIGAKU 
_diffrn_source.pdbx_wavelength             1.54 
_diffrn_source.pdbx_synchrotron_site       ? 
_diffrn_source.pdbx_synchrotron_beamline   ? 
_diffrn_source.pdbx_wavelength_list        ? 
# 
_reflns.entry_id                     1FNL 
_reflns.observed_criterion_sigma_I   -3.0 
_reflns.observed_criterion_sigma_F   0.0 
_reflns.d_resolution_low             20.0 
_reflns.d_resolution_high            1.8 
_reflns.number_obs                   36093 
_reflns.number_all                   ? 
_reflns.percent_possible_obs         95.8 
_reflns.pdbx_Rmerge_I_obs            0.054 
_reflns.pdbx_Rsym_value              ? 
_reflns.pdbx_netI_over_sigmaI        29.5 
_reflns.B_iso_Wilson_estimate        20.8 
_reflns.pdbx_redundancy              3.2 
_reflns.R_free_details               ? 
_reflns.limit_h_max                  ? 
_reflns.limit_h_min                  ? 
_reflns.limit_k_max                  ? 
_reflns.limit_k_min                  ? 
_reflns.limit_l_max                  ? 
_reflns.limit_l_min                  ? 
_reflns.observed_criterion_F_max     ? 
_reflns.observed_criterion_F_min     ? 
_reflns.pdbx_diffrn_id               1 
_reflns.pdbx_ordinal                 1 
# 
_reflns_shell.d_res_high             1.80 
_reflns_shell.d_res_low              1.86 
_reflns_shell.percent_possible_obs   ? 
_reflns_shell.percent_possible_all   80.1 
_reflns_shell.Rmerge_I_obs           0.21 
_reflns_shell.meanI_over_sigI_obs    ? 
_reflns_shell.pdbx_Rsym_value        ? 
_reflns_shell.pdbx_redundancy        2 
_reflns_shell.number_unique_all      3033 
_reflns_shell.pdbx_diffrn_id         ? 
_reflns_shell.pdbx_ordinal           1 
# 
_refine.entry_id                                 1FNL 
_refine.ls_number_reflns_obs                     36093 
_refine.ls_number_reflns_all                     ? 
_refine.pdbx_ls_sigma_I                          0.0 
_refine.pdbx_ls_sigma_F                          0.0 
_refine.pdbx_data_cutoff_high_absF               ? 
_refine.pdbx_data_cutoff_low_absF                ? 
_refine.ls_d_res_low                             20.0 
_refine.ls_d_res_high                            1.8 
_refine.ls_percent_reflns_obs                    95.8 
_refine.ls_R_factor_obs                          ? 
_refine.ls_R_factor_all                          ? 
_refine.ls_R_factor_R_work                       0.184 
_refine.ls_R_factor_R_free                       0.216 
_refine.ls_R_factor_R_free_error                 ? 
_refine.ls_R_factor_R_free_error_details         ? 
_refine.ls_percent_reflns_R_free                 ? 
_refine.ls_number_reflns_R_free                  3475 
_refine.ls_number_parameters                     ? 
_refine.ls_number_restraints                     ? 
_refine.occupancy_min                            ? 
_refine.occupancy_max                            ? 
_refine.B_iso_mean                               ? 
_refine.aniso_B[1][1]                            ? 
_refine.aniso_B[2][2]                            ? 
_refine.aniso_B[3][3]                            ? 
_refine.aniso_B[1][2]                            ? 
_refine.aniso_B[1][3]                            ? 
_refine.aniso_B[2][3]                            ? 
_refine.solvent_model_details                    ? 
_refine.solvent_model_param_ksol                 ? 
_refine.solvent_model_param_bsol                 ? 
_refine.pdbx_ls_cross_valid_method               ? 
_refine.details                                  ? 
_refine.pdbx_starting_model                      ? 
_refine.pdbx_method_to_determine_struct          ? 
_refine.pdbx_isotropic_thermal_model             ? 
_refine.pdbx_stereochemistry_target_values       'Engh & Huber' 
_refine.pdbx_stereochem_target_val_spec_case     ? 
_refine.pdbx_R_Free_selection_details            RANDOM 
_refine.pdbx_overall_ESU_R_Free                  ? 
_refine.overall_SU_B                             ? 
_refine.ls_redundancy_reflns_obs                 ? 
_refine.B_iso_min                                ? 
_refine.B_iso_max                                ? 
_refine.overall_SU_ML                            ? 
_refine.pdbx_overall_ESU_R                       ? 
_refine.pdbx_data_cutoff_high_rms_absF           ? 
_refine.pdbx_refine_id                           'X-RAY DIFFRACTION' 
_refine.pdbx_diffrn_id                           1 
_refine.pdbx_TLS_residual_ADP_flag               ? 
_refine.correlation_coeff_Fo_to_Fc               ? 
_refine.correlation_coeff_Fo_to_Fc_free          ? 
_refine.pdbx_solvent_vdw_probe_radii             ? 
_refine.pdbx_solvent_ion_probe_radii             ? 
_refine.pdbx_solvent_shrinkage_radii             ? 
_refine.pdbx_overall_phase_error                 ? 
_refine.overall_SU_R_Cruickshank_DPI             ? 
_refine.pdbx_overall_SU_R_free_Cruickshank_DPI   ? 
_refine.pdbx_overall_SU_R_Blow_DPI               ? 
_refine.pdbx_overall_SU_R_free_Blow_DPI          ? 
# 
_refine_hist.pdbx_refine_id                   'X-RAY DIFFRACTION' 
_refine_hist.cycle_id                         LAST 
_refine_hist.pdbx_number_atoms_protein        1388 
_refine_hist.pdbx_number_atoms_nucleic_acid   0 
_refine_hist.pdbx_number_atoms_ligand         2 
_refine_hist.number_atoms_solvent             225 
_refine_hist.number_atoms_total               1615 
_refine_hist.d_res_high                       1.8 
_refine_hist.d_res_low                        20.0 
# 
loop_
_refine_ls_restr.type 
_refine_ls_restr.dev_ideal 
_refine_ls_restr.dev_ideal_target 
_refine_ls_restr.weight 
_refine_ls_restr.number 
_refine_ls_restr.pdbx_refine_id 
_refine_ls_restr.pdbx_restraint_function 
c_bond_d    0.005 ? ? ? 'X-RAY DIFFRACTION' ? 
c_angle_deg 1.36  ? ? ? 'X-RAY DIFFRACTION' ? 
# 
_struct.entry_id                  1FNL 
_struct.title                     'CRYSTAL STRUCTURE OF THE EXTRACELLULAR DOMAIN OF A HUMAN FCGRIII' 
_struct.pdbx_model_details        ? 
_struct.pdbx_CASP_flag            ? 
_struct.pdbx_model_type_details   ? 
# 
_struct_keywords.entry_id        1FNL 
_struct_keywords.pdbx_keywords   'IMMUNE SYSTEM RECEPTOR' 
_struct_keywords.text            'BETA SANDWICH, IMMUNOGLOBULIN-LIKE, RECEPTOR, IMMUNE SYSTEM RECEPTOR' 
# 
loop_
_struct_asym.id 
_struct_asym.pdbx_blank_PDB_chainid_flag 
_struct_asym.pdbx_modified 
_struct_asym.entity_id 
_struct_asym.details 
A N N 1 ? 
B N N 2 ? 
C N N 2 ? 
D N N 3 ? 
# 
_struct_ref.id                         1 
_struct_ref.db_code                    FCG3B_HUMAN 
_struct_ref.db_name                    UNP 
_struct_ref.entity_id                  1 
_struct_ref.pdbx_db_accession          O75015 
_struct_ref.pdbx_align_begin           17 
_struct_ref.pdbx_seq_one_letter_code   
;GMRTEDLPKAVVFLEPQWYSVLEKDSVTLKCQGAYSPEDNSTQWFHNESLISSQASSYFIDAATVNDSGEYRCQTNLSTL
SDPVQLEVHIGWLLLQAPRWVFKEEDPIHLRCHSWKNTALHKVTYLQNGKDRKYFHHNSDFHIPKATLKDSGSYFCRGLV
GSKNVSSETVNITITQGLAVSTIS
;
_struct_ref.pdbx_db_isoform            ? 
# 
_struct_ref_seq.align_id                      1 
_struct_ref_seq.ref_id                        1 
_struct_ref_seq.pdbx_PDB_id_code              1FNL 
_struct_ref_seq.pdbx_strand_id                A 
_struct_ref_seq.seq_align_beg                 1 
_struct_ref_seq.pdbx_seq_align_beg_ins_code   ? 
_struct_ref_seq.seq_align_end                 174 
_struct_ref_seq.pdbx_seq_align_end_ins_code   ? 
_struct_ref_seq.pdbx_db_accession             O75015 
_struct_ref_seq.db_align_beg                  19 
_struct_ref_seq.pdbx_db_align_beg_ins_code    ? 
_struct_ref_seq.db_align_end                  192 
_struct_ref_seq.pdbx_db_align_end_ins_code    ? 
_struct_ref_seq.pdbx_auth_seq_align_beg       1 
_struct_ref_seq.pdbx_auth_seq_align_end       174 
# 
_struct_ref_seq_dif.align_id                     1 
_struct_ref_seq_dif.pdbx_pdb_id_code             1FNL 
_struct_ref_seq_dif.mon_id                       ALA 
_struct_ref_seq_dif.pdbx_pdb_strand_id           A 
_struct_ref_seq_dif.seq_num                      175 
_struct_ref_seq_dif.pdbx_pdb_ins_code            ? 
_struct_ref_seq_dif.pdbx_seq_db_name             UNP 
_struct_ref_seq_dif.pdbx_seq_db_accession_code   O75015 
_struct_ref_seq_dif.db_mon_id                    ? 
_struct_ref_seq_dif.pdbx_seq_db_seq_num          ? 
_struct_ref_seq_dif.details                      'see remark 999' 
_struct_ref_seq_dif.pdbx_auth_seq_num            175 
_struct_ref_seq_dif.pdbx_ordinal                 1 
# 
_pdbx_struct_assembly.id                   1 
_pdbx_struct_assembly.details              author_defined_assembly 
_pdbx_struct_assembly.method_details       ? 
_pdbx_struct_assembly.oligomeric_details   monomeric 
_pdbx_struct_assembly.oligomeric_count     1 
# 
_pdbx_struct_assembly_gen.assembly_id       1 
_pdbx_struct_assembly_gen.oper_expression   1 
_pdbx_struct_assembly_gen.asym_id_list      A,B,C,D 
# 
_pdbx_struct_oper_list.id                   1 
_pdbx_struct_oper_list.type                 'identity operation' 
_pdbx_struct_oper_list.name                 1_555 
_pdbx_struct_oper_list.symmetry_operation   x,y,z 
_pdbx_struct_oper_list.matrix[1][1]         1.0000000000 
_pdbx_struct_oper_list.matrix[1][2]         0.0000000000 
_pdbx_struct_oper_list.matrix[1][3]         0.0000000000 
_pdbx_struct_oper_list.vector[1]            0.0000000000 
_pdbx_struct_oper_list.matrix[2][1]         0.0000000000 
_pdbx_struct_oper_list.matrix[2][2]         1.0000000000 
_pdbx_struct_oper_list.matrix[2][3]         0.0000000000 
_pdbx_struct_oper_list.vector[2]            0.0000000000 
_pdbx_struct_oper_list.matrix[3][1]         0.0000000000 
_pdbx_struct_oper_list.matrix[3][2]         0.0000000000 
_pdbx_struct_oper_list.matrix[3][3]         1.0000000000 
_pdbx_struct_oper_list.vector[3]            0.0000000000 
# 
_struct_biol.id                    1 
_struct_biol.details               'The biological assembly is a monomer' 
_struct_biol.pdbx_parent_biol_id   ? 
# 
loop_
_struct_conf.conf_type_id 
_struct_conf.id 
_struct_conf.pdbx_PDB_helix_id 
_struct_conf.beg_label_comp_id 
_struct_conf.beg_label_asym_id 
_struct_conf.beg_label_seq_id 
_struct_conf.pdbx_beg_PDB_ins_code 
_struct_conf.end_label_comp_id 
_struct_conf.end_label_asym_id 
_struct_conf.end_label_seq_id 
_struct_conf.pdbx_end_PDB_ins_code 
_struct_conf.beg_auth_comp_id 
_struct_conf.beg_auth_asym_id 
_struct_conf.beg_auth_seq_id 
_struct_conf.end_auth_comp_id 
_struct_conf.end_auth_asym_id 
_struct_conf.end_auth_seq_id 
_struct_conf.pdbx_PDB_helix_class 
_struct_conf.details 
_struct_conf.pdbx_PDB_helix_length 
HELX_P HELX_P1 1 THR A 62  ? SER A 66  ? THR A 62  SER A 66  5 ? 5 
HELX_P HELX_P2 2 THR A 145 ? SER A 149 ? THR A 145 SER A 149 5 ? 5 
# 
_struct_conf_type.id          HELX_P 
_struct_conf_type.criteria    ? 
_struct_conf_type.reference   ? 
# 
loop_
_struct_conn.id 
_struct_conn.conn_type_id 
_struct_conn.pdbx_leaving_atom_flag 
_struct_conn.pdbx_PDB_id 
_struct_conn.ptnr1_label_asym_id 
_struct_conn.ptnr1_label_comp_id 
_struct_conn.ptnr1_label_seq_id 
_struct_conn.ptnr1_label_atom_id 
_struct_conn.pdbx_ptnr1_label_alt_id 
_struct_conn.pdbx_ptnr1_PDB_ins_code 
_struct_conn.pdbx_ptnr1_standard_comp_id 
_struct_conn.ptnr1_symmetry 
_struct_conn.ptnr2_label_asym_id 
_struct_conn.ptnr2_label_comp_id 
_struct_conn.ptnr2_label_seq_id 
_struct_conn.ptnr2_label_atom_id 
_struct_conn.pdbx_ptnr2_label_alt_id 
_struct_conn.pdbx_ptnr2_PDB_ins_code 
_struct_conn.ptnr1_auth_asym_id 
_struct_conn.ptnr1_auth_comp_id 
_struct_conn.ptnr1_auth_seq_id 
_struct_conn.ptnr2_auth_asym_id 
_struct_conn.ptnr2_auth_comp_id 
_struct_conn.ptnr2_auth_seq_id 
_struct_conn.ptnr2_symmetry 
_struct_conn.pdbx_ptnr3_label_atom_id 
_struct_conn.pdbx_ptnr3_label_seq_id 
_struct_conn.pdbx_ptnr3_label_comp_id 
_struct_conn.pdbx_ptnr3_label_asym_id 
_struct_conn.pdbx_ptnr3_label_alt_id 
_struct_conn.pdbx_ptnr3_PDB_ins_code 
_struct_conn.details 
_struct_conn.pdbx_dist_value 
_struct_conn.pdbx_value_order 
_struct_conn.pdbx_role 
disulf1 disulf ? ? A CYS 29  SG  ? ? ? 1_555 A CYS 71  SG ? ? A CYS 29  A CYS 71  1_555 ? ? ? ? ? ? ? 2.064 ? ? 
disulf2 disulf ? ? A CYS 110 SG  ? ? ? 1_555 A CYS 154 SG ? ? A CYS 110 A CYS 154 1_555 ? ? ? ? ? ? ? 2.042 ? ? 
metalc1 metalc ? ? A GLN 15  OE1 ? ? ? 1_555 B HG  .   HG ? ? A GLN 15  A HG  176 1_555 ? ? ? ? ? ? ? 2.753 ? ? 
metalc2 metalc ? ? A HIS 44  ND1 ? ? ? 1_555 C HG  .   HG ? ? A HIS 44  A HG  177 1_555 ? ? ? ? ? ? ? 2.508 ? ? 
metalc3 metalc ? ? A HIS 107 ND1 ? ? ? 1_555 B HG  .   HG ? ? A HIS 107 A HG  176 1_555 ? ? ? ? ? ? ? 2.532 ? ? 
# 
loop_
_struct_conn_type.id 
_struct_conn_type.criteria 
_struct_conn_type.reference 
disulf ? ? 
metalc ? ? 
# 
_pdbx_struct_conn_angle.id                    1 
_pdbx_struct_conn_angle.ptnr1_label_atom_id   OE1 
_pdbx_struct_conn_angle.ptnr1_label_alt_id    ? 
_pdbx_struct_conn_angle.ptnr1_label_asym_id   A 
_pdbx_struct_conn_angle.ptnr1_label_comp_id   GLN 
_pdbx_struct_conn_angle.ptnr1_label_seq_id    15 
_pdbx_struct_conn_angle.ptnr1_auth_atom_id    ? 
_pdbx_struct_conn_angle.ptnr1_auth_asym_id    A 
_pdbx_struct_conn_angle.ptnr1_auth_comp_id    GLN 
_pdbx_struct_conn_angle.ptnr1_auth_seq_id     15 
_pdbx_struct_conn_angle.ptnr1_PDB_ins_code    ? 
_pdbx_struct_conn_angle.ptnr1_symmetry        1_555 
_pdbx_struct_conn_angle.ptnr2_label_atom_id   HG 
_pdbx_struct_conn_angle.ptnr2_label_alt_id    ? 
_pdbx_struct_conn_angle.ptnr2_label_asym_id   B 
_pdbx_struct_conn_angle.ptnr2_label_comp_id   HG 
_pdbx_struct_conn_angle.ptnr2_label_seq_id    . 
_pdbx_struct_conn_angle.ptnr2_auth_atom_id    ? 
_pdbx_struct_conn_angle.ptnr2_auth_asym_id    A 
_pdbx_struct_conn_angle.ptnr2_auth_comp_id    HG 
_pdbx_struct_conn_angle.ptnr2_auth_seq_id     176 
_pdbx_struct_conn_angle.ptnr2_PDB_ins_code    ? 
_pdbx_struct_conn_angle.ptnr2_symmetry        1_555 
_pdbx_struct_conn_angle.ptnr3_label_atom_id   ND1 
_pdbx_struct_conn_angle.ptnr3_label_alt_id    ? 
_pdbx_struct_conn_angle.ptnr3_label_asym_id   A 
_pdbx_struct_conn_angle.ptnr3_label_comp_id   HIS 
_pdbx_struct_conn_angle.ptnr3_label_seq_id    107 
_pdbx_struct_conn_angle.ptnr3_auth_atom_id    ? 
_pdbx_struct_conn_angle.ptnr3_auth_asym_id    A 
_pdbx_struct_conn_angle.ptnr3_auth_comp_id    HIS 
_pdbx_struct_conn_angle.ptnr3_auth_seq_id     107 
_pdbx_struct_conn_angle.ptnr3_PDB_ins_code    ? 
_pdbx_struct_conn_angle.ptnr3_symmetry        1_555 
_pdbx_struct_conn_angle.value                 89.3 
_pdbx_struct_conn_angle.value_esd             ? 
# 
loop_
_pdbx_modification_feature.ordinal 
_pdbx_modification_feature.label_comp_id 
_pdbx_modification_feature.label_asym_id 
_pdbx_modification_feature.label_seq_id 
_pdbx_modification_feature.label_alt_id 
_pdbx_modification_feature.modified_residue_label_comp_id 
_pdbx_modification_feature.modified_residue_label_asym_id 
_pdbx_modification_feature.modified_residue_label_seq_id 
_pdbx_modification_feature.modified_residue_label_alt_id 
_pdbx_modification_feature.auth_comp_id 
_pdbx_modification_feature.auth_asym_id 
_pdbx_modification_feature.auth_seq_id 
_pdbx_modification_feature.PDB_ins_code 
_pdbx_modification_feature.symmetry 
_pdbx_modification_feature.modified_residue_auth_comp_id 
_pdbx_modification_feature.modified_residue_auth_asym_id 
_pdbx_modification_feature.modified_residue_auth_seq_id 
_pdbx_modification_feature.modified_residue_PDB_ins_code 
_pdbx_modification_feature.modified_residue_symmetry 
_pdbx_modification_feature.comp_id_linking_atom 
_pdbx_modification_feature.modified_residue_id_linking_atom 
_pdbx_modification_feature.modified_residue_id 
_pdbx_modification_feature.ref_pcm_id 
_pdbx_modification_feature.ref_comp_id 
_pdbx_modification_feature.type 
_pdbx_modification_feature.category 
1 CYS A 29  ? CYS A 71  ? CYS A 29  ? 1_555 CYS A 71  ? 1_555 SG SG . . . None 'Disulfide bridge' 
2 CYS A 110 ? CYS A 154 ? CYS A 110 ? 1_555 CYS A 154 ? 1_555 SG SG . . . None 'Disulfide bridge' 
# 
_struct_mon_prot_cis.pdbx_id                1 
_struct_mon_prot_cis.label_comp_id          GLU 
_struct_mon_prot_cis.label_seq_id           13 
_struct_mon_prot_cis.label_asym_id          A 
_struct_mon_prot_cis.label_alt_id           . 
_struct_mon_prot_cis.pdbx_PDB_ins_code      ? 
_struct_mon_prot_cis.auth_comp_id           GLU 
_struct_mon_prot_cis.auth_seq_id            13 
_struct_mon_prot_cis.auth_asym_id           A 
_struct_mon_prot_cis.pdbx_label_comp_id_2   PRO 
_struct_mon_prot_cis.pdbx_label_seq_id_2    14 
_struct_mon_prot_cis.pdbx_label_asym_id_2   A 
_struct_mon_prot_cis.pdbx_PDB_ins_code_2    ? 
_struct_mon_prot_cis.pdbx_auth_comp_id_2    PRO 
_struct_mon_prot_cis.pdbx_auth_seq_id_2     14 
_struct_mon_prot_cis.pdbx_auth_asym_id_2    A 
_struct_mon_prot_cis.pdbx_PDB_model_num     1 
_struct_mon_prot_cis.pdbx_omega_angle       -0.87 
# 
loop_
_struct_sheet.id 
_struct_sheet.type 
_struct_sheet.number_strands 
_struct_sheet.details 
A ? 3 ? 
B ? 5 ? 
C ? 3 ? 
D ? 4 ? 
E ? 5 ? 
# 
loop_
_struct_sheet_order.sheet_id 
_struct_sheet_order.range_id_1 
_struct_sheet_order.range_id_2 
_struct_sheet_order.offset 
_struct_sheet_order.sense 
A 1 2 ? anti-parallel 
A 2 3 ? anti-parallel 
B 1 2 ? parallel      
B 2 3 ? anti-parallel 
B 3 4 ? anti-parallel 
B 4 5 ? anti-parallel 
C 1 2 ? anti-parallel 
C 2 3 ? anti-parallel 
D 1 2 ? anti-parallel 
D 2 3 ? anti-parallel 
D 3 4 ? anti-parallel 
E 1 2 ? anti-parallel 
E 2 3 ? anti-parallel 
E 3 4 ? anti-parallel 
E 4 5 ? parallel      
# 
loop_
_struct_sheet_range.sheet_id 
_struct_sheet_range.id 
_struct_sheet_range.beg_label_comp_id 
_struct_sheet_range.beg_label_asym_id 
_struct_sheet_range.beg_label_seq_id 
_struct_sheet_range.pdbx_beg_PDB_ins_code 
_struct_sheet_range.end_label_comp_id 
_struct_sheet_range.end_label_asym_id 
_struct_sheet_range.end_label_seq_id 
_struct_sheet_range.pdbx_end_PDB_ins_code 
_struct_sheet_range.beg_auth_comp_id 
_struct_sheet_range.beg_auth_asym_id 
_struct_sheet_range.beg_auth_seq_id 
_struct_sheet_range.end_auth_comp_id 
_struct_sheet_range.end_auth_asym_id 
_struct_sheet_range.end_auth_seq_id 
A 1 VAL A 9   ? GLU A 13  ? VAL A 9   GLU A 13  
A 2 VAL A 25  ? GLN A 30  ? VAL A 25  GLN A 30  
A 3 SER A 55  ? ILE A 58  ? SER A 55  ILE A 58  
B 1 SER A 18  ? LEU A 20  ? SER A 18  LEU A 20  
B 2 VAL A 82  ? HIS A 87  ? VAL A 82  HIS A 87  
B 3 GLY A 67  ? GLN A 72  ? GLY A 67  GLN A 72  
B 4 GLN A 41  ? HIS A 44  ? GLN A 41  HIS A 44  
B 5 SER A 47  ? SER A 50  ? SER A 47  SER A 50  
C 1 LEU A 91  ? GLN A 94  ? LEU A 91  GLN A 94  
C 2 ILE A 106 ? SER A 112 ? ILE A 106 SER A 112 
C 3 PHE A 139 ? ILE A 141 ? PHE A 139 ILE A 141 
D 1 LYS A 128 ? HIS A 135 ? LYS A 128 HIS A 135 
D 2 HIS A 119 ? GLN A 125 ? HIS A 119 GLN A 125 
D 3 GLY A 150 ? VAL A 158 ? GLY A 150 VAL A 158 
D 4 LYS A 161 ? SER A 164 ? LYS A 161 SER A 164 
E 1 LYS A 128 ? HIS A 135 ? LYS A 128 HIS A 135 
E 2 HIS A 119 ? GLN A 125 ? HIS A 119 GLN A 125 
E 3 GLY A 150 ? VAL A 158 ? GLY A 150 VAL A 158 
E 4 VAL A 168 ? THR A 173 ? VAL A 168 THR A 173 
E 5 VAL A 99  ? LYS A 101 ? VAL A 99  LYS A 101 
# 
loop_
_pdbx_struct_sheet_hbond.sheet_id 
_pdbx_struct_sheet_hbond.range_id_1 
_pdbx_struct_sheet_hbond.range_id_2 
_pdbx_struct_sheet_hbond.range_1_label_atom_id 
_pdbx_struct_sheet_hbond.range_1_label_comp_id 
_pdbx_struct_sheet_hbond.range_1_label_asym_id 
_pdbx_struct_sheet_hbond.range_1_label_seq_id 
_pdbx_struct_sheet_hbond.range_1_PDB_ins_code 
_pdbx_struct_sheet_hbond.range_1_auth_atom_id 
_pdbx_struct_sheet_hbond.range_1_auth_comp_id 
_pdbx_struct_sheet_hbond.range_1_auth_asym_id 
_pdbx_struct_sheet_hbond.range_1_auth_seq_id 
_pdbx_struct_sheet_hbond.range_2_label_atom_id 
_pdbx_struct_sheet_hbond.range_2_label_comp_id 
_pdbx_struct_sheet_hbond.range_2_label_asym_id 
_pdbx_struct_sheet_hbond.range_2_label_seq_id 
_pdbx_struct_sheet_hbond.range_2_PDB_ins_code 
_pdbx_struct_sheet_hbond.range_2_auth_atom_id 
_pdbx_struct_sheet_hbond.range_2_auth_comp_id 
_pdbx_struct_sheet_hbond.range_2_auth_asym_id 
_pdbx_struct_sheet_hbond.range_2_auth_seq_id 
A 1 2 O GLU A 13  ? O GLU A 13  N THR A 26  ? N THR A 26  
A 2 3 N LEU A 27  ? N LEU A 27  O TYR A 56  ? O TYR A 56  
B 1 2 N VAL A 19  ? N VAL A 19  O GLU A 85  ? O GLU A 85  
B 2 3 O LEU A 84  ? O LEU A 84  N GLY A 67  ? N GLY A 67  
B 3 4 O GLN A 72  ? O GLN A 72  N GLN A 41  ? N GLN A 41  
B 4 5 N HIS A 44  ? N HIS A 44  O SER A 47  ? O SER A 47  
C 1 2 N GLN A 94  ? N GLN A 94  O ARG A 109 ? O ARG A 109 
C 2 3 N LEU A 108 ? N LEU A 108 O PHE A 139 ? O PHE A 139 
D 1 2 O HIS A 134 ? O HIS A 134 N LYS A 120 ? N LYS A 120 
D 2 3 N LEU A 124 ? N LEU A 124 O PHE A 153 ? O PHE A 153 
D 3 4 O VAL A 158 ? O VAL A 158 N LYS A 161 ? N LYS A 161 
E 1 2 O HIS A 134 ? O HIS A 134 N LYS A 120 ? N LYS A 120 
E 2 3 N LEU A 124 ? N LEU A 124 O PHE A 153 ? O PHE A 153 
E 3 4 N TYR A 152 ? N TYR A 152 O VAL A 168 ? O VAL A 168 
E 4 5 N THR A 173 ? N THR A 173 O PHE A 100 ? O PHE A 100 
# 
loop_
_struct_site.id 
_struct_site.pdbx_evidence_code 
_struct_site.pdbx_auth_asym_id 
_struct_site.pdbx_auth_comp_id 
_struct_site.pdbx_auth_seq_id 
_struct_site.pdbx_auth_ins_code 
_struct_site.pdbx_num_residues 
_struct_site.details 
AC1 Software A HG 176 ? 2 'BINDING SITE FOR RESIDUE HG A 176' 
AC2 Software A HG 177 ? 1 'BINDING SITE FOR RESIDUE HG A 177' 
# 
loop_
_struct_site_gen.id 
_struct_site_gen.site_id 
_struct_site_gen.pdbx_num_res 
_struct_site_gen.label_comp_id 
_struct_site_gen.label_asym_id 
_struct_site_gen.label_seq_id 
_struct_site_gen.pdbx_auth_ins_code 
_struct_site_gen.auth_comp_id 
_struct_site_gen.auth_asym_id 
_struct_site_gen.auth_seq_id 
_struct_site_gen.label_atom_id 
_struct_site_gen.label_alt_id 
_struct_site_gen.symmetry 
_struct_site_gen.details 
1 AC1 2 GLN A 15  ? GLN A 15  . ? 1_555 ? 
2 AC1 2 HIS A 107 ? HIS A 107 . ? 1_555 ? 
3 AC2 1 HIS A 44  ? HIS A 44  . ? 1_555 ? 
# 
_pdbx_entry_details.entry_id                   1FNL 
_pdbx_entry_details.compound_details           ? 
_pdbx_entry_details.source_details             ? 
_pdbx_entry_details.nonpolymer_details         ? 
_pdbx_entry_details.sequence_details           ? 
_pdbx_entry_details.has_ligand_of_interest     ? 
_pdbx_entry_details.has_protein_modification   Y 
# 
loop_
_pdbx_validate_torsion.id 
_pdbx_validate_torsion.PDB_model_num 
_pdbx_validate_torsion.auth_comp_id 
_pdbx_validate_torsion.auth_asym_id 
_pdbx_validate_torsion.auth_seq_id 
_pdbx_validate_torsion.PDB_ins_code 
_pdbx_validate_torsion.label_alt_id 
_pdbx_validate_torsion.phi 
_pdbx_validate_torsion.psi 
1 1 LYS A 22  ? ? 84.90   -11.82 
2 1 GLU A 46  ? ? 75.16   -6.32  
3 1 GLN A 52  ? ? -139.70 -56.83 
4 1 LEU A 78  ? ? -38.67  118.90 
5 1 GLU A 103 ? ? 92.42   -26.80 
6 1 LYS A 114 ? ? -37.40  128.69 
# 
loop_
_pdbx_unobs_or_zero_occ_residues.id 
_pdbx_unobs_or_zero_occ_residues.PDB_model_num 
_pdbx_unobs_or_zero_occ_residues.polymer_flag 
_pdbx_unobs_or_zero_occ_residues.occupancy_flag 
_pdbx_unobs_or_zero_occ_residues.auth_asym_id 
_pdbx_unobs_or_zero_occ_residues.auth_comp_id 
_pdbx_unobs_or_zero_occ_residues.auth_seq_id 
_pdbx_unobs_or_zero_occ_residues.PDB_ins_code 
_pdbx_unobs_or_zero_occ_residues.label_asym_id 
_pdbx_unobs_or_zero_occ_residues.label_comp_id 
_pdbx_unobs_or_zero_occ_residues.label_seq_id 
1 1 Y 1 A ARG 1 ? A ARG 1 
2 1 Y 1 A THR 2 ? A THR 2 
# 
loop_
_chem_comp_atom.comp_id 
_chem_comp_atom.atom_id 
_chem_comp_atom.type_symbol 
_chem_comp_atom.pdbx_aromatic_flag 
_chem_comp_atom.pdbx_stereo_config 
_chem_comp_atom.pdbx_ordinal 
ALA N    N  N N 1   
ALA CA   C  N S 2   
ALA C    C  N N 3   
ALA O    O  N N 4   
ALA CB   C  N N 5   
ALA OXT  O  N N 6   
ALA H    H  N N 7   
ALA H2   H  N N 8   
ALA HA   H  N N 9   
ALA HB1  H  N N 10  
ALA HB2  H  N N 11  
ALA HB3  H  N N 12  
ALA HXT  H  N N 13  
ARG N    N  N N 14  
ARG CA   C  N S 15  
ARG C    C  N N 16  
ARG O    O  N N 17  
ARG CB   C  N N 18  
ARG CG   C  N N 19  
ARG CD   C  N N 20  
ARG NE   N  N N 21  
ARG CZ   C  N N 22  
ARG NH1  N  N N 23  
ARG NH2  N  N N 24  
ARG OXT  O  N N 25  
ARG H    H  N N 26  
ARG H2   H  N N 27  
ARG HA   H  N N 28  
ARG HB2  H  N N 29  
ARG HB3  H  N N 30  
ARG HG2  H  N N 31  
ARG HG3  H  N N 32  
ARG HD2  H  N N 33  
ARG HD3  H  N N 34  
ARG HE   H  N N 35  
ARG HH11 H  N N 36  
ARG HH12 H  N N 37  
ARG HH21 H  N N 38  
ARG HH22 H  N N 39  
ARG HXT  H  N N 40  
ASN N    N  N N 41  
ASN CA   C  N S 42  
ASN C    C  N N 43  
ASN O    O  N N 44  
ASN CB   C  N N 45  
ASN CG   C  N N 46  
ASN OD1  O  N N 47  
ASN ND2  N  N N 48  
ASN OXT  O  N N 49  
ASN H    H  N N 50  
ASN H2   H  N N 51  
ASN HA   H  N N 52  
ASN HB2  H  N N 53  
ASN HB3  H  N N 54  
ASN HD21 H  N N 55  
ASN HD22 H  N N 56  
ASN HXT  H  N N 57  
ASP N    N  N N 58  
ASP CA   C  N S 59  
ASP C    C  N N 60  
ASP O    O  N N 61  
ASP CB   C  N N 62  
ASP CG   C  N N 63  
ASP OD1  O  N N 64  
ASP OD2  O  N N 65  
ASP OXT  O  N N 66  
ASP H    H  N N 67  
ASP H2   H  N N 68  
ASP HA   H  N N 69  
ASP HB2  H  N N 70  
ASP HB3  H  N N 71  
ASP HD2  H  N N 72  
ASP HXT  H  N N 73  
CYS N    N  N N 74  
CYS CA   C  N R 75  
CYS C    C  N N 76  
CYS O    O  N N 77  
CYS CB   C  N N 78  
CYS SG   S  N N 79  
CYS OXT  O  N N 80  
CYS H    H  N N 81  
CYS H2   H  N N 82  
CYS HA   H  N N 83  
CYS HB2  H  N N 84  
CYS HB3  H  N N 85  
CYS HG   H  N N 86  
CYS HXT  H  N N 87  
GLN N    N  N N 88  
GLN CA   C  N S 89  
GLN C    C  N N 90  
GLN O    O  N N 91  
GLN CB   C  N N 92  
GLN CG   C  N N 93  
GLN CD   C  N N 94  
GLN OE1  O  N N 95  
GLN NE2  N  N N 96  
GLN OXT  O  N N 97  
GLN H    H  N N 98  
GLN H2   H  N N 99  
GLN HA   H  N N 100 
GLN HB2  H  N N 101 
GLN HB3  H  N N 102 
GLN HG2  H  N N 103 
GLN HG3  H  N N 104 
GLN HE21 H  N N 105 
GLN HE22 H  N N 106 
GLN HXT  H  N N 107 
GLU N    N  N N 108 
GLU CA   C  N S 109 
GLU C    C  N N 110 
GLU O    O  N N 111 
GLU CB   C  N N 112 
GLU CG   C  N N 113 
GLU CD   C  N N 114 
GLU OE1  O  N N 115 
GLU OE2  O  N N 116 
GLU OXT  O  N N 117 
GLU H    H  N N 118 
GLU H2   H  N N 119 
GLU HA   H  N N 120 
GLU HB2  H  N N 121 
GLU HB3  H  N N 122 
GLU HG2  H  N N 123 
GLU HG3  H  N N 124 
GLU HE2  H  N N 125 
GLU HXT  H  N N 126 
GLY N    N  N N 127 
GLY CA   C  N N 128 
GLY C    C  N N 129 
GLY O    O  N N 130 
GLY OXT  O  N N 131 
GLY H    H  N N 132 
GLY H2   H  N N 133 
GLY HA2  H  N N 134 
GLY HA3  H  N N 135 
GLY HXT  H  N N 136 
HG  HG   HG N N 137 
HIS N    N  N N 138 
HIS CA   C  N S 139 
HIS C    C  N N 140 
HIS O    O  N N 141 
HIS CB   C  N N 142 
HIS CG   C  Y N 143 
HIS ND1  N  Y N 144 
HIS CD2  C  Y N 145 
HIS CE1  C  Y N 146 
HIS NE2  N  Y N 147 
HIS OXT  O  N N 148 
HIS H    H  N N 149 
HIS H2   H  N N 150 
HIS HA   H  N N 151 
HIS HB2  H  N N 152 
HIS HB3  H  N N 153 
HIS HD1  H  N N 154 
HIS HD2  H  N N 155 
HIS HE1  H  N N 156 
HIS HE2  H  N N 157 
HIS HXT  H  N N 158 
HOH O    O  N N 159 
HOH H1   H  N N 160 
HOH H2   H  N N 161 
ILE N    N  N N 162 
ILE CA   C  N S 163 
ILE C    C  N N 164 
ILE O    O  N N 165 
ILE CB   C  N S 166 
ILE CG1  C  N N 167 
ILE CG2  C  N N 168 
ILE CD1  C  N N 169 
ILE OXT  O  N N 170 
ILE H    H  N N 171 
ILE H2   H  N N 172 
ILE HA   H  N N 173 
ILE HB   H  N N 174 
ILE HG12 H  N N 175 
ILE HG13 H  N N 176 
ILE HG21 H  N N 177 
ILE HG22 H  N N 178 
ILE HG23 H  N N 179 
ILE HD11 H  N N 180 
ILE HD12 H  N N 181 
ILE HD13 H  N N 182 
ILE HXT  H  N N 183 
LEU N    N  N N 184 
LEU CA   C  N S 185 
LEU C    C  N N 186 
LEU O    O  N N 187 
LEU CB   C  N N 188 
LEU CG   C  N N 189 
LEU CD1  C  N N 190 
LEU CD2  C  N N 191 
LEU OXT  O  N N 192 
LEU H    H  N N 193 
LEU H2   H  N N 194 
LEU HA   H  N N 195 
LEU HB2  H  N N 196 
LEU HB3  H  N N 197 
LEU HG   H  N N 198 
LEU HD11 H  N N 199 
LEU HD12 H  N N 200 
LEU HD13 H  N N 201 
LEU HD21 H  N N 202 
LEU HD22 H  N N 203 
LEU HD23 H  N N 204 
LEU HXT  H  N N 205 
LYS N    N  N N 206 
LYS CA   C  N S 207 
LYS C    C  N N 208 
LYS O    O  N N 209 
LYS CB   C  N N 210 
LYS CG   C  N N 211 
LYS CD   C  N N 212 
LYS CE   C  N N 213 
LYS NZ   N  N N 214 
LYS OXT  O  N N 215 
LYS H    H  N N 216 
LYS H2   H  N N 217 
LYS HA   H  N N 218 
LYS HB2  H  N N 219 
LYS HB3  H  N N 220 
LYS HG2  H  N N 221 
LYS HG3  H  N N 222 
LYS HD2  H  N N 223 
LYS HD3  H  N N 224 
LYS HE2  H  N N 225 
LYS HE3  H  N N 226 
LYS HZ1  H  N N 227 
LYS HZ2  H  N N 228 
LYS HZ3  H  N N 229 
LYS HXT  H  N N 230 
PHE N    N  N N 231 
PHE CA   C  N S 232 
PHE C    C  N N 233 
PHE O    O  N N 234 
PHE CB   C  N N 235 
PHE CG   C  Y N 236 
PHE CD1  C  Y N 237 
PHE CD2  C  Y N 238 
PHE CE1  C  Y N 239 
PHE CE2  C  Y N 240 
PHE CZ   C  Y N 241 
PHE OXT  O  N N 242 
PHE H    H  N N 243 
PHE H2   H  N N 244 
PHE HA   H  N N 245 
PHE HB2  H  N N 246 
PHE HB3  H  N N 247 
PHE HD1  H  N N 248 
PHE HD2  H  N N 249 
PHE HE1  H  N N 250 
PHE HE2  H  N N 251 
PHE HZ   H  N N 252 
PHE HXT  H  N N 253 
PRO N    N  N N 254 
PRO CA   C  N S 255 
PRO C    C  N N 256 
PRO O    O  N N 257 
PRO CB   C  N N 258 
PRO CG   C  N N 259 
PRO CD   C  N N 260 
PRO OXT  O  N N 261 
PRO H    H  N N 262 
PRO HA   H  N N 263 
PRO HB2  H  N N 264 
PRO HB3  H  N N 265 
PRO HG2  H  N N 266 
PRO HG3  H  N N 267 
PRO HD2  H  N N 268 
PRO HD3  H  N N 269 
PRO HXT  H  N N 270 
SER N    N  N N 271 
SER CA   C  N S 272 
SER C    C  N N 273 
SER O    O  N N 274 
SER CB   C  N N 275 
SER OG   O  N N 276 
SER OXT  O  N N 277 
SER H    H  N N 278 
SER H2   H  N N 279 
SER HA   H  N N 280 
SER HB2  H  N N 281 
SER HB3  H  N N 282 
SER HG   H  N N 283 
SER HXT  H  N N 284 
THR N    N  N N 285 
THR CA   C  N S 286 
THR C    C  N N 287 
THR O    O  N N 288 
THR CB   C  N R 289 
THR OG1  O  N N 290 
THR CG2  C  N N 291 
THR OXT  O  N N 292 
THR H    H  N N 293 
THR H2   H  N N 294 
THR HA   H  N N 295 
THR HB   H  N N 296 
THR HG1  H  N N 297 
THR HG21 H  N N 298 
THR HG22 H  N N 299 
THR HG23 H  N N 300 
THR HXT  H  N N 301 
TRP N    N  N N 302 
TRP CA   C  N S 303 
TRP C    C  N N 304 
TRP O    O  N N 305 
TRP CB   C  N N 306 
TRP CG   C  Y N 307 
TRP CD1  C  Y N 308 
TRP CD2  C  Y N 309 
TRP NE1  N  Y N 310 
TRP CE2  C  Y N 311 
TRP CE3  C  Y N 312 
TRP CZ2  C  Y N 313 
TRP CZ3  C  Y N 314 
TRP CH2  C  Y N 315 
TRP OXT  O  N N 316 
TRP H    H  N N 317 
TRP H2   H  N N 318 
TRP HA   H  N N 319 
TRP HB2  H  N N 320 
TRP HB3  H  N N 321 
TRP HD1  H  N N 322 
TRP HE1  H  N N 323 
TRP HE3  H  N N 324 
TRP HZ2  H  N N 325 
TRP HZ3  H  N N 326 
TRP HH2  H  N N 327 
TRP HXT  H  N N 328 
TYR N    N  N N 329 
TYR CA   C  N S 330 
TYR C    C  N N 331 
TYR O    O  N N 332 
TYR CB   C  N N 333 
TYR CG   C  Y N 334 
TYR CD1  C  Y N 335 
TYR CD2  C  Y N 336 
TYR CE1  C  Y N 337 
TYR CE2  C  Y N 338 
TYR CZ   C  Y N 339 
TYR OH   O  N N 340 
TYR OXT  O  N N 341 
TYR H    H  N N 342 
TYR H2   H  N N 343 
TYR HA   H  N N 344 
TYR HB2  H  N N 345 
TYR HB3  H  N N 346 
TYR HD1  H  N N 347 
TYR HD2  H  N N 348 
TYR HE1  H  N N 349 
TYR HE2  H  N N 350 
TYR HH   H  N N 351 
TYR HXT  H  N N 352 
VAL N    N  N N 353 
VAL CA   C  N S 354 
VAL C    C  N N 355 
VAL O    O  N N 356 
VAL CB   C  N N 357 
VAL CG1  C  N N 358 
VAL CG2  C  N N 359 
VAL OXT  O  N N 360 
VAL H    H  N N 361 
VAL H2   H  N N 362 
VAL HA   H  N N 363 
VAL HB   H  N N 364 
VAL HG11 H  N N 365 
VAL HG12 H  N N 366 
VAL HG13 H  N N 367 
VAL HG21 H  N N 368 
VAL HG22 H  N N 369 
VAL HG23 H  N N 370 
VAL HXT  H  N N 371 
# 
loop_
_chem_comp_bond.comp_id 
_chem_comp_bond.atom_id_1 
_chem_comp_bond.atom_id_2 
_chem_comp_bond.value_order 
_chem_comp_bond.pdbx_aromatic_flag 
_chem_comp_bond.pdbx_stereo_config 
_chem_comp_bond.pdbx_ordinal 
ALA N   CA   sing N N 1   
ALA N   H    sing N N 2   
ALA N   H2   sing N N 3   
ALA CA  C    sing N N 4   
ALA CA  CB   sing N N 5   
ALA CA  HA   sing N N 6   
ALA C   O    doub N N 7   
ALA C   OXT  sing N N 8   
ALA CB  HB1  sing N N 9   
ALA CB  HB2  sing N N 10  
ALA CB  HB3  sing N N 11  
ALA OXT HXT  sing N N 12  
ARG N   CA   sing N N 13  
ARG N   H    sing N N 14  
ARG N   H2   sing N N 15  
ARG CA  C    sing N N 16  
ARG CA  CB   sing N N 17  
ARG CA  HA   sing N N 18  
ARG C   O    doub N N 19  
ARG C   OXT  sing N N 20  
ARG CB  CG   sing N N 21  
ARG CB  HB2  sing N N 22  
ARG CB  HB3  sing N N 23  
ARG CG  CD   sing N N 24  
ARG CG  HG2  sing N N 25  
ARG CG  HG3  sing N N 26  
ARG CD  NE   sing N N 27  
ARG CD  HD2  sing N N 28  
ARG CD  HD3  sing N N 29  
ARG NE  CZ   sing N N 30  
ARG NE  HE   sing N N 31  
ARG CZ  NH1  sing N N 32  
ARG CZ  NH2  doub N N 33  
ARG NH1 HH11 sing N N 34  
ARG NH1 HH12 sing N N 35  
ARG NH2 HH21 sing N N 36  
ARG NH2 HH22 sing N N 37  
ARG OXT HXT  sing N N 38  
ASN N   CA   sing N N 39  
ASN N   H    sing N N 40  
ASN N   H2   sing N N 41  
ASN CA  C    sing N N 42  
ASN CA  CB   sing N N 43  
ASN CA  HA   sing N N 44  
ASN C   O    doub N N 45  
ASN C   OXT  sing N N 46  
ASN CB  CG   sing N N 47  
ASN CB  HB2  sing N N 48  
ASN CB  HB3  sing N N 49  
ASN CG  OD1  doub N N 50  
ASN CG  ND2  sing N N 51  
ASN ND2 HD21 sing N N 52  
ASN ND2 HD22 sing N N 53  
ASN OXT HXT  sing N N 54  
ASP N   CA   sing N N 55  
ASP N   H    sing N N 56  
ASP N   H2   sing N N 57  
ASP CA  C    sing N N 58  
ASP CA  CB   sing N N 59  
ASP CA  HA   sing N N 60  
ASP C   O    doub N N 61  
ASP C   OXT  sing N N 62  
ASP CB  CG   sing N N 63  
ASP CB  HB2  sing N N 64  
ASP CB  HB3  sing N N 65  
ASP CG  OD1  doub N N 66  
ASP CG  OD2  sing N N 67  
ASP OD2 HD2  sing N N 68  
ASP OXT HXT  sing N N 69  
CYS N   CA   sing N N 70  
CYS N   H    sing N N 71  
CYS N   H2   sing N N 72  
CYS CA  C    sing N N 73  
CYS CA  CB   sing N N 74  
CYS CA  HA   sing N N 75  
CYS C   O    doub N N 76  
CYS C   OXT  sing N N 77  
CYS CB  SG   sing N N 78  
CYS CB  HB2  sing N N 79  
CYS CB  HB3  sing N N 80  
CYS SG  HG   sing N N 81  
CYS OXT HXT  sing N N 82  
GLN N   CA   sing N N 83  
GLN N   H    sing N N 84  
GLN N   H2   sing N N 85  
GLN CA  C    sing N N 86  
GLN CA  CB   sing N N 87  
GLN CA  HA   sing N N 88  
GLN C   O    doub N N 89  
GLN C   OXT  sing N N 90  
GLN CB  CG   sing N N 91  
GLN CB  HB2  sing N N 92  
GLN CB  HB3  sing N N 93  
GLN CG  CD   sing N N 94  
GLN CG  HG2  sing N N 95  
GLN CG  HG3  sing N N 96  
GLN CD  OE1  doub N N 97  
GLN CD  NE2  sing N N 98  
GLN NE2 HE21 sing N N 99  
GLN NE2 HE22 sing N N 100 
GLN OXT HXT  sing N N 101 
GLU N   CA   sing N N 102 
GLU N   H    sing N N 103 
GLU N   H2   sing N N 104 
GLU CA  C    sing N N 105 
GLU CA  CB   sing N N 106 
GLU CA  HA   sing N N 107 
GLU C   O    doub N N 108 
GLU C   OXT  sing N N 109 
GLU CB  CG   sing N N 110 
GLU CB  HB2  sing N N 111 
GLU CB  HB3  sing N N 112 
GLU CG  CD   sing N N 113 
GLU CG  HG2  sing N N 114 
GLU CG  HG3  sing N N 115 
GLU CD  OE1  doub N N 116 
GLU CD  OE2  sing N N 117 
GLU OE2 HE2  sing N N 118 
GLU OXT HXT  sing N N 119 
GLY N   CA   sing N N 120 
GLY N   H    sing N N 121 
GLY N   H2   sing N N 122 
GLY CA  C    sing N N 123 
GLY CA  HA2  sing N N 124 
GLY CA  HA3  sing N N 125 
GLY C   O    doub N N 126 
GLY C   OXT  sing N N 127 
GLY OXT HXT  sing N N 128 
HIS N   CA   sing N N 129 
HIS N   H    sing N N 130 
HIS N   H2   sing N N 131 
HIS CA  C    sing N N 132 
HIS CA  CB   sing N N 133 
HIS CA  HA   sing N N 134 
HIS C   O    doub N N 135 
HIS C   OXT  sing N N 136 
HIS CB  CG   sing N N 137 
HIS CB  HB2  sing N N 138 
HIS CB  HB3  sing N N 139 
HIS CG  ND1  sing Y N 140 
HIS CG  CD2  doub Y N 141 
HIS ND1 CE1  doub Y N 142 
HIS ND1 HD1  sing N N 143 
HIS CD2 NE2  sing Y N 144 
HIS CD2 HD2  sing N N 145 
HIS CE1 NE2  sing Y N 146 
HIS CE1 HE1  sing N N 147 
HIS NE2 HE2  sing N N 148 
HIS OXT HXT  sing N N 149 
HOH O   H1   sing N N 150 
HOH O   H2   sing N N 151 
ILE N   CA   sing N N 152 
ILE N   H    sing N N 153 
ILE N   H2   sing N N 154 
ILE CA  C    sing N N 155 
ILE CA  CB   sing N N 156 
ILE CA  HA   sing N N 157 
ILE C   O    doub N N 158 
ILE C   OXT  sing N N 159 
ILE CB  CG1  sing N N 160 
ILE CB  CG2  sing N N 161 
ILE CB  HB   sing N N 162 
ILE CG1 CD1  sing N N 163 
ILE CG1 HG12 sing N N 164 
ILE CG1 HG13 sing N N 165 
ILE CG2 HG21 sing N N 166 
ILE CG2 HG22 sing N N 167 
ILE CG2 HG23 sing N N 168 
ILE CD1 HD11 sing N N 169 
ILE CD1 HD12 sing N N 170 
ILE CD1 HD13 sing N N 171 
ILE OXT HXT  sing N N 172 
LEU N   CA   sing N N 173 
LEU N   H    sing N N 174 
LEU N   H2   sing N N 175 
LEU CA  C    sing N N 176 
LEU CA  CB   sing N N 177 
LEU CA  HA   sing N N 178 
LEU C   O    doub N N 179 
LEU C   OXT  sing N N 180 
LEU CB  CG   sing N N 181 
LEU CB  HB2  sing N N 182 
LEU CB  HB3  sing N N 183 
LEU CG  CD1  sing N N 184 
LEU CG  CD2  sing N N 185 
LEU CG  HG   sing N N 186 
LEU CD1 HD11 sing N N 187 
LEU CD1 HD12 sing N N 188 
LEU CD1 HD13 sing N N 189 
LEU CD2 HD21 sing N N 190 
LEU CD2 HD22 sing N N 191 
LEU CD2 HD23 sing N N 192 
LEU OXT HXT  sing N N 193 
LYS N   CA   sing N N 194 
LYS N   H    sing N N 195 
LYS N   H2   sing N N 196 
LYS CA  C    sing N N 197 
LYS CA  CB   sing N N 198 
LYS CA  HA   sing N N 199 
LYS C   O    doub N N 200 
LYS C   OXT  sing N N 201 
LYS CB  CG   sing N N 202 
LYS CB  HB2  sing N N 203 
LYS CB  HB3  sing N N 204 
LYS CG  CD   sing N N 205 
LYS CG  HG2  sing N N 206 
LYS CG  HG3  sing N N 207 
LYS CD  CE   sing N N 208 
LYS CD  HD2  sing N N 209 
LYS CD  HD3  sing N N 210 
LYS CE  NZ   sing N N 211 
LYS CE  HE2  sing N N 212 
LYS CE  HE3  sing N N 213 
LYS NZ  HZ1  sing N N 214 
LYS NZ  HZ2  sing N N 215 
LYS NZ  HZ3  sing N N 216 
LYS OXT HXT  sing N N 217 
PHE N   CA   sing N N 218 
PHE N   H    sing N N 219 
PHE N   H2   sing N N 220 
PHE CA  C    sing N N 221 
PHE CA  CB   sing N N 222 
PHE CA  HA   sing N N 223 
PHE C   O    doub N N 224 
PHE C   OXT  sing N N 225 
PHE CB  CG   sing N N 226 
PHE CB  HB2  sing N N 227 
PHE CB  HB3  sing N N 228 
PHE CG  CD1  doub Y N 229 
PHE CG  CD2  sing Y N 230 
PHE CD1 CE1  sing Y N 231 
PHE CD1 HD1  sing N N 232 
PHE CD2 CE2  doub Y N 233 
PHE CD2 HD2  sing N N 234 
PHE CE1 CZ   doub Y N 235 
PHE CE1 HE1  sing N N 236 
PHE CE2 CZ   sing Y N 237 
PHE CE2 HE2  sing N N 238 
PHE CZ  HZ   sing N N 239 
PHE OXT HXT  sing N N 240 
PRO N   CA   sing N N 241 
PRO N   CD   sing N N 242 
PRO N   H    sing N N 243 
PRO CA  C    sing N N 244 
PRO CA  CB   sing N N 245 
PRO CA  HA   sing N N 246 
PRO C   O    doub N N 247 
PRO C   OXT  sing N N 248 
PRO CB  CG   sing N N 249 
PRO CB  HB2  sing N N 250 
PRO CB  HB3  sing N N 251 
PRO CG  CD   sing N N 252 
PRO CG  HG2  sing N N 253 
PRO CG  HG3  sing N N 254 
PRO CD  HD2  sing N N 255 
PRO CD  HD3  sing N N 256 
PRO OXT HXT  sing N N 257 
SER N   CA   sing N N 258 
SER N   H    sing N N 259 
SER N   H2   sing N N 260 
SER CA  C    sing N N 261 
SER CA  CB   sing N N 262 
SER CA  HA   sing N N 263 
SER C   O    doub N N 264 
SER C   OXT  sing N N 265 
SER CB  OG   sing N N 266 
SER CB  HB2  sing N N 267 
SER CB  HB3  sing N N 268 
SER OG  HG   sing N N 269 
SER OXT HXT  sing N N 270 
THR N   CA   sing N N 271 
THR N   H    sing N N 272 
THR N   H2   sing N N 273 
THR CA  C    sing N N 274 
THR CA  CB   sing N N 275 
THR CA  HA   sing N N 276 
THR C   O    doub N N 277 
THR C   OXT  sing N N 278 
THR CB  OG1  sing N N 279 
THR CB  CG2  sing N N 280 
THR CB  HB   sing N N 281 
THR OG1 HG1  sing N N 282 
THR CG2 HG21 sing N N 283 
THR CG2 HG22 sing N N 284 
THR CG2 HG23 sing N N 285 
THR OXT HXT  sing N N 286 
TRP N   CA   sing N N 287 
TRP N   H    sing N N 288 
TRP N   H2   sing N N 289 
TRP CA  C    sing N N 290 
TRP CA  CB   sing N N 291 
TRP CA  HA   sing N N 292 
TRP C   O    doub N N 293 
TRP C   OXT  sing N N 294 
TRP CB  CG   sing N N 295 
TRP CB  HB2  sing N N 296 
TRP CB  HB3  sing N N 297 
TRP CG  CD1  doub Y N 298 
TRP CG  CD2  sing Y N 299 
TRP CD1 NE1  sing Y N 300 
TRP CD1 HD1  sing N N 301 
TRP CD2 CE2  doub Y N 302 
TRP CD2 CE3  sing Y N 303 
TRP NE1 CE2  sing Y N 304 
TRP NE1 HE1  sing N N 305 
TRP CE2 CZ2  sing Y N 306 
TRP CE3 CZ3  doub Y N 307 
TRP CE3 HE3  sing N N 308 
TRP CZ2 CH2  doub Y N 309 
TRP CZ2 HZ2  sing N N 310 
TRP CZ3 CH2  sing Y N 311 
TRP CZ3 HZ3  sing N N 312 
TRP CH2 HH2  sing N N 313 
TRP OXT HXT  sing N N 314 
TYR N   CA   sing N N 315 
TYR N   H    sing N N 316 
TYR N   H2   sing N N 317 
TYR CA  C    sing N N 318 
TYR CA  CB   sing N N 319 
TYR CA  HA   sing N N 320 
TYR C   O    doub N N 321 
TYR C   OXT  sing N N 322 
TYR CB  CG   sing N N 323 
TYR CB  HB2  sing N N 324 
TYR CB  HB3  sing N N 325 
TYR CG  CD1  doub Y N 326 
TYR CG  CD2  sing Y N 327 
TYR CD1 CE1  sing Y N 328 
TYR CD1 HD1  sing N N 329 
TYR CD2 CE2  doub Y N 330 
TYR CD2 HD2  sing N N 331 
TYR CE1 CZ   doub Y N 332 
TYR CE1 HE1  sing N N 333 
TYR CE2 CZ   sing Y N 334 
TYR CE2 HE2  sing N N 335 
TYR CZ  OH   sing N N 336 
TYR OH  HH   sing N N 337 
TYR OXT HXT  sing N N 338 
VAL N   CA   sing N N 339 
VAL N   H    sing N N 340 
VAL N   H2   sing N N 341 
VAL CA  C    sing N N 342 
VAL CA  CB   sing N N 343 
VAL CA  HA   sing N N 344 
VAL C   O    doub N N 345 
VAL C   OXT  sing N N 346 
VAL CB  CG1  sing N N 347 
VAL CB  CG2  sing N N 348 
VAL CB  HB   sing N N 349 
VAL CG1 HG11 sing N N 350 
VAL CG1 HG12 sing N N 351 
VAL CG1 HG13 sing N N 352 
VAL CG2 HG21 sing N N 353 
VAL CG2 HG22 sing N N 354 
VAL CG2 HG23 sing N N 355 
VAL OXT HXT  sing N N 356 
# 
_atom_sites.entry_id                    1FNL 
_atom_sites.fract_transf_matrix[1][1]   0.00787893 
_atom_sites.fract_transf_matrix[1][2]   -0.01086887 
_atom_sites.fract_transf_matrix[1][3]   -0.00630465 
_atom_sites.fract_transf_matrix[2][1]   0.00778900 
_atom_sites.fract_transf_matrix[2][2]   0.00062306 
_atom_sites.fract_transf_matrix[2][3]   0.00865980 
_atom_sites.fract_transf_matrix[3][1]   -0.01435118 
_atom_sites.fract_transf_matrix[3][2]   -0.01867000 
_atom_sites.fract_transf_matrix[3][3]   0.01425134 
_atom_sites.fract_transf_vector[1]      1.455752 
_atom_sites.fract_transf_vector[2]      0.201859 
_atom_sites.fract_transf_vector[3]      0.637121 
# 
loop_
_atom_type.symbol 
C  
HG 
N  
O  
S  
# 
loop_
_atom_site.group_PDB 
_atom_site.id 
_atom_site.type_symbol 
_atom_site.label_atom_id 
_atom_site.label_alt_id 
_atom_site.label_comp_id 
_atom_site.label_asym_id 
_atom_site.label_entity_id 
_atom_site.label_seq_id 
_atom_site.pdbx_PDB_ins_code 
_atom_site.Cartn_x 
_atom_site.Cartn_y 
_atom_site.Cartn_z 
_atom_site.occupancy 
_atom_site.B_iso_or_equiv 
_atom_site.pdbx_formal_charge 
_atom_site.auth_seq_id 
_atom_site.auth_comp_id 
_atom_site.auth_asym_id 
_atom_site.auth_atom_id 
_atom_site.pdbx_PDB_model_num 
ATOM   1    N  N   . GLU A 1 3   ? 30.078  0.147   11.922  1.00 68.14 ? 3   GLU A N   1 
ATOM   2    C  CA  . GLU A 1 3   ? 30.745  1.252   11.168  1.00 66.24 ? 3   GLU A CA  1 
ATOM   3    C  C   . GLU A 1 3   ? 30.195  1.399   9.744   1.00 63.79 ? 3   GLU A C   1 
ATOM   4    O  O   . GLU A 1 3   ? 30.287  2.469   9.145   1.00 61.36 ? 3   GLU A O   1 
ATOM   5    C  CB  . GLU A 1 3   ? 32.258  1.016   11.123  1.00 66.92 ? 3   GLU A CB  1 
ATOM   6    N  N   . ASP A 1 4   ? 29.633  0.318   9.213   1.00 61.49 ? 4   ASP A N   1 
ATOM   7    C  CA  . ASP A 1 4   ? 29.053  0.306   7.868   1.00 59.22 ? 4   ASP A CA  1 
ATOM   8    C  C   . ASP A 1 4   ? 27.772  1.170   7.868   1.00 55.46 ? 4   ASP A C   1 
ATOM   9    O  O   . ASP A 1 4   ? 26.913  1.014   8.743   1.00 55.63 ? 4   ASP A O   1 
ATOM   10   C  CB  . ASP A 1 4   ? 28.780  -1.168  7.472   1.00 64.79 ? 4   ASP A CB  1 
ATOM   11   C  CG  . ASP A 1 4   ? 27.814  -1.322  6.291   1.00 71.19 ? 4   ASP A CG  1 
ATOM   12   O  OD1 . ASP A 1 4   ? 28.246  -1.805  5.214   1.00 74.94 ? 4   ASP A OD1 1 
ATOM   13   O  OD2 . ASP A 1 4   ? 26.616  -0.984  6.448   1.00 71.93 ? 4   ASP A OD2 1 
ATOM   14   N  N   . LEU A 1 5   ? 27.662  2.090   6.906   1.00 47.53 ? 5   LEU A N   1 
ATOM   15   C  CA  . LEU A 1 5   ? 26.496  2.979   6.797   1.00 42.83 ? 5   LEU A CA  1 
ATOM   16   C  C   . LEU A 1 5   ? 25.172  2.237   6.588   1.00 37.64 ? 5   LEU A C   1 
ATOM   17   O  O   . LEU A 1 5   ? 25.146  1.115   6.106   1.00 35.22 ? 5   LEU A O   1 
ATOM   18   C  CB  . LEU A 1 5   ? 26.689  3.978   5.660   1.00 44.12 ? 5   LEU A CB  1 
ATOM   19   C  CG  . LEU A 1 5   ? 27.819  4.990   5.815   1.00 47.12 ? 5   LEU A CG  1 
ATOM   20   C  CD1 . LEU A 1 5   ? 27.821  5.919   4.613   1.00 49.78 ? 5   LEU A CD1 1 
ATOM   21   C  CD2 . LEU A 1 5   ? 27.634  5.776   7.097   1.00 45.02 ? 5   LEU A CD2 1 
ATOM   22   N  N   . PRO A 1 6   ? 24.053  2.865   6.951   1.00 36.98 ? 6   PRO A N   1 
ATOM   23   C  CA  . PRO A 1 6   ? 22.747  2.212   6.785   1.00 34.29 ? 6   PRO A CA  1 
ATOM   24   C  C   . PRO A 1 6   ? 22.421  1.908   5.324   1.00 30.23 ? 6   PRO A C   1 
ATOM   25   O  O   . PRO A 1 6   ? 22.814  2.662   4.418   1.00 30.77 ? 6   PRO A O   1 
ATOM   26   C  CB  . PRO A 1 6   ? 21.769  3.237   7.362   1.00 35.79 ? 6   PRO A CB  1 
ATOM   27   C  CG  . PRO A 1 6   ? 22.583  3.962   8.374   1.00 38.99 ? 6   PRO A CG  1 
ATOM   28   C  CD  . PRO A 1 6   ? 23.907  4.151   7.653   1.00 38.50 ? 6   PRO A CD  1 
ATOM   29   N  N   . LYS A 1 7   ? 21.731  0.795   5.100   1.00 24.01 ? 7   LYS A N   1 
ATOM   30   C  CA  . LYS A 1 7   ? 21.306  0.452   3.753   1.00 20.94 ? 7   LYS A CA  1 
ATOM   31   C  C   . LYS A 1 7   ? 20.180  1.429   3.359   1.00 20.65 ? 7   LYS A C   1 
ATOM   32   O  O   . LYS A 1 7   ? 19.585  2.126   4.206   1.00 19.39 ? 7   LYS A O   1 
ATOM   33   C  CB  . LYS A 1 7   ? 20.774  -0.983  3.708   1.00 25.66 ? 7   LYS A CB  1 
ATOM   34   C  CG  . LYS A 1 7   ? 19.451  -1.185  4.410   1.00 27.94 ? 7   LYS A CG  1 
ATOM   35   C  CD  . LYS A 1 7   ? 18.980  -2.633  4.292   1.00 30.45 ? 7   LYS A CD  1 
ATOM   36   C  CE  . LYS A 1 7   ? 19.825  -3.535  5.151   1.00 36.86 ? 7   LYS A CE  1 
ATOM   37   N  NZ  . LYS A 1 7   ? 19.353  -4.944  5.077   1.00 43.63 ? 7   LYS A NZ  1 
ATOM   38   N  N   . ALA A 1 8   ? 19.899  1.485   2.071   1.00 17.24 ? 8   ALA A N   1 
ATOM   39   C  CA  . ALA A 1 8   ? 18.838  2.353   1.579   1.00 19.36 ? 8   ALA A CA  1 
ATOM   40   C  C   . ALA A 1 8   ? 17.499  1.799   2.037   1.00 18.10 ? 8   ALA A C   1 
ATOM   41   O  O   . ALA A 1 8   ? 17.389  0.608   2.396   1.00 19.36 ? 8   ALA A O   1 
ATOM   42   C  CB  . ALA A 1 8   ? 18.905  2.410   0.079   1.00 16.28 ? 8   ALA A CB  1 
ATOM   43   N  N   . VAL A 1 9   ? 16.461  2.642   2.029   1.00 17.31 ? 9   VAL A N   1 
ATOM   44   C  CA  . VAL A 1 9   ? 15.121  2.201   2.439   1.00 15.70 ? 9   VAL A CA  1 
ATOM   45   C  C   . VAL A 1 9   ? 14.104  2.681   1.379   1.00 14.74 ? 9   VAL A C   1 
ATOM   46   O  O   . VAL A 1 9   ? 14.173  3.814   0.892   1.00 16.47 ? 9   VAL A O   1 
ATOM   47   C  CB  . VAL A 1 9   ? 14.688  2.809   3.816   1.00 20.80 ? 9   VAL A CB  1 
ATOM   48   C  CG1 . VAL A 1 9   ? 13.273  2.315   4.194   1.00 19.09 ? 9   VAL A CG1 1 
ATOM   49   C  CG2 . VAL A 1 9   ? 15.671  2.382   4.899   1.00 20.53 ? 9   VAL A CG2 1 
ATOM   50   N  N   . VAL A 1 10  ? 13.194  1.795   1.007   1.00 19.20 ? 10  VAL A N   1 
ATOM   51   C  CA  . VAL A 1 10  ? 12.163  2.136   0.038   1.00 18.31 ? 10  VAL A CA  1 
ATOM   52   C  C   . VAL A 1 10  ? 10.894  2.504   0.803   1.00 17.79 ? 10  VAL A C   1 
ATOM   53   O  O   . VAL A 1 10  ? 10.545  1.828   1.772   1.00 18.56 ? 10  VAL A O   1 
ATOM   54   C  CB  . VAL A 1 10  ? 11.825  0.930   -0.881  1.00 14.72 ? 10  VAL A CB  1 
ATOM   55   C  CG1 . VAL A 1 10  ? 10.574  1.246   -1.732  1.00 15.74 ? 10  VAL A CG1 1 
ATOM   56   C  CG2 . VAL A 1 10  ? 12.993  0.627   -1.813  1.00 16.48 ? 10  VAL A CG2 1 
ATOM   57   N  N   . PHE A 1 11  ? 10.201  3.557   0.361   1.00 16.05 ? 11  PHE A N   1 
ATOM   58   C  CA  . PHE A 1 11  ? 8.925   3.945   0.962   1.00 18.24 ? 11  PHE A CA  1 
ATOM   59   C  C   . PHE A 1 11  ? 7.946   4.194   -0.185  1.00 16.31 ? 11  PHE A C   1 
ATOM   60   O  O   . PHE A 1 11  ? 8.343   4.646   -1.267  1.00 18.18 ? 11  PHE A O   1 
ATOM   61   C  CB  . PHE A 1 11  ? 9.029   5.256   1.767   1.00 20.80 ? 11  PHE A CB  1 
ATOM   62   C  CG  . PHE A 1 11  ? 9.872   5.166   2.999   1.00 28.90 ? 11  PHE A CG  1 
ATOM   63   C  CD1 . PHE A 1 11  ? 11.219  5.550   2.978   1.00 32.40 ? 11  PHE A CD1 1 
ATOM   64   C  CD2 . PHE A 1 11  ? 9.325   4.693   4.197   1.00 33.82 ? 11  PHE A CD2 1 
ATOM   65   C  CE1 . PHE A 1 11  ? 12.023  5.461   4.148   1.00 29.22 ? 11  PHE A CE1 1 
ATOM   66   C  CE2 . PHE A 1 11  ? 10.120  4.596   5.383   1.00 32.78 ? 11  PHE A CE2 1 
ATOM   67   C  CZ  . PHE A 1 11  ? 11.475  4.984   5.346   1.00 28.79 ? 11  PHE A CZ  1 
ATOM   68   N  N   . LEU A 1 12  ? 6.662   3.916   0.064   1.00 14.22 ? 12  LEU A N   1 
ATOM   69   C  CA  . LEU A 1 12  ? 5.610   4.151   -0.928  1.00 15.47 ? 12  LEU A CA  1 
ATOM   70   C  C   . LEU A 1 12  ? 4.791   5.381   -0.544  1.00 13.56 ? 12  LEU A C   1 
ATOM   71   O  O   . LEU A 1 12  ? 4.514   5.603   0.637   1.00 14.56 ? 12  LEU A O   1 
ATOM   72   C  CB  . LEU A 1 12  ? 4.647   2.954   -0.961  1.00 15.25 ? 12  LEU A CB  1 
ATOM   73   C  CG  . LEU A 1 12  ? 5.171   1.557   -1.280  1.00 16.12 ? 12  LEU A CG  1 
ATOM   74   C  CD1 . LEU A 1 12  ? 4.005   0.531   -1.176  1.00 14.79 ? 12  LEU A CD1 1 
ATOM   75   C  CD2 . LEU A 1 12  ? 5.755   1.558   -2.692  1.00 22.20 ? 12  LEU A CD2 1 
ATOM   76   N  N   . GLU A 1 13  ? 4.448   6.213   -1.521  1.00 14.51 ? 13  GLU A N   1 
ATOM   77   C  CA  . GLU A 1 13  ? 3.572   7.341   -1.270  1.00 16.78 ? 13  GLU A CA  1 
ATOM   78   C  C   . GLU A 1 13  ? 2.495   7.311   -2.376  1.00 16.10 ? 13  GLU A C   1 
ATOM   79   O  O   . GLU A 1 13  ? 2.814   7.366   -3.553  1.00 14.88 ? 13  GLU A O   1 
ATOM   80   C  CB  . GLU A 1 13  ? 4.342   8.667   -1.322  1.00 21.03 ? 13  GLU A CB  1 
ATOM   81   C  CG  . GLU A 1 13  ? 3.460   9.895   -1.132  1.00 32.49 ? 13  GLU A CG  1 
ATOM   82   C  CD  . GLU A 1 13  ? 2.547   9.824   0.090   1.00 41.82 ? 13  GLU A CD  1 
ATOM   83   O  OE1 . GLU A 1 13  ? 2.962   9.289   1.142   1.00 47.96 ? 13  GLU A OE1 1 
ATOM   84   O  OE2 . GLU A 1 13  ? 1.405   10.332  0.001   1.00 42.77 ? 13  GLU A OE2 1 
ATOM   85   N  N   . PRO A 1 14  ? 1.209   7.131   -2.013  1.00 14.68 ? 14  PRO A N   1 
ATOM   86   C  CA  . PRO A 1 14  ? 0.693   6.937   -0.649  1.00 15.90 ? 14  PRO A CA  1 
ATOM   87   C  C   . PRO A 1 14  ? 1.164   5.578   -0.144  1.00 16.38 ? 14  PRO A C   1 
ATOM   88   O  O   . PRO A 1 14  ? 1.697   4.757   -0.931  1.00 13.59 ? 14  PRO A O   1 
ATOM   89   C  CB  . PRO A 1 14  ? -0.837  7.039   -0.836  1.00 18.91 ? 14  PRO A CB  1 
ATOM   90   C  CG  . PRO A 1 14  ? -1.055  6.603   -2.229  1.00 20.05 ? 14  PRO A CG  1 
ATOM   91   C  CD  . PRO A 1 14  ? 0.105   7.265   -2.981  1.00 16.74 ? 14  PRO A CD  1 
ATOM   92   N  N   . GLN A 1 15  ? 0.950   5.321   1.149   1.00 13.24 ? 15  GLN A N   1 
ATOM   93   C  CA  . GLN A 1 15  ? 1.447   4.111   1.814   1.00 14.08 ? 15  GLN A CA  1 
ATOM   94   C  C   . GLN A 1 15  ? 0.862   2.736   1.412   1.00 15.31 ? 15  GLN A C   1 
ATOM   95   O  O   . GLN A 1 15  ? 1.447   1.694   1.743   1.00 17.68 ? 15  GLN A O   1 
ATOM   96   C  CB  . GLN A 1 15  ? 1.251   4.307   3.319   1.00 18.15 ? 15  GLN A CB  1 
ATOM   97   C  CG  . GLN A 1 15  ? -0.261  4.557   3.612   1.00 29.65 ? 15  GLN A CG  1 
ATOM   98   C  CD  . GLN A 1 15  ? -0.600  4.920   5.049   1.00 34.02 ? 15  GLN A CD  1 
ATOM   99   O  OE1 . GLN A 1 15  ? -1.582  5.644   5.318   1.00 31.01 ? 15  GLN A OE1 1 
ATOM   100  N  NE2 . GLN A 1 15  ? 0.186   4.402   5.984   1.00 32.25 ? 15  GLN A NE2 1 
ATOM   101  N  N   . TRP A 1 16  ? -0.256  2.728   0.708   1.00 12.90 ? 16  TRP A N   1 
ATOM   102  C  CA  . TRP A 1 16  ? -0.920  1.467   0.358   1.00 15.12 ? 16  TRP A CA  1 
ATOM   103  C  C   . TRP A 1 16  ? -0.026  0.508   -0.427  1.00 13.90 ? 16  TRP A C   1 
ATOM   104  O  O   . TRP A 1 16  ? 0.449   0.842   -1.516  1.00 13.42 ? 16  TRP A O   1 
ATOM   105  C  CB  . TRP A 1 16  ? -2.191  1.746   -0.431  1.00 13.50 ? 16  TRP A CB  1 
ATOM   106  C  CG  . TRP A 1 16  ? -2.950  2.962   0.070   1.00 12.11 ? 16  TRP A CG  1 
ATOM   107  C  CD1 . TRP A 1 16  ? -3.233  4.086   -0.646  1.00 11.27 ? 16  TRP A CD1 1 
ATOM   108  C  CD2 . TRP A 1 16  ? -3.480  3.182   1.391   1.00 14.33 ? 16  TRP A CD2 1 
ATOM   109  N  NE1 . TRP A 1 16  ? -3.902  4.988   0.138   1.00 14.63 ? 16  TRP A NE1 1 
ATOM   110  C  CE2 . TRP A 1 16  ? -4.068  4.467   1.392   1.00 17.96 ? 16  TRP A CE2 1 
ATOM   111  C  CE3 . TRP A 1 16  ? -3.502  2.418   2.570   1.00 14.96 ? 16  TRP A CE3 1 
ATOM   112  C  CZ2 . TRP A 1 16  ? -4.689  5.025   2.544   1.00 17.22 ? 16  TRP A CZ2 1 
ATOM   113  C  CZ3 . TRP A 1 16  ? -4.117  2.957   3.714   1.00 17.98 ? 16  TRP A CZ3 1 
ATOM   114  C  CH2 . TRP A 1 16  ? -4.707  4.260   3.682   1.00 16.07 ? 16  TRP A CH2 1 
ATOM   115  N  N   . TYR A 1 17  ? 0.157   -0.688  0.117   1.00 13.60 ? 17  TYR A N   1 
ATOM   116  C  CA  . TYR A 1 17  ? 0.999   -1.702  -0.539  1.00 15.52 ? 17  TYR A CA  1 
ATOM   117  C  C   . TYR A 1 17  ? 0.204   -2.366  -1.675  1.00 12.45 ? 17  TYR A C   1 
ATOM   118  O  O   . TYR A 1 17  ? 0.776   -2.988  -2.566  1.00 15.63 ? 17  TYR A O   1 
ATOM   119  C  CB  . TYR A 1 17  ? 1.474   -2.766  0.468   1.00 14.05 ? 17  TYR A CB  1 
ATOM   120  C  CG  . TYR A 1 17  ? 0.375   -3.601  1.056   1.00 20.78 ? 17  TYR A CG  1 
ATOM   121  C  CD1 . TYR A 1 17  ? -0.125  -4.709  0.365   1.00 26.52 ? 17  TYR A CD1 1 
ATOM   122  C  CD2 . TYR A 1 17  ? -0.210  -3.259  2.282   1.00 19.57 ? 17  TYR A CD2 1 
ATOM   123  C  CE1 . TYR A 1 17  ? -1.179  -5.451  0.872   1.00 26.70 ? 17  TYR A CE1 1 
ATOM   124  C  CE2 . TYR A 1 17  ? -1.264  -3.988  2.791   1.00 25.07 ? 17  TYR A CE2 1 
ATOM   125  C  CZ  . TYR A 1 17  ? -1.748  -5.078  2.082   1.00 28.70 ? 17  TYR A CZ  1 
ATOM   126  O  OH  . TYR A 1 17  ? -2.834  -5.779  2.561   1.00 28.69 ? 17  TYR A OH  1 
ATOM   127  N  N   . SER A 1 18  ? -1.124  -2.261  -1.630  1.00 12.27 ? 18  SER A N   1 
ATOM   128  C  CA  . SER A 1 18  ? -1.915  -2.849  -2.721  1.00 17.75 ? 18  SER A CA  1 
ATOM   129  C  C   . SER A 1 18  ? -2.662  -1.688  -3.374  1.00 17.14 ? 18  SER A C   1 
ATOM   130  O  O   . SER A 1 18  ? -3.181  -0.780  -2.694  1.00 15.42 ? 18  SER A O   1 
ATOM   131  C  CB  . SER A 1 18  ? -2.892  -3.928  -2.212  1.00 20.04 ? 18  SER A CB  1 
ATOM   132  O  OG  . SER A 1 18  ? -3.904  -3.321  -1.445  1.00 31.02 ? 18  SER A OG  1 
ATOM   133  N  N   . VAL A 1 19  ? -2.693  -1.701  -4.697  1.00 12.18 ? 19  VAL A N   1 
ATOM   134  C  CA  . VAL A 1 19  ? -3.342  -0.626  -5.444  1.00 11.81 ? 19  VAL A CA  1 
ATOM   135  C  C   . VAL A 1 19  ? -4.099  -1.229  -6.590  1.00 10.03 ? 19  VAL A C   1 
ATOM   136  O  O   . VAL A 1 19  ? -3.941  -2.401  -6.894  1.00 12.12 ? 19  VAL A O   1 
ATOM   137  C  CB  . VAL A 1 19  ? -2.313  0.347   -6.032  1.00 11.95 ? 19  VAL A CB  1 
ATOM   138  C  CG1 . VAL A 1 19  ? -1.461  0.923   -4.900  1.00 17.14 ? 19  VAL A CG1 1 
ATOM   139  C  CG2 . VAL A 1 19  ? -1.397  -0.388  -7.041  1.00 10.75 ? 19  VAL A CG2 1 
ATOM   140  N  N   . LEU A 1 20  ? -4.943  -0.416  -7.210  1.00 10.83 ? 20  LEU A N   1 
ATOM   141  C  CA  . LEU A 1 20  ? -5.703  -0.863  -8.360  1.00 10.21 ? 20  LEU A CA  1 
ATOM   142  C  C   . LEU A 1 20  ? -4.996  -0.396  -9.618  1.00 11.71 ? 20  LEU A C   1 
ATOM   143  O  O   . LEU A 1 20  ? -4.232  0.577   -9.568  1.00 13.32 ? 20  LEU A O   1 
ATOM   144  C  CB  . LEU A 1 20  ? -7.133  -0.280  -8.326  1.00 10.36 ? 20  LEU A CB  1 
ATOM   145  C  CG  . LEU A 1 20  ? -8.118  -0.881  -7.335  1.00 11.51 ? 20  LEU A CG  1 
ATOM   146  C  CD1 . LEU A 1 20  ? -9.371  -0.008  -7.207  1.00 10.67 ? 20  LEU A CD1 1 
ATOM   147  C  CD2 . LEU A 1 20  ? -8.543  -2.241  -7.848  1.00 9.38  ? 20  LEU A CD2 1 
ATOM   148  N  N   . GLU A 1 21  ? -5.183  -1.130  -10.738 1.00 11.34 ? 21  GLU A N   1 
ATOM   149  C  CA  . GLU A 1 21  ? -4.655  -0.652  -11.995 1.00 13.65 ? 21  GLU A CA  1 
ATOM   150  C  C   . GLU A 1 21  ? -5.165  0.771   -12.214 1.00 13.10 ? 21  GLU A C   1 
ATOM   151  O  O   . GLU A 1 21  ? -6.276  1.096   -11.838 1.00 13.33 ? 21  GLU A O   1 
ATOM   152  C  CB  . GLU A 1 21  ? -5.103  -1.539  -13.181 1.00 11.39 ? 21  GLU A CB  1 
ATOM   153  C  CG  . GLU A 1 21  ? -4.191  -2.674  -13.386 1.00 12.23 ? 21  GLU A CG  1 
ATOM   154  C  CD  . GLU A 1 21  ? -4.070  -3.077  -14.855 1.00 14.13 ? 21  GLU A CD  1 
ATOM   155  O  OE1 . GLU A 1 21  ? -4.714  -2.470  -15.717 1.00 15.14 ? 21  GLU A OE1 1 
ATOM   156  O  OE2 . GLU A 1 21  ? -3.300  -4.012  -15.149 1.00 14.36 ? 21  GLU A OE2 1 
ATOM   157  N  N   . LYS A 1 22  ? -4.310  1.602   -12.817 1.00 13.08 ? 22  LYS A N   1 
ATOM   158  C  CA  . LYS A 1 22  ? -4.543  3.020   -13.124 1.00 10.69 ? 22  LYS A CA  1 
ATOM   159  C  C   . LYS A 1 22  ? -4.213  3.906   -11.940 1.00 13.52 ? 22  LYS A C   1 
ATOM   160  O  O   . LYS A 1 22  ? -4.132  5.106   -12.110 1.00 11.55 ? 22  LYS A O   1 
ATOM   161  C  CB  . LYS A 1 22  ? -5.968  3.331   -13.628 1.00 11.37 ? 22  LYS A CB  1 
ATOM   162  C  CG  . LYS A 1 22  ? -6.271  2.653   -14.984 1.00 12.16 ? 22  LYS A CG  1 
ATOM   163  C  CD  . LYS A 1 22  ? -7.601  3.095   -15.576 1.00 14.76 ? 22  LYS A CD  1 
ATOM   164  C  CE  . LYS A 1 22  ? -7.729  2.580   -17.005 1.00 14.60 ? 22  LYS A CE  1 
ATOM   165  N  NZ  . LYS A 1 22  ? -8.945  3.214   -17.618 1.00 17.32 ? 22  LYS A NZ  1 
ATOM   166  N  N   . ASP A 1 23  ? -4.007  3.334   -10.752 1.00 12.52 ? 23  ASP A N   1 
ATOM   167  C  CA  . ASP A 1 23  ? -3.625  4.169   -9.619  1.00 11.78 ? 23  ASP A CA  1 
ATOM   168  C  C   . ASP A 1 23  ? -2.189  4.689   -9.809  1.00 14.26 ? 23  ASP A C   1 
ATOM   169  O  O   . ASP A 1 23  ? -1.379  4.046   -10.463 1.00 12.24 ? 23  ASP A O   1 
ATOM   170  C  CB  . ASP A 1 23  ? -3.605  3.381   -8.296  1.00 13.82 ? 23  ASP A CB  1 
ATOM   171  C  CG  . ASP A 1 23  ? -4.995  3.122   -7.712  1.00 11.10 ? 23  ASP A CG  1 
ATOM   172  O  OD1 . ASP A 1 23  ? -6.018  3.673   -8.207  1.00 12.54 ? 23  ASP A OD1 1 
ATOM   173  O  OD2 . ASP A 1 23  ? -5.025  2.348   -6.732  1.00 12.55 ? 23  ASP A OD2 1 
ATOM   174  N  N   . SER A 1 24  ? -1.859  5.834   -9.200  1.00 12.71 ? 24  SER A N   1 
ATOM   175  C  CA  . SER A 1 24  ? -0.487  6.323   -9.272  1.00 10.92 ? 24  SER A CA  1 
ATOM   176  C  C   . SER A 1 24  ? 0.219   5.916   -7.970  1.00 14.66 ? 24  SER A C   1 
ATOM   177  O  O   . SER A 1 24  ? -0.378  5.959   -6.864  1.00 16.76 ? 24  SER A O   1 
ATOM   178  C  CB  . SER A 1 24  ? -0.463  7.864   -9.353  1.00 14.40 ? 24  SER A CB  1 
ATOM   179  O  OG  . SER A 1 24  ? -1.026  8.307   -10.587 1.00 17.14 ? 24  SER A OG  1 
ATOM   180  N  N   . VAL A 1 25  ? 1.490   5.534   -8.076  1.00 15.50 ? 25  VAL A N   1 
ATOM   181  C  CA  . VAL A 1 25  ? 2.265   5.178   -6.891  1.00 16.64 ? 25  VAL A CA  1 
ATOM   182  C  C   . VAL A 1 25  ? 3.621   5.843   -7.015  1.00 13.63 ? 25  VAL A C   1 
ATOM   183  O  O   . VAL A 1 25  ? 4.209   5.838   -8.104  1.00 13.51 ? 25  VAL A O   1 
ATOM   184  C  CB  . VAL A 1 25  ? 2.508   3.626   -6.825  1.00 19.69 ? 25  VAL A CB  1 
ATOM   185  C  CG1 . VAL A 1 25  ? 3.323   3.274   -5.554  1.00 23.16 ? 25  VAL A CG1 1 
ATOM   186  C  CG2 . VAL A 1 25  ? 1.163   2.888   -6.815  1.00 28.19 ? 25  VAL A CG2 1 
ATOM   187  N  N   . THR A 1 26  ? 4.136   6.409   -5.922  1.00 11.17 ? 26  THR A N   1 
ATOM   188  C  CA  . THR A 1 26  ? 5.486   6.982   -5.987  1.00 14.26 ? 26  THR A CA  1 
ATOM   189  C  C   . THR A 1 26  ? 6.370   6.145   -5.071  1.00 16.34 ? 26  THR A C   1 
ATOM   190  O  O   . THR A 1 26  ? 6.065   5.982   -3.899  1.00 14.45 ? 26  THR A O   1 
ATOM   191  C  CB  . THR A 1 26  ? 5.541   8.448   -5.493  1.00 17.95 ? 26  THR A CB  1 
ATOM   192  O  OG1 . THR A 1 26  ? 4.685   9.264   -6.305  1.00 15.35 ? 26  THR A OG1 1 
ATOM   193  C  CG2 . THR A 1 26  ? 6.972   8.989   -5.577  1.00 17.59 ? 26  THR A CG2 1 
ATOM   194  N  N   . LEU A 1 27  ? 7.446   5.592   -5.622  1.00 15.62 ? 27  LEU A N   1 
ATOM   195  C  CA  . LEU A 1 27  ? 8.402   4.812   -4.833  1.00 15.19 ? 27  LEU A CA  1 
ATOM   196  C  C   . LEU A 1 27  ? 9.524   5.805   -4.459  1.00 14.04 ? 27  LEU A C   1 
ATOM   197  O  O   . LEU A 1 27  ? 10.142  6.418   -5.340  1.00 16.85 ? 27  LEU A O   1 
ATOM   198  C  CB  . LEU A 1 27  ? 8.968   3.662   -5.692  1.00 17.12 ? 27  LEU A CB  1 
ATOM   199  C  CG  . LEU A 1 27  ? 8.171   2.487   -6.297  1.00 30.62 ? 27  LEU A CG  1 
ATOM   200  C  CD1 . LEU A 1 27  ? 7.939   1.386   -5.251  1.00 30.25 ? 27  LEU A CD1 1 
ATOM   201  C  CD2 . LEU A 1 27  ? 6.890   2.949   -6.888  1.00 28.30 ? 27  LEU A CD2 1 
ATOM   202  N  N   . LYS A 1 28  ? 9.777   5.988   -3.167  1.00 15.85 ? 28  LYS A N   1 
ATOM   203  C  CA  . LYS A 1 28  ? 10.833  6.914   -2.733  1.00 16.03 ? 28  LYS A CA  1 
ATOM   204  C  C   . LYS A 1 28  ? 11.992  6.139   -2.145  1.00 16.09 ? 28  LYS A C   1 
ATOM   205  O  O   . LYS A 1 28  ? 11.787  5.100   -1.500  1.00 17.93 ? 28  LYS A O   1 
ATOM   206  C  CB  . LYS A 1 28  ? 10.257  7.874   -1.706  1.00 18.11 ? 28  LYS A CB  1 
ATOM   207  C  CG  . LYS A 1 28  ? 9.258   8.869   -2.323  1.00 29.65 ? 28  LYS A CG  1 
ATOM   208  C  CD  . LYS A 1 28  ? 8.611   9.786   -1.272  1.00 33.28 ? 28  LYS A CD  1 
ATOM   209  C  CE  . LYS A 1 28  ? 7.778   10.912  -1.901  1.00 42.08 ? 28  LYS A CE  1 
ATOM   210  N  NZ  . LYS A 1 28  ? 8.584   11.824  -2.784  1.00 45.30 ? 28  LYS A NZ  1 
ATOM   211  N  N   . CYS A 1 29  ? 13.206  6.617   -2.398  1.00 15.72 ? 29  CYS A N   1 
ATOM   212  C  CA  . CYS A 1 29  ? 14.396  5.955   -1.877  1.00 17.40 ? 29  CYS A CA  1 
ATOM   213  C  C   . CYS A 1 29  ? 15.081  6.835   -0.861  1.00 22.36 ? 29  CYS A C   1 
ATOM   214  O  O   . CYS A 1 29  ? 15.515  7.951   -1.163  1.00 21.32 ? 29  CYS A O   1 
ATOM   215  C  CB  . CYS A 1 29  ? 15.383  5.643   -2.991  1.00 18.65 ? 29  CYS A CB  1 
ATOM   216  S  SG  . CYS A 1 29  ? 16.783  4.621   -2.418  1.00 22.77 ? 29  CYS A SG  1 
ATOM   217  N  N   . GLN A 1 30  ? 15.157  6.345   0.363   1.00 22.02 ? 30  GLN A N   1 
ATOM   218  C  CA  . GLN A 1 30  ? 15.822  7.103   1.411   1.00 22.81 ? 30  GLN A CA  1 
ATOM   219  C  C   . GLN A 1 30  ? 17.277  6.625   1.414   1.00 24.91 ? 30  GLN A C   1 
ATOM   220  O  O   . GLN A 1 30  ? 17.536  5.472   1.724   1.00 22.07 ? 30  GLN A O   1 
ATOM   221  C  CB  . GLN A 1 30  ? 15.174  6.795   2.753   1.00 27.74 ? 30  GLN A CB  1 
ATOM   222  C  CG  . GLN A 1 30  ? 15.833  7.486   3.925   1.00 33.77 ? 30  GLN A CG  1 
ATOM   223  C  CD  . GLN A 1 30  ? 15.369  6.933   5.259   1.00 37.93 ? 30  GLN A CD  1 
ATOM   224  O  OE1 . GLN A 1 30  ? 15.805  5.855   5.690   1.00 44.33 ? 30  GLN A OE1 1 
ATOM   225  N  NE2 . GLN A 1 30  ? 14.473  7.655   5.913   1.00 32.79 ? 30  GLN A NE2 1 
ATOM   226  N  N   . GLY A 1 31  ? 18.208  7.514   1.082   1.00 24.21 ? 31  GLY A N   1 
ATOM   227  C  CA  . GLY A 1 31  ? 19.617  7.136   1.049   1.00 28.71 ? 31  GLY A CA  1 
ATOM   228  C  C   . GLY A 1 31  ? 20.541  8.348   0.950   1.00 29.67 ? 31  GLY A C   1 
ATOM   229  O  O   . GLY A 1 31  ? 20.079  9.479   0.776   1.00 30.70 ? 31  GLY A O   1 
ATOM   230  N  N   . ALA A 1 32  ? 21.844  8.114   1.074   1.00 27.72 ? 32  ALA A N   1 
ATOM   231  C  CA  . ALA A 1 32  ? 22.836  9.189   1.019   1.00 29.80 ? 32  ALA A CA  1 
ATOM   232  C  C   . ALA A 1 32  ? 23.630  9.126   -0.286  1.00 33.13 ? 32  ALA A C   1 
ATOM   233  O  O   . ALA A 1 32  ? 23.730  8.059   -0.927  1.00 28.26 ? 32  ALA A O   1 
ATOM   234  C  CB  . ALA A 1 32  ? 23.771  9.089   2.243   1.00 27.70 ? 32  ALA A CB  1 
ATOM   235  N  N   . TYR A 1 33  ? 24.192  10.271  -0.682  1.00 32.49 ? 33  TYR A N   1 
ATOM   236  C  CA  . TYR A 1 33  ? 24.941  10.363  -1.926  1.00 33.66 ? 33  TYR A CA  1 
ATOM   237  C  C   . TYR A 1 33  ? 26.310  10.989  -1.694  1.00 36.64 ? 33  TYR A C   1 
ATOM   238  O  O   . TYR A 1 33  ? 26.487  11.801  -0.784  1.00 35.15 ? 33  TYR A O   1 
ATOM   239  C  CB  . TYR A 1 33  ? 24.168  11.226  -2.943  1.00 36.49 ? 33  TYR A CB  1 
ATOM   240  C  CG  . TYR A 1 33  ? 22.739  10.779  -3.155  1.00 38.20 ? 33  TYR A CG  1 
ATOM   241  C  CD1 . TYR A 1 33  ? 21.684  11.383  -2.473  1.00 40.62 ? 33  TYR A CD1 1 
ATOM   242  C  CD2 . TYR A 1 33  ? 22.454  9.696   -3.981  1.00 43.48 ? 33  TYR A CD2 1 
ATOM   243  C  CE1 . TYR A 1 33  ? 20.375  10.911  -2.602  1.00 42.24 ? 33  TYR A CE1 1 
ATOM   244  C  CE2 . TYR A 1 33  ? 21.153  9.219   -4.114  1.00 47.75 ? 33  TYR A CE2 1 
ATOM   245  C  CZ  . TYR A 1 33  ? 20.121  9.826   -3.422  1.00 46.47 ? 33  TYR A CZ  1 
ATOM   246  O  OH  . TYR A 1 33  ? 18.846  9.314   -3.541  1.00 51.63 ? 33  TYR A OH  1 
ATOM   247  N  N   . SER A 1 34  ? 27.283  10.601  -2.506  1.00 34.55 ? 34  SER A N   1 
ATOM   248  C  CA  . SER A 1 34  ? 28.613  11.188  -2.374  1.00 36.50 ? 34  SER A CA  1 
ATOM   249  C  C   . SER A 1 34  ? 28.616  12.425  -3.282  1.00 40.68 ? 34  SER A C   1 
ATOM   250  O  O   . SER A 1 34  ? 27.798  12.544  -4.199  1.00 36.60 ? 34  SER A O   1 
ATOM   251  C  CB  . SER A 1 34  ? 29.681  10.202  -2.826  1.00 33.99 ? 34  SER A CB  1 
ATOM   252  O  OG  . SER A 1 34  ? 29.700  10.096  -4.237  1.00 33.18 ? 34  SER A OG  1 
ATOM   253  N  N   . PRO A 1 35  ? 29.546  13.358  -3.045  1.00 42.82 ? 35  PRO A N   1 
ATOM   254  C  CA  . PRO A 1 35  ? 29.613  14.568  -3.866  1.00 43.08 ? 35  PRO A CA  1 
ATOM   255  C  C   . PRO A 1 35  ? 29.654  14.311  -5.373  1.00 41.98 ? 35  PRO A C   1 
ATOM   256  O  O   . PRO A 1 35  ? 29.016  15.023  -6.143  1.00 42.52 ? 35  PRO A O   1 
ATOM   257  C  CB  . PRO A 1 35  ? 30.888  15.255  -3.364  1.00 46.64 ? 35  PRO A CB  1 
ATOM   258  C  CG  . PRO A 1 35  ? 30.961  14.838  -1.923  1.00 48.61 ? 35  PRO A CG  1 
ATOM   259  C  CD  . PRO A 1 35  ? 30.576  13.370  -1.989  1.00 47.06 ? 35  PRO A CD  1 
ATOM   260  N  N   . GLU A 1 36  ? 30.379  13.282  -5.796  1.00 40.31 ? 36  GLU A N   1 
ATOM   261  C  CA  . GLU A 1 36  ? 30.519  13.005  -7.223  1.00 41.87 ? 36  GLU A CA  1 
ATOM   262  C  C   . GLU A 1 36  ? 29.568  11.997  -7.851  1.00 39.39 ? 36  GLU A C   1 
ATOM   263  O  O   . GLU A 1 36  ? 29.671  11.695  -9.040  1.00 39.12 ? 36  GLU A O   1 
ATOM   264  C  CB  . GLU A 1 36  ? 31.962  12.588  -7.532  1.00 45.88 ? 36  GLU A CB  1 
ATOM   265  C  CG  . GLU A 1 36  ? 32.489  11.419  -6.705  1.00 53.15 ? 36  GLU A CG  1 
ATOM   266  C  CD  . GLU A 1 36  ? 32.556  11.724  -5.217  1.00 60.33 ? 36  GLU A CD  1 
ATOM   267  O  OE1 . GLU A 1 36  ? 33.114  12.780  -4.841  1.00 65.34 ? 36  GLU A OE1 1 
ATOM   268  O  OE2 . GLU A 1 36  ? 32.054  10.905  -4.416  1.00 67.26 ? 36  GLU A OE2 1 
ATOM   269  N  N   . ASP A 1 37  ? 28.638  11.481  -7.071  1.00 37.85 ? 37  ASP A N   1 
ATOM   270  C  CA  . ASP A 1 37  ? 27.693  10.512  -7.602  1.00 35.82 ? 37  ASP A CA  1 
ATOM   271  C  C   . ASP A 1 37  ? 26.421  10.517  -6.756  1.00 34.68 ? 37  ASP A C   1 
ATOM   272  O  O   . ASP A 1 37  ? 26.406  10.019  -5.631  1.00 33.34 ? 37  ASP A O   1 
ATOM   273  C  CB  . ASP A 1 37  ? 28.338  9.112   -7.608  1.00 34.99 ? 37  ASP A CB  1 
ATOM   274  C  CG  . ASP A 1 37  ? 27.414  8.034   -8.153  1.00 34.45 ? 37  ASP A CG  1 
ATOM   275  O  OD1 . ASP A 1 37  ? 26.264  8.357   -8.533  1.00 33.84 ? 37  ASP A OD1 1 
ATOM   276  O  OD2 . ASP A 1 37  ? 27.847  6.855   -8.211  1.00 29.41 ? 37  ASP A OD2 1 
ATOM   277  N  N   . ASN A 1 38  ? 25.368  11.123  -7.289  1.00 34.65 ? 38  ASN A N   1 
ATOM   278  C  CA  . ASN A 1 38  ? 24.107  11.169  -6.557  1.00 37.89 ? 38  ASN A CA  1 
ATOM   279  C  C   . ASN A 1 38  ? 23.038  10.394  -7.317  1.00 36.22 ? 38  ASN A C   1 
ATOM   280  O  O   . ASN A 1 38  ? 21.838  10.687  -7.210  1.00 35.78 ? 38  ASN A O   1 
ATOM   281  C  CB  . ASN A 1 38  ? 23.676  12.631  -6.309  1.00 40.85 ? 38  ASN A CB  1 
ATOM   282  C  CG  . ASN A 1 38  ? 23.754  13.483  -7.547  1.00 35.78 ? 38  ASN A CG  1 
ATOM   283  O  OD1 . ASN A 1 38  ? 24.150  14.650  -7.483  1.00 44.76 ? 38  ASN A OD1 1 
ATOM   284  N  ND2 . ASN A 1 38  ? 23.378  12.913  -8.688  1.00 35.37 ? 38  ASN A ND2 1 
ATOM   285  N  N   . SER A 1 39  ? 23.481  9.399   -8.090  1.00 28.11 ? 39  SER A N   1 
ATOM   286  C  CA  . SER A 1 39  ? 22.556  8.572   -8.855  1.00 27.17 ? 39  SER A CA  1 
ATOM   287  C  C   . SER A 1 39  ? 21.844  7.600   -7.895  1.00 26.76 ? 39  SER A C   1 
ATOM   288  O  O   . SER A 1 39  ? 22.367  7.298   -6.820  1.00 27.24 ? 39  SER A O   1 
ATOM   289  C  CB  . SER A 1 39  ? 23.325  7.764   -9.920  1.00 31.74 ? 39  SER A CB  1 
ATOM   290  O  OG  . SER A 1 39  ? 24.214  6.815   -9.327  1.00 31.07 ? 39  SER A OG  1 
ATOM   291  N  N   . THR A 1 40  ? 20.643  7.143   -8.261  1.00 25.48 ? 40  THR A N   1 
ATOM   292  C  CA  . THR A 1 40  ? 19.935  6.164   -7.430  1.00 21.66 ? 40  THR A CA  1 
ATOM   293  C  C   . THR A 1 40  ? 19.600  5.036   -8.365  1.00 18.70 ? 40  THR A C   1 
ATOM   294  O  O   . THR A 1 40  ? 19.241  5.255   -9.533  1.00 23.00 ? 40  THR A O   1 
ATOM   295  C  CB  . THR A 1 40  ? 18.610  6.717   -6.774  1.00 23.44 ? 40  THR A CB  1 
ATOM   296  O  OG1 . THR A 1 40  ? 18.939  7.683   -5.760  1.00 25.99 ? 40  THR A OG1 1 
ATOM   297  C  CG2 . THR A 1 40  ? 17.821  5.584   -6.083  1.00 20.84 ? 40  THR A CG2 1 
ATOM   298  N  N   . GLN A 1 41  ? 19.766  3.808   -7.909  1.00 16.86 ? 41  GLN A N   1 
ATOM   299  C  CA  . GLN A 1 41  ? 19.371  2.712   -8.758  1.00 18.10 ? 41  GLN A CA  1 
ATOM   300  C  C   . GLN A 1 41  ? 18.097  2.081   -8.191  1.00 20.28 ? 41  GLN A C   1 
ATOM   301  O  O   . GLN A 1 41  ? 18.013  1.818   -6.978  1.00 19.76 ? 41  GLN A O   1 
ATOM   302  C  CB  . GLN A 1 41  ? 20.452  1.635   -8.874  1.00 23.93 ? 41  GLN A CB  1 
ATOM   303  C  CG  . GLN A 1 41  ? 21.636  2.033   -9.748  1.00 27.78 ? 41  GLN A CG  1 
ATOM   304  C  CD  . GLN A 1 41  ? 22.547  3.017   -9.032  1.00 29.71 ? 41  GLN A CD  1 
ATOM   305  O  OE1 . GLN A 1 41  ? 22.739  4.172   -9.479  1.00 26.68 ? 41  GLN A OE1 1 
ATOM   306  N  NE2 . GLN A 1 41  ? 23.111  2.578   -7.912  1.00 23.82 ? 41  GLN A NE2 1 
ATOM   307  N  N   . TRP A 1 42  ? 17.129  1.836   -9.073  1.00 17.55 ? 42  TRP A N   1 
ATOM   308  C  CA  . TRP A 1 42  ? 15.868  1.194   -8.707  1.00 16.50 ? 42  TRP A CA  1 
ATOM   309  C  C   . TRP A 1 42  ? 15.788  -0.192  -9.338  1.00 17.86 ? 42  TRP A C   1 
ATOM   310  O  O   . TRP A 1 42  ? 16.176  -0.394  -10.498 1.00 20.40 ? 42  TRP A O   1 
ATOM   311  C  CB  . TRP A 1 42  ? 14.652  2.047   -9.190  1.00 13.94 ? 42  TRP A CB  1 
ATOM   312  C  CG  . TRP A 1 42  ? 14.312  3.139   -8.239  1.00 13.11 ? 42  TRP A CG  1 
ATOM   313  C  CD1 . TRP A 1 42  ? 14.706  4.428   -8.316  1.00 11.07 ? 42  TRP A CD1 1 
ATOM   314  C  CD2 . TRP A 1 42  ? 13.567  3.012   -6.994  1.00 17.93 ? 42  TRP A CD2 1 
ATOM   315  N  NE1 . TRP A 1 42  ? 14.267  5.127   -7.202  1.00 18.47 ? 42  TRP A NE1 1 
ATOM   316  C  CE2 . TRP A 1 42  ? 13.570  4.281   -6.377  1.00 17.03 ? 42  TRP A CE2 1 
ATOM   317  C  CE3 . TRP A 1 42  ? 12.913  1.945   -6.344  1.00 16.59 ? 42  TRP A CE3 1 
ATOM   318  C  CZ2 . TRP A 1 42  ? 12.938  4.526   -5.130  1.00 12.79 ? 42  TRP A CZ2 1 
ATOM   319  C  CZ3 . TRP A 1 42  ? 12.288  2.175   -5.099  1.00 16.75 ? 42  TRP A CZ3 1 
ATOM   320  C  CH2 . TRP A 1 42  ? 12.305  3.455   -4.505  1.00 14.40 ? 42  TRP A CH2 1 
ATOM   321  N  N   . PHE A 1 43  ? 15.259  -1.145  -8.587  1.00 15.34 ? 43  PHE A N   1 
ATOM   322  C  CA  . PHE A 1 43  ? 15.088  -2.502  -9.089  1.00 18.13 ? 43  PHE A CA  1 
ATOM   323  C  C   . PHE A 1 43  ? 13.658  -2.971  -8.865  1.00 20.44 ? 43  PHE A C   1 
ATOM   324  O  O   . PHE A 1 43  ? 13.069  -2.692  -7.813  1.00 17.86 ? 43  PHE A O   1 
ATOM   325  C  CB  . PHE A 1 43  ? 16.025  -3.512  -8.379  1.00 15.71 ? 43  PHE A CB  1 
ATOM   326  C  CG  . PHE A 1 43  ? 17.467  -3.161  -8.483  1.00 16.87 ? 43  PHE A CG  1 
ATOM   327  C  CD1 . PHE A 1 43  ? 18.058  -2.345  -7.532  1.00 13.61 ? 43  PHE A CD1 1 
ATOM   328  C  CD2 . PHE A 1 43  ? 18.218  -3.593  -9.579  1.00 16.52 ? 43  PHE A CD2 1 
ATOM   329  C  CE1 . PHE A 1 43  ? 19.389  -1.949  -7.672  1.00 15.02 ? 43  PHE A CE1 1 
ATOM   330  C  CE2 . PHE A 1 43  ? 19.558  -3.204  -9.725  1.00 19.68 ? 43  PHE A CE2 1 
ATOM   331  C  CZ  . PHE A 1 43  ? 20.140  -2.378  -8.769  1.00 15.60 ? 43  PHE A CZ  1 
ATOM   332  N  N   . HIS A 1 44  ? 13.127  -3.663  -9.876  1.00 16.11 ? 44  HIS A N   1 
ATOM   333  C  CA  . HIS A 1 44  ? 11.802  -4.290  -9.845  1.00 20.86 ? 44  HIS A CA  1 
ATOM   334  C  C   . HIS A 1 44  ? 12.107  -5.788  -10.022 1.00 18.05 ? 44  HIS A C   1 
ATOM   335  O  O   . HIS A 1 44  ? 12.543  -6.223  -11.106 1.00 21.07 ? 44  HIS A O   1 
ATOM   336  C  CB  . HIS A 1 44  ? 10.907  -3.778  -10.990 1.00 15.36 ? 44  HIS A CB  1 
ATOM   337  C  CG  . HIS A 1 44  ? 9.569   -4.460  -11.044 1.00 16.47 ? 44  HIS A CG  1 
ATOM   338  N  ND1 . HIS A 1 44  ? 8.857   -4.618  -12.210 1.00 17.13 ? 44  HIS A ND1 1 
ATOM   339  C  CD2 . HIS A 1 44  ? 8.856   -5.101  -10.082 1.00 17.96 ? 44  HIS A CD2 1 
ATOM   340  C  CE1 . HIS A 1 44  ? 7.766   -5.327  -11.975 1.00 23.47 ? 44  HIS A CE1 1 
ATOM   341  N  NE2 . HIS A 1 44  ? 7.738   -5.636  -10.693 1.00 19.37 ? 44  HIS A NE2 1 
ATOM   342  N  N   . ASN A 1 45  ? 11.875  -6.575  -8.981  1.00 17.33 ? 45  ASN A N   1 
ATOM   343  C  CA  . ASN A 1 45  ? 12.197  -8.015  -9.004  1.00 25.80 ? 45  ASN A CA  1 
ATOM   344  C  C   . ASN A 1 45  ? 13.579  -8.317  -9.581  1.00 28.86 ? 45  ASN A C   1 
ATOM   345  O  O   . ASN A 1 45  ? 13.686  -9.104  -10.510 1.00 36.35 ? 45  ASN A O   1 
ATOM   346  C  CB  . ASN A 1 45  ? 11.199  -8.806  -9.841  1.00 25.87 ? 45  ASN A CB  1 
ATOM   347  C  CG  . ASN A 1 45  ? 9.834   -8.804  -9.242  1.00 26.34 ? 45  ASN A CG  1 
ATOM   348  O  OD1 . ASN A 1 45  ? 9.696   -8.765  -8.018  1.00 24.03 ? 45  ASN A OD1 1 
ATOM   349  N  ND2 . ASN A 1 45  ? 8.805   -8.870  -10.090 1.00 28.04 ? 45  ASN A ND2 1 
ATOM   350  N  N   . GLU A 1 46  ? 14.632  -7.697  -9.074  1.00 33.46 ? 46  GLU A N   1 
ATOM   351  C  CA  . GLU A 1 46  ? 15.977  -7.977  -9.629  1.00 36.56 ? 46  GLU A CA  1 
ATOM   352  C  C   . GLU A 1 46  ? 16.298  -7.348  -10.991 1.00 34.02 ? 46  GLU A C   1 
ATOM   353  O  O   . GLU A 1 46  ? 17.435  -7.461  -11.477 1.00 30.61 ? 46  GLU A O   1 
ATOM   354  C  CB  . GLU A 1 46  ? 16.250  -9.491  -9.702  1.00 40.43 ? 46  GLU A CB  1 
ATOM   355  C  CG  . GLU A 1 46  ? 17.101  -10.017 -8.533  1.00 50.85 ? 46  GLU A CG  1 
ATOM   356  C  CD  . GLU A 1 46  ? 16.409  -9.878  -7.169  1.00 56.49 ? 46  GLU A CD  1 
ATOM   357  O  OE1 . GLU A 1 46  ? 15.354  -10.524 -6.972  1.00 60.50 ? 46  GLU A OE1 1 
ATOM   358  O  OE2 . GLU A 1 46  ? 16.917  -9.135  -6.289  1.00 60.92 ? 46  GLU A OE2 1 
ATOM   359  N  N   . SER A 1 47  ? 15.321  -6.713  -11.633 1.00 25.35 ? 47  SER A N   1 
ATOM   360  C  CA  . SER A 1 47  ? 15.608  -6.042  -12.894 1.00 23.85 ? 47  SER A CA  1 
ATOM   361  C  C   . SER A 1 47  ? 15.848  -4.558  -12.658 1.00 23.97 ? 47  SER A C   1 
ATOM   362  O  O   . SER A 1 47  ? 15.044  -3.880  -11.996 1.00 21.13 ? 47  SER A O   1 
ATOM   363  C  CB  . SER A 1 47  ? 14.447  -6.164  -13.892 1.00 28.97 ? 47  SER A CB  1 
ATOM   364  O  OG  . SER A 1 47  ? 14.325  -7.484  -14.386 1.00 37.55 ? 47  SER A OG  1 
ATOM   365  N  N   . LEU A 1 48  ? 16.933  -4.033  -13.217 1.00 23.20 ? 48  LEU A N   1 
ATOM   366  C  CA  . LEU A 1 48  ? 17.210  -2.606  -13.079 1.00 21.39 ? 48  LEU A CA  1 
ATOM   367  C  C   . LEU A 1 48  ? 16.129  -1.833  -13.868 1.00 23.44 ? 48  LEU A C   1 
ATOM   368  O  O   . LEU A 1 48  ? 15.822  -2.200  -14.999 1.00 27.33 ? 48  LEU A O   1 
ATOM   369  C  CB  . LEU A 1 48  ? 18.593  -2.279  -13.645 1.00 22.82 ? 48  LEU A CB  1 
ATOM   370  C  CG  . LEU A 1 48  ? 18.930  -0.785  -13.619 1.00 16.26 ? 48  LEU A CG  1 
ATOM   371  C  CD1 . LEU A 1 48  ? 19.332  -0.369  -12.228 1.00 21.50 ? 48  LEU A CD1 1 
ATOM   372  C  CD2 . LEU A 1 48  ? 20.077  -0.489  -14.603 1.00 25.35 ? 48  LEU A CD2 1 
ATOM   373  N  N   . ILE A 1 49  ? 15.544  -0.789  -13.276 1.00 19.69 ? 49  ILE A N   1 
ATOM   374  C  CA  . ILE A 1 49  ? 14.518  0.001   -13.974 1.00 25.28 ? 49  ILE A CA  1 
ATOM   375  C  C   . ILE A 1 49  ? 14.825  1.507   -14.078 1.00 27.31 ? 49  ILE A C   1 
ATOM   376  O  O   . ILE A 1 49  ? 14.187  2.233   -14.870 1.00 26.99 ? 49  ILE A O   1 
ATOM   377  C  CB  . ILE A 1 49  ? 13.096  -0.134  -13.297 1.00 22.55 ? 49  ILE A CB  1 
ATOM   378  C  CG1 . ILE A 1 49  ? 13.132  0.337   -11.837 1.00 18.40 ? 49  ILE A CG1 1 
ATOM   379  C  CG2 . ILE A 1 49  ? 12.637  -1.577  -13.318 1.00 21.78 ? 49  ILE A CG2 1 
ATOM   380  C  CD1 . ILE A 1 49  ? 11.776  0.129   -11.095 1.00 22.02 ? 49  ILE A CD1 1 
ATOM   381  N  N   . SER A 1 50  ? 15.777  1.984   -13.287 1.00 21.18 ? 50  SER A N   1 
ATOM   382  C  CA  . SER A 1 50  ? 16.119  3.411   -13.271 1.00 29.65 ? 50  SER A CA  1 
ATOM   383  C  C   . SER A 1 50  ? 17.474  3.585   -12.619 1.00 29.95 ? 50  SER A C   1 
ATOM   384  O  O   . SER A 1 50  ? 17.800  2.893   -11.639 1.00 21.82 ? 50  SER A O   1 
ATOM   385  C  CB  . SER A 1 50  ? 15.080  4.215   -12.489 1.00 34.06 ? 50  SER A CB  1 
ATOM   386  O  OG  . SER A 1 50  ? 15.558  5.512   -12.221 1.00 43.36 ? 50  SER A OG  1 
ATOM   387  N  N   . SER A 1 51  ? 18.260  4.527   -13.141 1.00 30.38 ? 51  SER A N   1 
ATOM   388  C  CA  . SER A 1 51  ? 19.606  4.695   -12.612 1.00 32.92 ? 51  SER A CA  1 
ATOM   389  C  C   . SER A 1 51  ? 20.019  6.066   -12.129 1.00 35.36 ? 51  SER A C   1 
ATOM   390  O  O   . SER A 1 51  ? 21.208  6.291   -11.900 1.00 38.32 ? 51  SER A O   1 
ATOM   391  C  CB  . SER A 1 51  ? 20.626  4.203   -13.630 1.00 33.36 ? 51  SER A CB  1 
ATOM   392  O  OG  . SER A 1 51  ? 20.340  2.866   -14.001 1.00 37.08 ? 51  SER A OG  1 
ATOM   393  N  N   . GLN A 1 52  ? 19.080  6.996   -11.973 1.00 31.34 ? 52  GLN A N   1 
ATOM   394  C  CA  . GLN A 1 52  ? 19.507  8.278   -11.435 1.00 34.50 ? 52  GLN A CA  1 
ATOM   395  C  C   . GLN A 1 52  ? 18.570  8.948   -10.411 1.00 28.62 ? 52  GLN A C   1 
ATOM   396  O  O   . GLN A 1 52  ? 19.003  9.203   -9.292  1.00 30.12 ? 52  GLN A O   1 
ATOM   397  C  CB  . GLN A 1 52  ? 19.890  9.237   -12.581 1.00 33.84 ? 52  GLN A CB  1 
ATOM   398  C  CG  . GLN A 1 52  ? 18.858  10.233  -13.048 1.00 40.33 ? 52  GLN A CG  1 
ATOM   399  C  CD  . GLN A 1 52  ? 18.764  11.486  -12.171 1.00 40.72 ? 52  GLN A CD  1 
ATOM   400  O  OE1 . GLN A 1 52  ? 19.689  11.837  -11.423 1.00 43.16 ? 52  GLN A OE1 1 
ATOM   401  N  NE2 . GLN A 1 52  ? 17.645  12.171  -12.281 1.00 35.89 ? 52  GLN A NE2 1 
ATOM   402  N  N   . ALA A 1 53  ? 17.301  9.206   -10.741 1.00 29.57 ? 53  ALA A N   1 
ATOM   403  C  CA  . ALA A 1 53  ? 16.430  9.893   -9.760  1.00 26.55 ? 53  ALA A CA  1 
ATOM   404  C  C   . ALA A 1 53  ? 16.118  9.122   -8.464  1.00 26.00 ? 53  ALA A C   1 
ATOM   405  O  O   . ALA A 1 53  ? 15.958  7.891   -8.480  1.00 22.44 ? 53  ALA A O   1 
ATOM   406  C  CB  . ALA A 1 53  ? 15.117  10.335  -10.430 1.00 27.01 ? 53  ALA A CB  1 
ATOM   407  N  N   . SER A 1 54  ? 16.019  9.854   -7.351  1.00 20.09 ? 54  SER A N   1 
ATOM   408  C  CA  . SER A 1 54  ? 15.740  9.229   -6.068  1.00 21.12 ? 54  SER A CA  1 
ATOM   409  C  C   . SER A 1 54  ? 14.367  8.583   -5.971  1.00 21.28 ? 54  SER A C   1 
ATOM   410  O  O   . SER A 1 54  ? 14.195  7.634   -5.216  1.00 21.06 ? 54  SER A O   1 
ATOM   411  C  CB  . SER A 1 54  ? 15.935  10.211  -4.899  1.00 23.55 ? 54  SER A CB  1 
ATOM   412  O  OG  . SER A 1 54  ? 15.000  11.285  -4.903  1.00 27.19 ? 54  SER A OG  1 
ATOM   413  N  N   . SER A 1 55  ? 13.396  9.090   -6.725  1.00 19.42 ? 55  SER A N   1 
ATOM   414  C  CA  . SER A 1 55  ? 12.038  8.527   -6.716  1.00 17.18 ? 55  SER A CA  1 
ATOM   415  C  C   . SER A 1 55  ? 11.742  7.869   -8.055  1.00 18.74 ? 55  SER A C   1 
ATOM   416  O  O   . SER A 1 55  ? 12.356  8.215   -9.082  1.00 23.45 ? 55  SER A O   1 
ATOM   417  C  CB  . SER A 1 55  ? 10.991  9.634   -6.508  1.00 19.91 ? 55  SER A CB  1 
ATOM   418  O  OG  . SER A 1 55  ? 10.983  10.098  -5.162  1.00 29.82 ? 55  SER A OG  1 
ATOM   419  N  N   . TYR A 1 56  ? 10.824  6.899   -8.045  1.00 18.81 ? 56  TYR A N   1 
ATOM   420  C  CA  . TYR A 1 56  ? 10.406  6.240   -9.268  1.00 17.47 ? 56  TYR A CA  1 
ATOM   421  C  C   . TYR A 1 56  ? 8.878   6.411   -9.267  1.00 19.11 ? 56  TYR A C   1 
ATOM   422  O  O   . TYR A 1 56  ? 8.178   5.876   -8.406  1.00 17.53 ? 56  TYR A O   1 
ATOM   423  C  CB  . TYR A 1 56  ? 10.799  4.752   -9.259  1.00 17.14 ? 56  TYR A CB  1 
ATOM   424  C  CG  . TYR A 1 56  ? 10.549  4.097   -10.598 1.00 26.79 ? 56  TYR A CG  1 
ATOM   425  C  CD1 . TYR A 1 56  ? 11.547  4.083   -11.586 1.00 28.28 ? 56  TYR A CD1 1 
ATOM   426  C  CD2 . TYR A 1 56  ? 9.310   3.535   -10.902 1.00 25.74 ? 56  TYR A CD2 1 
ATOM   427  C  CE1 . TYR A 1 56  ? 11.305  3.519   -12.854 1.00 26.89 ? 56  TYR A CE1 1 
ATOM   428  C  CE2 . TYR A 1 56  ? 9.057   2.970   -12.164 1.00 24.58 ? 56  TYR A CE2 1 
ATOM   429  C  CZ  . TYR A 1 56  ? 10.052  2.970   -13.132 1.00 26.99 ? 56  TYR A CZ  1 
ATOM   430  O  OH  . TYR A 1 56  ? 9.791   2.479   -14.406 1.00 27.46 ? 56  TYR A OH  1 
ATOM   431  N  N   . PHE A 1 57  ? 8.354   7.185   -10.208 1.00 16.76 ? 57  PHE A N   1 
ATOM   432  C  CA  . PHE A 1 57  ? 6.904   7.426   -10.234 1.00 16.18 ? 57  PHE A CA  1 
ATOM   433  C  C   . PHE A 1 57  ? 6.171   6.526   -11.242 1.00 16.08 ? 57  PHE A C   1 
ATOM   434  O  O   . PHE A 1 57  ? 6.556   6.427   -12.408 1.00 16.19 ? 57  PHE A O   1 
ATOM   435  C  CB  . PHE A 1 57  ? 6.648   8.931   -10.523 1.00 17.07 ? 57  PHE A CB  1 
ATOM   436  C  CG  . PHE A 1 57  ? 5.179   9.304   -10.644 1.00 16.02 ? 57  PHE A CG  1 
ATOM   437  C  CD1 . PHE A 1 57  ? 4.339   9.235   -9.540  1.00 13.48 ? 57  PHE A CD1 1 
ATOM   438  C  CD2 . PHE A 1 57  ? 4.653   9.735   -11.871 1.00 19.86 ? 57  PHE A CD2 1 
ATOM   439  C  CE1 . PHE A 1 57  ? 2.995   9.580   -9.629  1.00 14.66 ? 57  PHE A CE1 1 
ATOM   440  C  CE2 . PHE A 1 57  ? 3.308   10.097  -11.974 1.00 17.15 ? 57  PHE A CE2 1 
ATOM   441  C  CZ  . PHE A 1 57  ? 2.481   10.011  -10.839 1.00 16.59 ? 57  PHE A CZ  1 
ATOM   442  N  N   . ILE A 1 58  ? 5.139   5.831   -10.772 1.00 13.80 ? 58  ILE A N   1 
ATOM   443  C  CA  . ILE A 1 58  ? 4.310   4.974   -11.624 1.00 11.95 ? 58  ILE A CA  1 
ATOM   444  C  C   . ILE A 1 58  ? 3.050   5.783   -11.808 1.00 13.35 ? 58  ILE A C   1 
ATOM   445  O  O   . ILE A 1 58  ? 2.265   5.944   -10.874 1.00 14.70 ? 58  ILE A O   1 
ATOM   446  C  CB  . ILE A 1 58  ? 4.021   3.616   -10.916 1.00 15.95 ? 58  ILE A CB  1 
ATOM   447  C  CG1 . ILE A 1 58  ? 5.367   2.863   -10.742 1.00 16.40 ? 58  ILE A CG1 1 
ATOM   448  C  CG2 . ILE A 1 58  ? 2.971   2.778   -11.741 1.00 15.52 ? 58  ILE A CG2 1 
ATOM   449  C  CD1 . ILE A 1 58  ? 5.278   1.522   -9.973  1.00 18.86 ? 58  ILE A CD1 1 
ATOM   450  N  N   . ASP A 1 59  ? 2.854   6.309   -13.017 1.00 14.51 ? 59  ASP A N   1 
ATOM   451  C  CA  . ASP A 1 59  ? 1.693   7.147   -13.284 1.00 16.09 ? 59  ASP A CA  1 
ATOM   452  C  C   . ASP A 1 59  ? 0.379   6.394   -13.310 1.00 13.54 ? 59  ASP A C   1 
ATOM   453  O  O   . ASP A 1 59  ? -0.643  6.867   -12.790 1.00 16.18 ? 59  ASP A O   1 
ATOM   454  C  CB  . ASP A 1 59  ? 1.904   7.866   -14.622 1.00 18.88 ? 59  ASP A CB  1 
ATOM   455  C  CG  . ASP A 1 59  ? 0.780   8.840   -14.930 1.00 35.05 ? 59  ASP A CG  1 
ATOM   456  O  OD1 . ASP A 1 59  ? 0.532   9.743   -14.099 1.00 36.62 ? 59  ASP A OD1 1 
ATOM   457  O  OD2 . ASP A 1 59  ? 0.147   8.693   -15.990 1.00 40.86 ? 59  ASP A OD2 1 
ATOM   458  N  N   . ALA A 1 60  ? 0.400   5.215   -13.913 1.00 13.27 ? 60  ALA A N   1 
ATOM   459  C  CA  . ALA A 1 60  ? -0.839  4.423   -14.017 1.00 15.62 ? 60  ALA A CA  1 
ATOM   460  C  C   . ALA A 1 60  ? -0.424  2.969   -13.887 1.00 15.82 ? 60  ALA A C   1 
ATOM   461  O  O   . ALA A 1 60  ? 0.014   2.337   -14.868 1.00 15.70 ? 60  ALA A O   1 
ATOM   462  C  CB  . ALA A 1 60  ? -1.505  4.708   -15.399 1.00 14.78 ? 60  ALA A CB  1 
ATOM   463  N  N   . ALA A 1 61  ? -0.571  2.429   -12.672 1.00 15.14 ? 61  ALA A N   1 
ATOM   464  C  CA  . ALA A 1 61  ? -0.156  1.072   -12.369 1.00 12.47 ? 61  ALA A CA  1 
ATOM   465  C  C   . ALA A 1 61  ? -0.824  0.018   -13.225 1.00 14.10 ? 61  ALA A C   1 
ATOM   466  O  O   . ALA A 1 61  ? -1.977  0.174   -13.655 1.00 12.68 ? 61  ALA A O   1 
ATOM   467  C  CB  . ALA A 1 61  ? -0.440  0.739   -10.893 1.00 13.02 ? 61  ALA A CB  1 
ATOM   468  N  N   . THR A 1 62  ? -0.062  -1.029  -13.503 1.00 12.57 ? 62  THR A N   1 
ATOM   469  C  CA  . THR A 1 62  ? -0.578  -2.179  -14.219 1.00 11.13 ? 62  THR A CA  1 
ATOM   470  C  C   . THR A 1 62  ? -0.213  -3.442  -13.386 1.00 10.34 ? 62  THR A C   1 
ATOM   471  O  O   . THR A 1 62  ? 0.694   -3.432  -12.512 1.00 12.24 ? 62  THR A O   1 
ATOM   472  C  CB  . THR A 1 62  ? 0.025   -2.305  -15.605 1.00 14.37 ? 62  THR A CB  1 
ATOM   473  O  OG1 . THR A 1 62  ? 1.399   -2.675  -15.473 1.00 15.54 ? 62  THR A OG1 1 
ATOM   474  C  CG2 . THR A 1 62  ? -0.092  -0.976  -16.370 1.00 15.49 ? 62  THR A CG2 1 
ATOM   475  N  N   . VAL A 1 63  ? -0.894  -4.554  -13.666 1.00 11.86 ? 63  VAL A N   1 
ATOM   476  C  CA  . VAL A 1 63  ? -0.623  -5.736  -12.866 1.00 13.16 ? 63  VAL A CA  1 
ATOM   477  C  C   . VAL A 1 63  ? 0.817   -6.156  -13.021 1.00 15.08 ? 63  VAL A C   1 
ATOM   478  O  O   . VAL A 1 63  ? 1.368   -6.717  -12.086 1.00 17.13 ? 63  VAL A O   1 
ATOM   479  C  CB  . VAL A 1 63  ? -1.578  -6.915  -13.210 1.00 15.97 ? 63  VAL A CB  1 
ATOM   480  C  CG1 . VAL A 1 63  ? -2.996  -6.570  -12.741 1.00 16.20 ? 63  VAL A CG1 1 
ATOM   481  C  CG2 . VAL A 1 63  ? -1.597  -7.162  -14.683 1.00 23.08 ? 63  VAL A CG2 1 
ATOM   482  N  N   . ASN A 1 64  ? 1.426   -5.819  -14.169 1.00 13.98 ? 64  ASN A N   1 
ATOM   483  C  CA  . ASN A 1 64  ? 2.827   -6.167  -14.421 1.00 19.05 ? 64  ASN A CA  1 
ATOM   484  C  C   . ASN A 1 64  ? 3.780   -5.415  -13.480 1.00 20.27 ? 64  ASN A C   1 
ATOM   485  O  O   . ASN A 1 64  ? 4.936   -5.843  -13.278 1.00 17.66 ? 64  ASN A O   1 
ATOM   486  C  CB  . ASN A 1 64  ? 3.189   -5.897  -15.894 1.00 24.99 ? 64  ASN A CB  1 
ATOM   487  C  CG  . ASN A 1 64  ? 4.593   -6.376  -16.241 1.00 33.44 ? 64  ASN A CG  1 
ATOM   488  O  OD1 . ASN A 1 64  ? 5.483   -5.573  -16.560 1.00 41.52 ? 64  ASN A OD1 1 
ATOM   489  N  ND2 . ASN A 1 64  ? 4.805   -7.683  -16.161 1.00 30.61 ? 64  ASN A ND2 1 
ATOM   490  N  N   . ASP A 1 65  ? 3.299   -4.309  -12.892 1.00 12.30 ? 65  ASP A N   1 
ATOM   491  C  CA  . ASP A 1 65  ? 4.109   -3.564  -11.920 1.00 13.60 ? 65  ASP A CA  1 
ATOM   492  C  C   . ASP A 1 65  ? 4.161   -4.254  -10.538 1.00 15.38 ? 65  ASP A C   1 
ATOM   493  O  O   . ASP A 1 65  ? 4.958   -3.874  -9.666  1.00 14.73 ? 65  ASP A O   1 
ATOM   494  C  CB  . ASP A 1 65  ? 3.549   -2.118  -11.764 1.00 14.84 ? 65  ASP A CB  1 
ATOM   495  C  CG  . ASP A 1 65  ? 3.695   -1.297  -13.040 1.00 17.51 ? 65  ASP A CG  1 
ATOM   496  O  OD1 . ASP A 1 65  ? 4.734   -1.426  -13.731 1.00 18.52 ? 65  ASP A OD1 1 
ATOM   497  O  OD2 . ASP A 1 65  ? 2.780   -0.513  -13.361 1.00 17.55 ? 65  ASP A OD2 1 
ATOM   498  N  N   . SER A 1 66  ? 3.334   -5.267  -10.312 1.00 12.04 ? 66  SER A N   1 
ATOM   499  C  CA  . SER A 1 66  ? 3.353   -5.984  -9.033  1.00 13.90 ? 66  SER A CA  1 
ATOM   500  C  C   . SER A 1 66  ? 4.714   -6.619  -8.788  1.00 15.76 ? 66  SER A C   1 
ATOM   501  O  O   . SER A 1 66  ? 5.378   -7.059  -9.730  1.00 18.46 ? 66  SER A O   1 
ATOM   502  C  CB  . SER A 1 66  ? 2.330   -7.148  -8.990  1.00 14.76 ? 66  SER A CB  1 
ATOM   503  O  OG  . SER A 1 66  ? 0.997   -6.662  -9.137  1.00 18.54 ? 66  SER A OG  1 
ATOM   504  N  N   . GLY A 1 67  ? 5.088   -6.725  -7.516  1.00 15.57 ? 67  GLY A N   1 
ATOM   505  C  CA  . GLY A 1 67  ? 6.355   -7.357  -7.194  1.00 17.81 ? 67  GLY A CA  1 
ATOM   506  C  C   . GLY A 1 67  ? 7.179   -6.655  -6.140  1.00 16.98 ? 67  GLY A C   1 
ATOM   507  O  O   . GLY A 1 67  ? 6.677   -5.792  -5.425  1.00 16.78 ? 67  GLY A O   1 
ATOM   508  N  N   . GLU A 1 68  ? 8.463   -7.012  -6.076  1.00 15.35 ? 68  GLU A N   1 
ATOM   509  C  CA  . GLU A 1 68  ? 9.376   -6.450  -5.103  1.00 18.18 ? 68  GLU A CA  1 
ATOM   510  C  C   . GLU A 1 68  ? 10.171  -5.309  -5.690  1.00 17.50 ? 68  GLU A C   1 
ATOM   511  O  O   . GLU A 1 68  ? 10.647  -5.370  -6.848  1.00 19.28 ? 68  GLU A O   1 
ATOM   512  C  CB  . GLU A 1 68  ? 10.372  -7.512  -4.613  1.00 23.35 ? 68  GLU A CB  1 
ATOM   513  C  CG  . GLU A 1 68  ? 9.731   -8.665  -3.906  1.00 33.64 ? 68  GLU A CG  1 
ATOM   514  C  CD  . GLU A 1 68  ? 10.756  -9.501  -3.156  1.00 32.98 ? 68  GLU A CD  1 
ATOM   515  O  OE1 . GLU A 1 68  ? 11.856  -9.748  -3.711  1.00 38.92 ? 68  GLU A OE1 1 
ATOM   516  O  OE2 . GLU A 1 68  ? 10.455  -9.892  -2.017  1.00 40.60 ? 68  GLU A OE2 1 
ATOM   517  N  N   . TYR A 1 69  ? 10.282  -4.255  -4.906  1.00 12.23 ? 69  TYR A N   1 
ATOM   518  C  CA  . TYR A 1 69  ? 11.066  -3.103  -5.345  1.00 15.83 ? 69  TYR A CA  1 
ATOM   519  C  C   . TYR A 1 69  ? 12.179  -2.857  -4.348  1.00 16.37 ? 69  TYR A C   1 
ATOM   520  O  O   . TYR A 1 69  ? 11.980  -2.964  -3.120  1.00 17.25 ? 69  TYR A O   1 
ATOM   521  C  CB  . TYR A 1 69  ? 10.194  -1.839  -5.457  1.00 14.30 ? 69  TYR A CB  1 
ATOM   522  C  CG  . TYR A 1 69  ? 9.275   -1.861  -6.641  1.00 13.35 ? 69  TYR A CG  1 
ATOM   523  C  CD1 . TYR A 1 69  ? 8.046   -2.551  -6.589  1.00 14.41 ? 69  TYR A CD1 1 
ATOM   524  C  CD2 . TYR A 1 69  ? 9.652   -1.272  -7.844  1.00 14.25 ? 69  TYR A CD2 1 
ATOM   525  C  CE1 . TYR A 1 69  ? 7.244   -2.647  -7.710  1.00 11.37 ? 69  TYR A CE1 1 
ATOM   526  C  CE2 . TYR A 1 69  ? 8.839   -1.368  -8.983  1.00 15.98 ? 69  TYR A CE2 1 
ATOM   527  C  CZ  . TYR A 1 69  ? 7.647   -2.054  -8.906  1.00 14.80 ? 69  TYR A CZ  1 
ATOM   528  O  OH  . TYR A 1 69  ? 6.865   -2.162  -10.024 1.00 16.58 ? 69  TYR A OH  1 
ATOM   529  N  N   . ARG A 1 70  ? 13.347  -2.472  -4.874  1.00 13.98 ? 70  ARG A N   1 
ATOM   530  C  CA  . ARG A 1 70  ? 14.494  -2.175  -4.023  1.00 15.21 ? 70  ARG A CA  1 
ATOM   531  C  C   . ARG A 1 70  ? 15.224  -1.009  -4.652  1.00 16.21 ? 70  ARG A C   1 
ATOM   532  O  O   . ARG A 1 70  ? 15.163  -0.800  -5.883  1.00 16.42 ? 70  ARG A O   1 
ATOM   533  C  CB  . ARG A 1 70  ? 15.483  -3.353  -3.967  1.00 16.70 ? 70  ARG A CB  1 
ATOM   534  C  CG  . ARG A 1 70  ? 14.988  -4.632  -3.296  1.00 15.13 ? 70  ARG A CG  1 
ATOM   535  C  CD  . ARG A 1 70  ? 16.140  -5.671  -3.321  1.00 17.15 ? 70  ARG A CD  1 
ATOM   536  N  NE  . ARG A 1 70  ? 15.752  -6.987  -2.831  1.00 26.81 ? 70  ARG A NE  1 
ATOM   537  C  CZ  . ARG A 1 70  ? 16.242  -7.565  -1.735  1.00 35.34 ? 70  ARG A CZ  1 
ATOM   538  N  NH1 . ARG A 1 70  ? 17.154  -6.953  -0.963  1.00 30.25 ? 70  ARG A NH1 1 
ATOM   539  N  NH2 . ARG A 1 70  ? 15.840  -8.794  -1.435  1.00 38.18 ? 70  ARG A NH2 1 
ATOM   540  N  N   . CYS A 1 71  ? 15.928  -0.255  -3.819  1.00 14.94 ? 71  CYS A N   1 
ATOM   541  C  CA  . CYS A 1 71  ? 16.730  0.851   -4.331  1.00 13.87 ? 71  CYS A CA  1 
ATOM   542  C  C   . CYS A 1 71  ? 18.090  0.842   -3.636  1.00 17.29 ? 71  CYS A C   1 
ATOM   543  O  O   . CYS A 1 71  ? 18.328  0.081   -2.676  1.00 17.03 ? 71  CYS A O   1 
ATOM   544  C  CB  . CYS A 1 71  ? 16.026  2.178   -4.077  1.00 11.96 ? 71  CYS A CB  1 
ATOM   545  S  SG  . CYS A 1 71  ? 15.929  2.743   -2.357  1.00 17.41 ? 71  CYS A SG  1 
ATOM   546  N  N   . GLN A 1 72  ? 18.989  1.684   -4.125  1.00 17.43 ? 72  GLN A N   1 
ATOM   547  C  CA  . GLN A 1 72  ? 20.336  1.783   -3.562  1.00 21.49 ? 72  GLN A CA  1 
ATOM   548  C  C   . GLN A 1 72  ? 20.952  3.059   -4.112  1.00 21.02 ? 72  GLN A C   1 
ATOM   549  O  O   . GLN A 1 72  ? 20.533  3.550   -5.174  1.00 19.28 ? 72  GLN A O   1 
ATOM   550  C  CB  . GLN A 1 72  ? 21.218  0.586   -3.993  1.00 25.58 ? 72  GLN A CB  1 
ATOM   551  C  CG  . GLN A 1 72  ? 21.785  0.695   -5.402  1.00 28.53 ? 72  GLN A CG  1 
ATOM   552  C  CD  . GLN A 1 72  ? 22.805  -0.389  -5.776  1.00 29.39 ? 72  GLN A CD  1 
ATOM   553  O  OE1 . GLN A 1 72  ? 23.526  -0.243  -6.781  1.00 27.67 ? 72  GLN A OE1 1 
ATOM   554  N  NE2 . GLN A 1 72  ? 22.853  -1.496  -4.998  1.00 22.44 ? 72  GLN A NE2 1 
ATOM   555  N  N   . THR A 1 73  ? 21.947  3.583   -3.395  1.00 18.64 ? 73  THR A N   1 
ATOM   556  C  CA  . THR A 1 73  ? 22.677  4.785   -3.831  1.00 20.74 ? 73  THR A CA  1 
ATOM   557  C  C   . THR A 1 73  ? 24.165  4.380   -3.767  1.00 22.04 ? 73  THR A C   1 
ATOM   558  O  O   . THR A 1 73  ? 24.466  3.226   -3.441  1.00 20.71 ? 73  THR A O   1 
ATOM   559  C  CB  . THR A 1 73  ? 22.417  5.969   -2.878  1.00 18.92 ? 73  THR A CB  1 
ATOM   560  O  OG1 . THR A 1 73  ? 22.982  5.698   -1.585  1.00 23.75 ? 73  THR A OG1 1 
ATOM   561  C  CG2 . THR A 1 73  ? 20.898  6.169   -2.701  1.00 20.35 ? 73  THR A CG2 1 
ATOM   562  N  N   . ASN A 1 74  ? 25.101  5.280   -4.053  1.00 19.25 ? 74  ASN A N   1 
ATOM   563  C  CA  . ASN A 1 74  ? 26.486  4.811   -3.988  1.00 23.38 ? 74  ASN A CA  1 
ATOM   564  C  C   . ASN A 1 74  ? 27.081  4.808   -2.577  1.00 24.93 ? 74  ASN A C   1 
ATOM   565  O  O   . ASN A 1 74  ? 28.216  4.335   -2.365  1.00 24.52 ? 74  ASN A O   1 
ATOM   566  C  CB  . ASN A 1 74  ? 27.350  5.556   -5.037  1.00 31.53 ? 74  ASN A CB  1 
ATOM   567  C  CG  . ASN A 1 74  ? 28.119  6.732   -4.469  1.00 40.11 ? 74  ASN A CG  1 
ATOM   568  O  OD1 . ASN A 1 74  ? 27.572  7.571   -3.724  1.00 35.51 ? 74  ASN A OD1 1 
ATOM   569  N  ND2 . ASN A 1 74  ? 29.407  6.818   -4.848  1.00 30.25 ? 74  ASN A ND2 1 
ATOM   570  N  N   . LEU A 1 75  ? 26.290  5.282   -1.605  1.00 20.80 ? 75  LEU A N   1 
ATOM   571  C  CA  . LEU A 1 75  ? 26.663  5.283   -0.189  1.00 22.74 ? 75  LEU A CA  1 
ATOM   572  C  C   . LEU A 1 75  ? 25.726  4.412   0.645   1.00 23.04 ? 75  LEU A C   1 
ATOM   573  O  O   . LEU A 1 75  ? 26.118  3.955   1.702   1.00 21.19 ? 75  LEU A O   1 
ATOM   574  C  CB  . LEU A 1 75  ? 26.637  6.695   0.414   1.00 25.64 ? 75  LEU A CB  1 
ATOM   575  C  CG  . LEU A 1 75  ? 27.707  7.674   -0.079  1.00 24.30 ? 75  LEU A CG  1 
ATOM   576  C  CD1 . LEU A 1 75  ? 27.585  8.979   0.704   1.00 19.74 ? 75  LEU A CD1 1 
ATOM   577  C  CD2 . LEU A 1 75  ? 29.105  7.067   0.118   1.00 27.44 ? 75  LEU A CD2 1 
ATOM   578  N  N   . SER A 1 76  ? 24.497  4.180   0.179   1.00 17.90 ? 76  SER A N   1 
ATOM   579  C  CA  . SER A 1 76  ? 23.548  3.365   0.958   1.00 20.08 ? 76  SER A CA  1 
ATOM   580  C  C   . SER A 1 76  ? 23.261  2.091   0.191   1.00 21.02 ? 76  SER A C   1 
ATOM   581  O  O   . SER A 1 76  ? 22.675  2.122   -0.899  1.00 19.85 ? 76  SER A O   1 
ATOM   582  C  CB  . SER A 1 76  ? 22.240  4.122   1.174   1.00 26.42 ? 76  SER A CB  1 
ATOM   583  O  OG  . SER A 1 76  ? 22.516  5.450   1.567   1.00 27.40 ? 76  SER A OG  1 
ATOM   584  N  N   . THR A 1 77  ? 23.642  0.962   0.785   1.00 22.04 ? 77  THR A N   1 
ATOM   585  C  CA  . THR A 1 77  ? 23.507  -0.302  0.109   1.00 18.29 ? 77  THR A CA  1 
ATOM   586  C  C   . THR A 1 77  ? 22.088  -0.780  -0.191  1.00 17.43 ? 77  THR A C   1 
ATOM   587  O  O   . THR A 1 77  ? 21.114  -0.248  0.349   1.00 16.91 ? 77  THR A O   1 
ATOM   588  C  CB  . THR A 1 77  ? 24.296  -1.388  0.859   1.00 19.59 ? 77  THR A CB  1 
ATOM   589  O  OG1 . THR A 1 77  ? 23.718  -1.624  2.147   1.00 19.33 ? 77  THR A OG1 1 
ATOM   590  C  CG2 . THR A 1 77  ? 25.737  -0.919  1.039   1.00 18.19 ? 77  THR A CG2 1 
ATOM   591  N  N   . LEU A 1 78  ? 22.012  -1.776  -1.074  1.00 14.15 ? 78  LEU A N   1 
ATOM   592  C  CA  . LEU A 1 78  ? 20.741  -2.354  -1.506  1.00 15.51 ? 78  LEU A CA  1 
ATOM   593  C  C   . LEU A 1 78  ? 19.706  -2.493  -0.400  1.00 18.93 ? 78  LEU A C   1 
ATOM   594  O  O   . LEU A 1 78  ? 19.922  -3.197  0.571   1.00 18.68 ? 78  LEU A O   1 
ATOM   595  C  CB  . LEU A 1 78  ? 21.007  -3.702  -2.157  1.00 17.73 ? 78  LEU A CB  1 
ATOM   596  C  CG  . LEU A 1 78  ? 19.810  -4.228  -2.936  1.00 19.76 ? 78  LEU A CG  1 
ATOM   597  C  CD1 . LEU A 1 78  ? 19.385  -3.203  -3.999  1.00 19.22 ? 78  LEU A CD1 1 
ATOM   598  C  CD2 . LEU A 1 78  ? 20.191  -5.587  -3.547  1.00 15.57 ? 78  LEU A CD2 1 
ATOM   599  N  N   . SER A 1 79  ? 18.568  -1.818  -0.564  1.00 16.02 ? 79  SER A N   1 
ATOM   600  C  CA  . SER A 1 79  ? 17.477  -1.836  0.436   1.00 16.02 ? 79  SER A CA  1 
ATOM   601  C  C   . SER A 1 79  ? 16.794  -3.191  0.587   1.00 12.27 ? 79  SER A C   1 
ATOM   602  O  O   . SER A 1 79  ? 16.852  -4.041  -0.327  1.00 15.89 ? 79  SER A O   1 
ATOM   603  C  CB  . SER A 1 79  ? 16.363  -0.870  0.006   1.00 16.10 ? 79  SER A CB  1 
ATOM   604  O  OG  . SER A 1 79  ? 15.596  -1.460  -1.076  1.00 14.61 ? 79  SER A OG  1 
ATOM   605  N  N   . ASP A 1 80  ? 16.121  -3.392  1.713   1.00 16.03 ? 80  ASP A N   1 
ATOM   606  C  CA  . ASP A 1 80  ? 15.307  -4.595  1.822   1.00 17.75 ? 80  ASP A CA  1 
ATOM   607  C  C   . ASP A 1 80  ? 14.189  -4.361  0.770   1.00 16.70 ? 80  ASP A C   1 
ATOM   608  O  O   . ASP A 1 80  ? 13.882  -3.225  0.396   1.00 19.68 ? 80  ASP A O   1 
ATOM   609  C  CB  . ASP A 1 80  ? 14.647  -4.728  3.204   1.00 21.12 ? 80  ASP A CB  1 
ATOM   610  C  CG  . ASP A 1 80  ? 15.658  -4.950  4.325   1.00 26.54 ? 80  ASP A CG  1 
ATOM   611  O  OD1 . ASP A 1 80  ? 16.718  -5.544  4.070   1.00 27.28 ? 80  ASP A OD1 1 
ATOM   612  O  OD2 . ASP A 1 80  ? 15.378  -4.531  5.452   1.00 30.25 ? 80  ASP A OD2 1 
ATOM   613  N  N   . PRO A 1 81  ? 13.536  -5.418  0.307   1.00 17.97 ? 81  PRO A N   1 
ATOM   614  C  CA  . PRO A 1 81  ? 12.475  -5.221  -0.688  1.00 15.12 ? 81  PRO A CA  1 
ATOM   615  C  C   . PRO A 1 81  ? 11.147  -4.776  -0.096  1.00 17.89 ? 81  PRO A C   1 
ATOM   616  O  O   . PRO A 1 81  ? 10.828  -5.101  1.060   1.00 20.93 ? 81  PRO A O   1 
ATOM   617  C  CB  . PRO A 1 81  ? 12.324  -6.596  -1.298  1.00 17.25 ? 81  PRO A CB  1 
ATOM   618  C  CG  . PRO A 1 81  ? 12.558  -7.498  -0.072  1.00 21.76 ? 81  PRO A CG  1 
ATOM   619  C  CD  . PRO A 1 81  ? 13.739  -6.846  0.607   1.00 20.71 ? 81  PRO A CD  1 
ATOM   620  N  N   . VAL A 1 82  ? 10.400  -4.003  -0.884  1.00 14.86 ? 82  VAL A N   1 
ATOM   621  C  CA  . VAL A 1 82  ? 9.059   -3.584  -0.512  1.00 15.53 ? 82  VAL A CA  1 
ATOM   622  C  C   . VAL A 1 82  ? 8.140   -4.161  -1.592  1.00 15.36 ? 82  VAL A C   1 
ATOM   623  O  O   . VAL A 1 82  ? 8.406   -4.034  -2.778  1.00 16.91 ? 82  VAL A O   1 
ATOM   624  C  CB  . VAL A 1 82  ? 8.934   -2.069  -0.413  1.00 15.29 ? 82  VAL A CB  1 
ATOM   625  C  CG1 . VAL A 1 82  ? 7.474   -1.681  -0.359  1.00 21.47 ? 82  VAL A CG1 1 
ATOM   626  C  CG2 . VAL A 1 82  ? 9.643   -1.592  0.886   1.00 19.85 ? 82  VAL A CG2 1 
ATOM   627  N  N   . GLN A 1 83  ? 7.060   -4.809  -1.170  1.00 16.62 ? 83  GLN A N   1 
ATOM   628  C  CA  . GLN A 1 83  ? 6.102   -5.420  -2.082  1.00 20.63 ? 83  GLN A CA  1 
ATOM   629  C  C   . GLN A 1 83  ? 5.002   -4.446  -2.489  1.00 17.56 ? 83  GLN A C   1 
ATOM   630  O  O   . GLN A 1 83  ? 4.534   -3.651  -1.669  1.00 20.63 ? 83  GLN A O   1 
ATOM   631  C  CB  . GLN A 1 83  ? 5.409   -6.613  -1.413  1.00 26.55 ? 83  GLN A CB  1 
ATOM   632  C  CG  . GLN A 1 83  ? 5.835   -7.985  -1.898  1.00 40.96 ? 83  GLN A CG  1 
ATOM   633  C  CD  . GLN A 1 83  ? 5.355   -8.302  -3.310  1.00 43.26 ? 83  GLN A CD  1 
ATOM   634  O  OE1 . GLN A 1 83  ? 4.230   -7.967  -3.700  1.00 49.69 ? 83  GLN A OE1 1 
ATOM   635  N  NE2 . GLN A 1 83  ? 6.201   -8.970  -4.076  1.00 42.15 ? 83  GLN A NE2 1 
ATOM   636  N  N   . LEU A 1 84  ? 4.639   -4.507  -3.763  1.00 15.57 ? 84  LEU A N   1 
ATOM   637  C  CA  . LEU A 1 84  ? 3.554   -3.713  -4.350  1.00 15.18 ? 84  LEU A CA  1 
ATOM   638  C  C   . LEU A 1 84  ? 2.679   -4.750  -5.033  1.00 13.81 ? 84  LEU A C   1 
ATOM   639  O  O   . LEU A 1 84  ? 3.173   -5.622  -5.750  1.00 18.12 ? 84  LEU A O   1 
ATOM   640  C  CB  . LEU A 1 84  ? 4.081   -2.726  -5.401  1.00 12.32 ? 84  LEU A CB  1 
ATOM   641  C  CG  . LEU A 1 84  ? 2.962   -1.916  -6.085  1.00 13.85 ? 84  LEU A CG  1 
ATOM   642  C  CD1 . LEU A 1 84  ? 2.304   -0.954  -5.062  1.00 15.22 ? 84  LEU A CD1 1 
ATOM   643  C  CD2 . LEU A 1 84  ? 3.543   -1.143  -7.297  1.00 14.05 ? 84  LEU A CD2 1 
ATOM   644  N  N   . GLU A 1 85  ? 1.389   -4.714  -4.756  1.00 14.42 ? 85  GLU A N   1 
ATOM   645  C  CA  . GLU A 1 85  ? 0.416   -5.631  -5.360  1.00 18.25 ? 85  GLU A CA  1 
ATOM   646  C  C   . GLU A 1 85  ? -0.507  -4.784  -6.197  1.00 13.76 ? 85  GLU A C   1 
ATOM   647  O  O   . GLU A 1 85  ? -1.027  -3.797  -5.694  1.00 17.54 ? 85  GLU A O   1 
ATOM   648  C  CB  . GLU A 1 85  ? -0.495  -6.274  -4.308  1.00 20.13 ? 85  GLU A CB  1 
ATOM   649  C  CG  . GLU A 1 85  ? 0.061   -7.369  -3.517  1.00 27.54 ? 85  GLU A CG  1 
ATOM   650  C  CD  . GLU A 1 85  ? -0.898  -7.777  -2.410  1.00 29.20 ? 85  GLU A CD  1 
ATOM   651  O  OE1 . GLU A 1 85  ? -2.154  -7.557  -2.508  1.00 20.79 ? 85  GLU A OE1 1 
ATOM   652  O  OE2 . GLU A 1 85  ? -0.375  -8.313  -1.423  1.00 27.87 ? 85  GLU A OE2 1 
ATOM   653  N  N   . VAL A 1 86  ? -0.741  -5.146  -7.455  1.00 11.51 ? 86  VAL A N   1 
ATOM   654  C  CA  . VAL A 1 86  ? -1.672  -4.371  -8.278  1.00 10.19 ? 86  VAL A CA  1 
ATOM   655  C  C   . VAL A 1 86  ? -2.845  -5.305  -8.625  1.00 15.85 ? 86  VAL A C   1 
ATOM   656  O  O   . VAL A 1 86  ? -2.664  -6.437  -9.101  1.00 16.61 ? 86  VAL A O   1 
ATOM   657  C  CB  . VAL A 1 86  ? -0.983  -3.799  -9.560  1.00 10.21 ? 86  VAL A CB  1 
ATOM   658  C  CG1 . VAL A 1 86  ? -2.003  -2.996  -10.398 1.00 9.45  ? 86  VAL A CG1 1 
ATOM   659  C  CG2 . VAL A 1 86  ? 0.186   -2.899  -9.155  1.00 8.85  ? 86  VAL A CG2 1 
ATOM   660  N  N   . HIS A 1 87  ? -4.044  -4.823  -8.334  1.00 12.53 ? 87  HIS A N   1 
ATOM   661  C  CA  . HIS A 1 87  ? -5.297  -5.543  -8.511  1.00 13.57 ? 87  HIS A CA  1 
ATOM   662  C  C   . HIS A 1 87  ? -6.193  -4.964  -9.585  1.00 14.06 ? 87  HIS A C   1 
ATOM   663  O  O   . HIS A 1 87  ? -6.032  -3.816  -10.013 1.00 11.79 ? 87  HIS A O   1 
ATOM   664  C  CB  . HIS A 1 87  ? -6.059  -5.488  -7.170  1.00 11.73 ? 87  HIS A CB  1 
ATOM   665  C  CG  . HIS A 1 87  ? -5.331  -6.124  -6.026  1.00 16.71 ? 87  HIS A CG  1 
ATOM   666  N  ND1 . HIS A 1 87  ? -5.751  -7.300  -5.441  1.00 26.60 ? 87  HIS A ND1 1 
ATOM   667  C  CD2 . HIS A 1 87  ? -4.209  -5.755  -5.364  1.00 18.25 ? 87  HIS A CD2 1 
ATOM   668  C  CE1 . HIS A 1 87  ? -4.913  -7.634  -4.475  1.00 25.21 ? 87  HIS A CE1 1 
ATOM   669  N  NE2 . HIS A 1 87  ? -3.965  -6.713  -4.407  1.00 17.24 ? 87  HIS A NE2 1 
ATOM   670  N  N   . ILE A 1 88  ? -7.141  -5.784  -10.052 1.00 11.26 ? 88  ILE A N   1 
ATOM   671  C  CA  . ILE A 1 88  ? -8.150  -5.310  -11.005 1.00 6.80  ? 88  ILE A CA  1 
ATOM   672  C  C   . ILE A 1 88  ? -9.522  -5.570  -10.368 1.00 11.68 ? 88  ILE A C   1 
ATOM   673  O  O   . ILE A 1 88  ? -9.821  -6.719  -9.982  1.00 14.00 ? 88  ILE A O   1 
ATOM   674  C  CB  . ILE A 1 88  ? -8.077  -6.059  -12.346 1.00 13.08 ? 88  ILE A CB  1 
ATOM   675  C  CG1 . ILE A 1 88  ? -6.733  -5.746  -13.038 1.00 15.60 ? 88  ILE A CG1 1 
ATOM   676  C  CG2 . ILE A 1 88  ? -9.321  -5.618  -13.270 1.00 13.53 ? 88  ILE A CG2 1 
ATOM   677  C  CD1 . ILE A 1 88  ? -6.418  -6.703  -14.218 1.00 15.51 ? 88  ILE A CD1 1 
ATOM   678  N  N   . GLY A 1 89  ? -10.351 -4.516  -10.265 1.00 10.21 ? 89  GLY A N   1 
ATOM   679  C  CA  . GLY A 1 89  ? -11.669 -4.673  -9.678  1.00 13.76 ? 89  GLY A CA  1 
ATOM   680  C  C   . GLY A 1 89  ? -12.237 -3.303  -9.403  1.00 12.20 ? 89  GLY A C   1 
ATOM   681  O  O   . GLY A 1 89  ? -11.550 -2.289  -9.594  1.00 13.11 ? 89  GLY A O   1 
ATOM   682  N  N   . TRP A 1 90  ? -13.501 -3.255  -9.020  1.00 12.57 ? 90  TRP A N   1 
ATOM   683  C  CA  . TRP A 1 90  ? -14.146 -1.976  -8.781  1.00 13.12 ? 90  TRP A CA  1 
ATOM   684  C  C   . TRP A 1 90  ? -13.712 -1.340  -7.446  1.00 11.67 ? 90  TRP A C   1 
ATOM   685  O  O   . TRP A 1 90  ? -13.696 -0.126  -7.308  1.00 15.13 ? 90  TRP A O   1 
ATOM   686  C  CB  . TRP A 1 90  ? -15.659 -2.167  -8.784  1.00 14.13 ? 90  TRP A CB  1 
ATOM   687  C  CG  . TRP A 1 90  ? -16.270 -2.403  -10.121 1.00 15.37 ? 90  TRP A CG  1 
ATOM   688  C  CD1 . TRP A 1 90  ? -16.410 -3.597  -10.744 1.00 13.96 ? 90  TRP A CD1 1 
ATOM   689  C  CD2 . TRP A 1 90  ? -16.857 -1.420  -10.989 1.00 12.53 ? 90  TRP A CD2 1 
ATOM   690  N  NE1 . TRP A 1 90  ? -17.054 -3.434  -11.951 1.00 15.00 ? 90  TRP A NE1 1 
ATOM   691  C  CE2 . TRP A 1 90  ? -17.341 -2.109  -12.126 1.00 12.60 ? 90  TRP A CE2 1 
ATOM   692  C  CE3 . TRP A 1 90  ? -17.021 -0.029  -10.918 1.00 17.01 ? 90  TRP A CE3 1 
ATOM   693  C  CZ2 . TRP A 1 90  ? -17.989 -1.455  -13.194 1.00 15.86 ? 90  TRP A CZ2 1 
ATOM   694  C  CZ3 . TRP A 1 90  ? -17.665 0.628   -11.992 1.00 14.95 ? 90  TRP A CZ3 1 
ATOM   695  C  CH2 . TRP A 1 90  ? -18.139 -0.096  -13.105 1.00 17.69 ? 90  TRP A CH2 1 
ATOM   696  N  N   . LEU A 1 91  ? -13.363 -2.176  -6.481  1.00 14.45 ? 91  LEU A N   1 
ATOM   697  C  CA  . LEU A 1 91  ? -12.983 -1.714  -5.151  1.00 13.49 ? 91  LEU A CA  1 
ATOM   698  C  C   . LEU A 1 91  ? -11.804 -2.485  -4.676  1.00 14.44 ? 91  LEU A C   1 
ATOM   699  O  O   . LEU A 1 91  ? -11.591 -3.598  -5.112  1.00 14.84 ? 91  LEU A O   1 
ATOM   700  C  CB  . LEU A 1 91  ? -14.078 -2.023  -4.127  1.00 18.54 ? 91  LEU A CB  1 
ATOM   701  C  CG  . LEU A 1 91  ? -15.410 -1.332  -4.116  1.00 26.29 ? 91  LEU A CG  1 
ATOM   702  C  CD1 . LEU A 1 91  ? -16.103 -1.810  -2.816  1.00 17.27 ? 91  LEU A CD1 1 
ATOM   703  C  CD2 . LEU A 1 91  ? -15.237 0.173   -4.157  1.00 31.84 ? 91  LEU A CD2 1 
ATOM   704  N  N   . LEU A 1 92  ? -11.071 -1.901  -3.725  1.00 12.76 ? 92  LEU A N   1 
ATOM   705  C  CA  . LEU A 1 92  ? -9.891  -2.535  -3.132  1.00 11.10 ? 92  LEU A CA  1 
ATOM   706  C  C   . LEU A 1 92  ? -9.812  -2.071  -1.685  1.00 11.18 ? 92  LEU A C   1 
ATOM   707  O  O   . LEU A 1 92  ? -9.846  -0.884  -1.446  1.00 12.32 ? 92  LEU A O   1 
ATOM   708  C  CB  . LEU A 1 92  ? -8.601  -2.071  -3.886  1.00 8.19  ? 92  LEU A CB  1 
ATOM   709  C  CG  . LEU A 1 92  ? -7.342  -2.781  -3.352  1.00 14.34 ? 92  LEU A CG  1 
ATOM   710  C  CD1 . LEU A 1 92  ? -7.463  -4.273  -3.660  1.00 14.48 ? 92  LEU A CD1 1 
ATOM   711  C  CD2 . LEU A 1 92  ? -6.073  -2.198  -3.994  1.00 14.23 ? 92  LEU A CD2 1 
ATOM   712  N  N   . LEU A 1 93  ? -9.710  -2.981  -0.716  1.00 11.24 ? 93  LEU A N   1 
ATOM   713  C  CA  . LEU A 1 93  ? -9.570  -2.571  0.689   1.00 12.62 ? 93  LEU A CA  1 
ATOM   714  C  C   . LEU A 1 93  ? -8.056  -2.364  0.896   1.00 13.36 ? 93  LEU A C   1 
ATOM   715  O  O   . LEU A 1 93  ? -7.246  -3.302  0.749   1.00 13.62 ? 93  LEU A O   1 
ATOM   716  C  CB  . LEU A 1 93  ? -10.095 -3.672  1.612   1.00 18.93 ? 93  LEU A CB  1 
ATOM   717  C  CG  . LEU A 1 93  ? -10.634 -3.416  3.042   1.00 23.63 ? 93  LEU A CG  1 
ATOM   718  C  CD1 . LEU A 1 93  ? -9.918  -4.295  4.015   1.00 22.97 ? 93  LEU A CD1 1 
ATOM   719  C  CD2 . LEU A 1 93  ? -10.587 -1.969  3.439   1.00 16.97 ? 93  LEU A CD2 1 
ATOM   720  N  N   . GLN A 1 94  ? -7.662  -1.131  1.185   1.00 12.51 ? 94  GLN A N   1 
ATOM   721  C  CA  . GLN A 1 94  ? -6.242  -0.808  1.401   1.00 13.84 ? 94  GLN A CA  1 
ATOM   722  C  C   . GLN A 1 94  ? -5.884  -0.582  2.860   1.00 16.02 ? 94  GLN A C   1 
ATOM   723  O  O   . GLN A 1 94  ? -6.711  -0.115  3.649   1.00 12.51 ? 94  GLN A O   1 
ATOM   724  C  CB  . GLN A 1 94  ? -5.865  0.453   0.617   1.00 13.21 ? 94  GLN A CB  1 
ATOM   725  C  CG  . GLN A 1 94  ? -6.085  0.331   -0.885  1.00 11.29 ? 94  GLN A CG  1 
ATOM   726  C  CD  . GLN A 1 94  ? -5.759  1.627   -1.588  1.00 16.57 ? 94  GLN A CD  1 
ATOM   727  O  OE1 . GLN A 1 94  ? -6.321  2.672   -1.244  1.00 12.84 ? 94  GLN A OE1 1 
ATOM   728  N  NE2 . GLN A 1 94  ? -4.882  1.574   -2.604  1.00 11.10 ? 94  GLN A NE2 1 
ATOM   729  N  N   . ALA A 1 95  ? -4.639  -0.932  3.203   1.00 15.96 ? 95  ALA A N   1 
ATOM   730  C  CA  . ALA A 1 95  ? -4.113  -0.735  4.539   1.00 18.14 ? 95  ALA A CA  1 
ATOM   731  C  C   . ALA A 1 95  ? -2.624  -0.479  4.324   1.00 15.59 ? 95  ALA A C   1 
ATOM   732  O  O   . ALA A 1 95  ? -2.065  -0.858  3.302   1.00 12.88 ? 95  ALA A O   1 
ATOM   733  C  CB  . ALA A 1 95  ? -4.314  -1.982  5.389   1.00 15.28 ? 95  ALA A CB  1 
ATOM   734  N  N   . PRO A 1 96  ? -1.955  0.170   5.292   1.00 18.56 ? 96  PRO A N   1 
ATOM   735  C  CA  . PRO A 1 96  ? -0.533  0.399   5.057   1.00 18.61 ? 96  PRO A CA  1 
ATOM   736  C  C   . PRO A 1 96  ? 0.316   -0.884  5.177   1.00 20.73 ? 96  PRO A C   1 
ATOM   737  O  O   . PRO A 1 96  ? 1.425   -0.948  4.659   1.00 21.25 ? 96  PRO A O   1 
ATOM   738  C  CB  . PRO A 1 96  ? -0.195  1.518   6.081   1.00 20.69 ? 96  PRO A CB  1 
ATOM   739  C  CG  . PRO A 1 96  ? -1.170  1.359   7.119   1.00 28.92 ? 96  PRO A CG  1 
ATOM   740  C  CD  . PRO A 1 96  ? -2.443  0.920   6.464   1.00 17.82 ? 96  PRO A CD  1 
ATOM   741  N  N   . ARG A 1 97  ? -0.253  -1.936  5.773   1.00 15.43 ? 97  ARG A N   1 
ATOM   742  C  CA  . ARG A 1 97  ? 0.445   -3.209  5.966   1.00 18.51 ? 97  ARG A CA  1 
ATOM   743  C  C   . ARG A 1 97  ? -0.619  -4.212  6.429   1.00 18.95 ? 97  ARG A C   1 
ATOM   744  O  O   . ARG A 1 97  ? -1.776  -3.835  6.605   1.00 17.30 ? 97  ARG A O   1 
ATOM   745  C  CB  . ARG A 1 97  ? 1.530   -3.064  7.052   1.00 18.65 ? 97  ARG A CB  1 
ATOM   746  C  CG  . ARG A 1 97  ? 1.021   -2.545  8.373   1.00 22.43 ? 97  ARG A CG  1 
ATOM   747  C  CD  . ARG A 1 97  ? 2.150   -2.288  9.385   1.00 34.16 ? 97  ARG A CD  1 
ATOM   748  N  NE  . ARG A 1 97  ? 2.360   -0.861  9.627   1.00 39.43 ? 97  ARG A NE  1 
ATOM   749  C  CZ  . ARG A 1 97  ? 3.027   -0.041  8.814   1.00 43.08 ? 97  ARG A CZ  1 
ATOM   750  N  NH1 . ARG A 1 97  ? 3.574   -0.492  7.689   1.00 44.44 ? 97  ARG A NH1 1 
ATOM   751  N  NH2 . ARG A 1 97  ? 3.134   1.245   9.121   1.00 47.57 ? 97  ARG A NH2 1 
ATOM   752  N  N   . TRP A 1 98  ? -0.250  -5.474  6.642   1.00 19.97 ? 98  TRP A N   1 
ATOM   753  C  CA  . TRP A 1 98  ? -1.260  -6.434  7.065   1.00 23.60 ? 98  TRP A CA  1 
ATOM   754  C  C   . TRP A 1 98  ? -0.984  -7.029  8.460   1.00 20.83 ? 98  TRP A C   1 
ATOM   755  O  O   . TRP A 1 98  ? -1.752  -7.862  8.974   1.00 20.84 ? 98  TRP A O   1 
ATOM   756  C  CB  . TRP A 1 98  ? -1.439  -7.505  5.972   1.00 21.98 ? 98  TRP A CB  1 
ATOM   757  C  CG  . TRP A 1 98  ? -0.169  -8.236  5.629   1.00 24.88 ? 98  TRP A CG  1 
ATOM   758  C  CD1 . TRP A 1 98  ? 0.308   -9.381  6.220   1.00 30.00 ? 98  TRP A CD1 1 
ATOM   759  C  CD2 . TRP A 1 98  ? 0.812   -7.845  4.657   1.00 30.29 ? 98  TRP A CD2 1 
ATOM   760  N  NE1 . TRP A 1 98  ? 1.529   -9.722  5.670   1.00 34.50 ? 98  TRP A NE1 1 
ATOM   761  C  CE2 . TRP A 1 98  ? 1.859   -8.796  4.711   1.00 33.24 ? 98  TRP A CE2 1 
ATOM   762  C  CE3 . TRP A 1 98  ? 0.908   -6.785  3.742   1.00 33.32 ? 98  TRP A CE3 1 
ATOM   763  C  CZ2 . TRP A 1 98  ? 2.985   -8.712  3.886   1.00 37.58 ? 98  TRP A CZ2 1 
ATOM   764  C  CZ3 . TRP A 1 98  ? 2.023   -6.702  2.920   1.00 32.76 ? 98  TRP A CZ3 1 
ATOM   765  C  CH2 . TRP A 1 98  ? 3.050   -7.663  2.999   1.00 41.66 ? 98  TRP A CH2 1 
ATOM   766  N  N   . VAL A 1 99  ? 0.080   -6.543  9.093   1.00 18.09 ? 99  VAL A N   1 
ATOM   767  C  CA  . VAL A 1 99  ? 0.431   -6.975  10.446  1.00 18.07 ? 99  VAL A CA  1 
ATOM   768  C  C   . VAL A 1 99  ? 0.648   -5.736  11.295  1.00 19.38 ? 99  VAL A C   1 
ATOM   769  O  O   . VAL A 1 99  ? 1.432   -4.871  10.926  1.00 20.36 ? 99  VAL A O   1 
ATOM   770  C  CB  . VAL A 1 99  ? 1.716   -7.821  10.467  1.00 20.09 ? 99  VAL A CB  1 
ATOM   771  C  CG1 . VAL A 1 99  ? 2.017   -8.237  11.894  1.00 24.34 ? 99  VAL A CG1 1 
ATOM   772  C  CG2 . VAL A 1 99  ? 1.536   -9.040  9.588   1.00 20.31 ? 99  VAL A CG2 1 
ATOM   773  N  N   . PHE A 1 100 ? -0.063  -5.657  12.414  1.00 19.76 ? 100 PHE A N   1 
ATOM   774  C  CA  . PHE A 1 100 ? 0.005   -4.534  13.327  1.00 20.97 ? 100 PHE A CA  1 
ATOM   775  C  C   . PHE A 1 100 ? 0.271   -5.002  14.767  1.00 27.54 ? 100 PHE A C   1 
ATOM   776  O  O   . PHE A 1 100 ? -0.097  -6.115  15.137  1.00 26.44 ? 100 PHE A O   1 
ATOM   777  C  CB  . PHE A 1 100 ? -1.335  -3.804  13.320  1.00 18.50 ? 100 PHE A CB  1 
ATOM   778  C  CG  . PHE A 1 100 ? -1.696  -3.205  11.990  1.00 20.07 ? 100 PHE A CG  1 
ATOM   779  C  CD1 . PHE A 1 100 ? -2.437  -3.935  11.061  1.00 18.83 ? 100 PHE A CD1 1 
ATOM   780  C  CD2 . PHE A 1 100 ? -1.282  -1.914  11.659  1.00 21.72 ? 100 PHE A CD2 1 
ATOM   781  C  CE1 . PHE A 1 100 ? -2.773  -3.382  9.805   1.00 15.79 ? 100 PHE A CE1 1 
ATOM   782  C  CE2 . PHE A 1 100 ? -1.602  -1.351  10.415  1.00 19.67 ? 100 PHE A CE2 1 
ATOM   783  C  CZ  . PHE A 1 100 ? -2.347  -2.082  9.489   1.00 19.99 ? 100 PHE A CZ  1 
ATOM   784  N  N   . LYS A 1 101 ? 0.873   -4.136  15.580  1.00 30.84 ? 101 LYS A N   1 
ATOM   785  C  CA  . LYS A 1 101 ? 1.118   -4.464  16.981  1.00 32.55 ? 101 LYS A CA  1 
ATOM   786  C  C   . LYS A 1 101 ? -0.041  -3.868  17.772  1.00 33.22 ? 101 LYS A C   1 
ATOM   787  O  O   . LYS A 1 101 ? -0.644  -2.868  17.338  1.00 28.16 ? 101 LYS A O   1 
ATOM   788  C  CB  . LYS A 1 101 ? 2.418   -3.823  17.469  1.00 36.82 ? 101 LYS A CB  1 
ATOM   789  C  CG  . LYS A 1 101 ? 3.636   -4.180  16.648  1.00 42.92 ? 101 LYS A CG  1 
ATOM   790  C  CD  . LYS A 1 101 ? 4.752   -3.192  16.932  1.00 48.08 ? 101 LYS A CD  1 
ATOM   791  C  CE  . LYS A 1 101 ? 5.859   -3.300  15.910  1.00 50.47 ? 101 LYS A CE  1 
ATOM   792  N  NZ  . LYS A 1 101 ? 6.712   -2.070  15.917  1.00 55.86 ? 101 LYS A NZ  1 
ATOM   793  N  N   . GLU A 1 102 ? -0.371  -4.481  18.911  1.00 31.06 ? 102 GLU A N   1 
ATOM   794  C  CA  . GLU A 1 102 ? -1.445  -3.968  19.761  1.00 31.19 ? 102 GLU A CA  1 
ATOM   795  C  C   . GLU A 1 102 ? -1.093  -2.510  20.054  1.00 35.50 ? 102 GLU A C   1 
ATOM   796  O  O   . GLU A 1 102 ? 0.099   -2.182  20.194  1.00 32.43 ? 102 GLU A O   1 
ATOM   797  C  CB  . GLU A 1 102 ? -1.506  -4.741  21.087  1.00 32.72 ? 102 GLU A CB  1 
ATOM   798  C  CG  . GLU A 1 102 ? -1.909  -6.200  20.979  1.00 39.18 ? 102 GLU A CG  1 
ATOM   799  C  CD  . GLU A 1 102 ? -1.975  -6.866  22.352  1.00 42.47 ? 102 GLU A CD  1 
ATOM   800  O  OE1 . GLU A 1 102 ? -0.906  -7.033  22.967  1.00 42.44 ? 102 GLU A OE1 1 
ATOM   801  O  OE2 . GLU A 1 102 ? -3.092  -7.195  22.815  1.00 45.29 ? 102 GLU A OE2 1 
ATOM   802  N  N   . GLU A 1 103 ? -2.113  -1.650  20.136  1.00 34.27 ? 103 GLU A N   1 
ATOM   803  C  CA  . GLU A 1 103 ? -1.929  -0.211  20.409  1.00 34.55 ? 103 GLU A CA  1 
ATOM   804  C  C   . GLU A 1 103 ? -1.818  0.596   19.117  1.00 30.47 ? 103 GLU A C   1 
ATOM   805  O  O   . GLU A 1 103 ? -2.148  1.776   19.086  1.00 28.20 ? 103 GLU A O   1 
ATOM   806  C  CB  . GLU A 1 103 ? -0.660  0.041   21.245  1.00 39.87 ? 103 GLU A CB  1 
ATOM   807  C  CG  . GLU A 1 103 ? -0.871  0.645   22.624  1.00 49.95 ? 103 GLU A CG  1 
ATOM   808  C  CD  . GLU A 1 103 ? -1.598  -0.283  23.558  1.00 51.90 ? 103 GLU A CD  1 
ATOM   809  O  OE1 . GLU A 1 103 ? -2.788  -0.565  23.295  1.00 53.66 ? 103 GLU A OE1 1 
ATOM   810  O  OE2 . GLU A 1 103 ? -0.978  -0.727  24.554  1.00 54.15 ? 103 GLU A OE2 1 
ATOM   811  N  N   . ASP A 1 104 ? -1.353  -0.058  18.056  1.00 28.79 ? 104 ASP A N   1 
ATOM   812  C  CA  . ASP A 1 104 ? -1.159  0.572   16.740  1.00 27.33 ? 104 ASP A CA  1 
ATOM   813  C  C   . ASP A 1 104 ? -2.442  1.093   16.111  1.00 21.10 ? 104 ASP A C   1 
ATOM   814  O  O   . ASP A 1 104 ? -3.517  0.494   16.277  1.00 22.34 ? 104 ASP A O   1 
ATOM   815  C  CB  . ASP A 1 104 ? -0.591  -0.460  15.766  1.00 32.89 ? 104 ASP A CB  1 
ATOM   816  C  CG  . ASP A 1 104 ? 0.909   -0.496  15.746  1.00 36.70 ? 104 ASP A CG  1 
ATOM   817  O  OD1 . ASP A 1 104 ? 1.535   0.144   16.616  1.00 37.15 ? 104 ASP A OD1 1 
ATOM   818  O  OD2 . ASP A 1 104 ? 1.455   -1.182  14.842  1.00 40.33 ? 104 ASP A OD2 1 
ATOM   819  N  N   . PRO A 1 105 ? -2.369  2.241   15.402  1.00 21.47 ? 105 PRO A N   1 
ATOM   820  C  CA  . PRO A 1 105 ? -3.617  2.688   14.783  1.00 20.34 ? 105 PRO A CA  1 
ATOM   821  C  C   . PRO A 1 105 ? -3.717  1.903   13.455  1.00 17.28 ? 105 PRO A C   1 
ATOM   822  O  O   . PRO A 1 105 ? -2.687  1.570   12.858  1.00 20.64 ? 105 PRO A O   1 
ATOM   823  C  CB  . PRO A 1 105 ? -3.378  4.186   14.551  1.00 25.06 ? 105 PRO A CB  1 
ATOM   824  C  CG  . PRO A 1 105 ? -1.895  4.273   14.315  1.00 27.36 ? 105 PRO A CG  1 
ATOM   825  C  CD  . PRO A 1 105 ? -1.325  3.281   15.341  1.00 22.98 ? 105 PRO A CD  1 
ATOM   826  N  N   . ILE A 1 106 ? -4.932  1.605   13.003  1.00 16.84 ? 106 ILE A N   1 
ATOM   827  C  CA  . ILE A 1 106 ? -5.112  0.901   11.729  1.00 18.32 ? 106 ILE A CA  1 
ATOM   828  C  C   . ILE A 1 106 ? -5.987  1.739   10.796  1.00 17.67 ? 106 ILE A C   1 
ATOM   829  O  O   . ILE A 1 106 ? -7.182  1.928   11.052  1.00 19.59 ? 106 ILE A O   1 
ATOM   830  C  CB  . ILE A 1 106 ? -5.818  -0.454  11.924  1.00 20.20 ? 106 ILE A CB  1 
ATOM   831  C  CG1 . ILE A 1 106 ? -4.931  -1.388  12.764  1.00 15.86 ? 106 ILE A CG1 1 
ATOM   832  C  CG2 . ILE A 1 106 ? -6.129  -1.056  10.557  1.00 15.26 ? 106 ILE A CG2 1 
ATOM   833  C  CD1 . ILE A 1 106 ? -5.688  -2.642  13.211  1.00 21.64 ? 106 ILE A CD1 1 
ATOM   834  N  N   . HIS A 1 107 ? -5.398  2.198   9.696   1.00 17.01 ? 107 HIS A N   1 
ATOM   835  C  CA  . HIS A 1 107 ? -6.084  3.052   8.710   1.00 11.56 ? 107 HIS A CA  1 
ATOM   836  C  C   . HIS A 1 107 ? -6.496  2.183   7.513   1.00 12.41 ? 107 HIS A C   1 
ATOM   837  O  O   . HIS A 1 107 ? -5.631  1.689   6.795   1.00 17.11 ? 107 HIS A O   1 
ATOM   838  C  CB  . HIS A 1 107 ? -5.094  4.116   8.247   1.00 10.16 ? 107 HIS A CB  1 
ATOM   839  C  CG  . HIS A 1 107 ? -5.661  5.132   7.309   1.00 13.02 ? 107 HIS A CG  1 
ATOM   840  N  ND1 . HIS A 1 107 ? -4.917  6.200   6.867   1.00 11.62 ? 107 HIS A ND1 1 
ATOM   841  C  CD2 . HIS A 1 107 ? -6.861  5.221   6.685   1.00 14.60 ? 107 HIS A CD2 1 
ATOM   842  C  CE1 . HIS A 1 107 ? -5.628  6.905   6.005   1.00 13.94 ? 107 HIS A CE1 1 
ATOM   843  N  NE2 . HIS A 1 107 ? -6.811  6.337   5.878   1.00 11.38 ? 107 HIS A NE2 1 
ATOM   844  N  N   . LEU A 1 108 ? -7.790  1.992   7.316   1.00 12.11 ? 108 LEU A N   1 
ATOM   845  C  CA  . LEU A 1 108 ? -8.238  1.199   6.172   1.00 15.71 ? 108 LEU A CA  1 
ATOM   846  C  C   . LEU A 1 108 ? -8.936  2.168   5.225   1.00 15.58 ? 108 LEU A C   1 
ATOM   847  O  O   . LEU A 1 108 ? -9.578  3.148   5.659   1.00 14.70 ? 108 LEU A O   1 
ATOM   848  C  CB  . LEU A 1 108 ? -9.238  0.137   6.587   1.00 14.47 ? 108 LEU A CB  1 
ATOM   849  C  CG  . LEU A 1 108 ? -8.752  -0.850  7.663   1.00 16.95 ? 108 LEU A CG  1 
ATOM   850  C  CD1 . LEU A 1 108 ? -9.837  -1.813  8.057   1.00 16.62 ? 108 LEU A CD1 1 
ATOM   851  C  CD2 . LEU A 1 108 ? -7.535  -1.588  7.125   1.00 15.10 ? 108 LEU A CD2 1 
ATOM   852  N  N   . ARG A 1 109 ? -8.859  1.860   3.940   1.00 12.75 ? 109 ARG A N   1 
ATOM   853  C  CA  . ARG A 1 109 ? -9.466  2.694   2.919   1.00 12.61 ? 109 ARG A CA  1 
ATOM   854  C  C   . ARG A 1 109 ? -10.167 1.780   1.929   1.00 15.15 ? 109 ARG A C   1 
ATOM   855  O  O   . ARG A 1 109 ? -9.593  0.786   1.461   1.00 14.44 ? 109 ARG A O   1 
ATOM   856  C  CB  . ARG A 1 109 ? -8.385  3.519   2.210   1.00 14.84 ? 109 ARG A CB  1 
ATOM   857  C  CG  . ARG A 1 109 ? -8.838  4.186   0.889   1.00 16.14 ? 109 ARG A CG  1 
ATOM   858  C  CD  . ARG A 1 109 ? -7.733  5.091   0.385   1.00 12.61 ? 109 ARG A CD  1 
ATOM   859  N  NE  . ARG A 1 109 ? -8.183  5.972   -0.695  1.00 16.15 ? 109 ARG A NE  1 
ATOM   860  C  CZ  . ARG A 1 109 ? -7.631  6.048   -1.899  1.00 16.39 ? 109 ARG A CZ  1 
ATOM   861  N  NH1 . ARG A 1 109 ? -6.592  5.259   -2.230  1.00 13.59 ? 109 ARG A NH1 1 
ATOM   862  N  NH2 . ARG A 1 109 ? -8.041  6.995   -2.734  1.00 17.00 ? 109 ARG A NH2 1 
ATOM   863  N  N   . CYS A 1 110 ? -11.406 2.115   1.592   1.00 12.46 ? 110 CYS A N   1 
ATOM   864  C  CA  . CYS A 1 110 ? -12.171 1.325   0.595   1.00 10.73 ? 110 CYS A CA  1 
ATOM   865  C  C   . CYS A 1 110 ? -11.993 2.090   -0.705  1.00 11.08 ? 110 CYS A C   1 
ATOM   866  O  O   . CYS A 1 110 ? -12.771 2.990   -1.058  1.00 12.90 ? 110 CYS A O   1 
ATOM   867  C  CB  . CYS A 1 110 ? -13.646 1.235   0.973   1.00 12.39 ? 110 CYS A CB  1 
ATOM   868  S  SG  . CYS A 1 110 ? -14.544 0.028   -0.041  1.00 12.52 ? 110 CYS A SG  1 
ATOM   869  N  N   . HIS A 1 111 ? -10.958 1.715   -1.444  1.00 10.15 ? 111 HIS A N   1 
ATOM   870  C  CA  . HIS A 1 111 ? -10.626 2.482   -2.649  1.00 11.66 ? 111 HIS A CA  1 
ATOM   871  C  C   . HIS A 1 111 ? -11.415 2.060   -3.862  1.00 10.66 ? 111 HIS A C   1 
ATOM   872  O  O   . HIS A 1 111 ? -11.457 0.878   -4.173  1.00 13.01 ? 111 HIS A O   1 
ATOM   873  C  CB  . HIS A 1 111 ? -9.100  2.350   -2.927  1.00 10.69 ? 111 HIS A CB  1 
ATOM   874  C  CG  . HIS A 1 111 ? -8.627  3.035   -4.176  1.00 15.54 ? 111 HIS A CG  1 
ATOM   875  N  ND1 . HIS A 1 111 ? -8.953  4.342   -4.486  1.00 13.04 ? 111 HIS A ND1 1 
ATOM   876  C  CD2 . HIS A 1 111 ? -7.820  2.604   -5.178  1.00 13.26 ? 111 HIS A CD2 1 
ATOM   877  C  CE1 . HIS A 1 111 ? -8.367  4.683   -5.620  1.00 13.10 ? 111 HIS A CE1 1 
ATOM   878  N  NE2 . HIS A 1 111 ? -7.670  3.652   -6.060  1.00 12.63 ? 111 HIS A NE2 1 
ATOM   879  N  N   . SER A 1 112 ? -12.046 3.023   -4.537  1.00 10.27 ? 112 SER A N   1 
ATOM   880  C  CA  . SER A 1 112 ? -12.755 2.708   -5.774  1.00 13.63 ? 112 SER A CA  1 
ATOM   881  C  C   . SER A 1 112 ? -11.851 2.977   -6.966  1.00 12.74 ? 112 SER A C   1 
ATOM   882  O  O   . SER A 1 112 ? -10.923 3.779   -6.914  1.00 13.12 ? 112 SER A O   1 
ATOM   883  C  CB  . SER A 1 112 ? -14.039 3.541   -5.920  1.00 13.91 ? 112 SER A CB  1 
ATOM   884  O  OG  . SER A 1 112 ? -13.707 4.908   -5.870  1.00 18.79 ? 112 SER A OG  1 
ATOM   885  N  N   . TRP A 1 113 ? -12.118 2.244   -8.042  1.00 11.76 ? 113 TRP A N   1 
ATOM   886  C  CA  . TRP A 1 113 ? -11.388 2.325   -9.299  1.00 12.75 ? 113 TRP A CA  1 
ATOM   887  C  C   . TRP A 1 113 ? -11.420 3.747   -9.849  1.00 15.26 ? 113 TRP A C   1 
ATOM   888  O  O   . TRP A 1 113 ? -12.394 4.447   -9.627  1.00 13.93 ? 113 TRP A O   1 
ATOM   889  C  CB  . TRP A 1 113 ? -12.074 1.406   -10.307 1.00 12.70 ? 113 TRP A CB  1 
ATOM   890  C  CG  . TRP A 1 113 ? -11.412 1.349   -11.661 1.00 11.64 ? 113 TRP A CG  1 
ATOM   891  C  CD1 . TRP A 1 113 ? -11.703 2.095   -12.763 1.00 16.14 ? 113 TRP A CD1 1 
ATOM   892  C  CD2 . TRP A 1 113 ? -10.406 0.411   -12.056 1.00 14.14 ? 113 TRP A CD2 1 
ATOM   893  N  NE1 . TRP A 1 113 ? -10.938 1.670   -13.836 1.00 10.84 ? 113 TRP A NE1 1 
ATOM   894  C  CE2 . TRP A 1 113 ? -10.134 0.639   -13.423 1.00 14.62 ? 113 TRP A CE2 1 
ATOM   895  C  CE3 . TRP A 1 113 ? -9.715  -0.604  -11.388 1.00 14.08 ? 113 TRP A CE3 1 
ATOM   896  C  CZ2 . TRP A 1 113 ? -9.199  -0.123  -14.143 1.00 12.52 ? 113 TRP A CZ2 1 
ATOM   897  C  CZ3 . TRP A 1 113 ? -8.775  -1.376  -12.106 1.00 10.93 ? 113 TRP A CZ3 1 
ATOM   898  C  CH2 . TRP A 1 113 ? -8.531  -1.119  -13.476 1.00 13.55 ? 113 TRP A CH2 1 
ATOM   899  N  N   . LYS A 1 114 ? -10.342 4.152   -10.528 1.00 14.43 ? 114 LYS A N   1 
ATOM   900  C  CA  . LYS A 1 114 ? -10.240 5.468   -11.172 1.00 14.48 ? 114 LYS A CA  1 
ATOM   901  C  C   . LYS A 1 114 ? -11.530 5.989   -11.814 1.00 14.72 ? 114 LYS A C   1 
ATOM   902  O  O   . LYS A 1 114 ? -12.178 5.326   -12.636 1.00 13.97 ? 114 LYS A O   1 
ATOM   903  C  CB  . LYS A 1 114 ? -9.147  5.457   -12.264 1.00 15.76 ? 114 LYS A CB  1 
ATOM   904  C  CG  . LYS A 1 114 ? -8.623  6.871   -12.607 1.00 20.70 ? 114 LYS A CG  1 
ATOM   905  C  CD  . LYS A 1 114 ? -7.483  6.848   -13.594 1.00 31.98 ? 114 LYS A CD  1 
ATOM   906  C  CE  . LYS A 1 114 ? -7.013  8.270   -13.939 1.00 31.31 ? 114 LYS A CE  1 
ATOM   907  N  NZ  . LYS A 1 114 ? -6.536  8.916   -12.701 1.00 34.37 ? 114 LYS A NZ  1 
ATOM   908  N  N   . ASN A 1 115 ? -11.895 7.224   -11.462 1.00 19.33 ? 115 ASN A N   1 
ATOM   909  C  CA  . ASN A 1 115 ? -13.080 7.900   -12.008 1.00 18.76 ? 115 ASN A CA  1 
ATOM   910  C  C   . ASN A 1 115 ? -14.451 7.295   -11.696 1.00 19.93 ? 115 ASN A C   1 
ATOM   911  O  O   . ASN A 1 115 ? -15.467 7.618   -12.346 1.00 18.41 ? 115 ASN A O   1 
ATOM   912  C  CB  . ASN A 1 115 ? -12.909 8.170   -13.518 1.00 23.80 ? 115 ASN A CB  1 
ATOM   913  C  CG  . ASN A 1 115 ? -11.816 9.233   -13.792 1.00 28.60 ? 115 ASN A CG  1 
ATOM   914  O  OD1 . ASN A 1 115 ? -11.621 10.161  -12.994 1.00 27.19 ? 115 ASN A OD1 1 
ATOM   915  N  ND2 . ASN A 1 115 ? -11.120 9.101   -14.902 1.00 27.35 ? 115 ASN A ND2 1 
ATOM   916  N  N   . THR A 1 116 ? -14.483 6.416   -10.691 1.00 18.34 ? 116 THR A N   1 
ATOM   917  C  CA  . THR A 1 116 ? -15.741 5.862   -10.203 1.00 20.14 ? 116 THR A CA  1 
ATOM   918  C  C   . THR A 1 116 ? -15.890 6.353   -8.769  1.00 20.02 ? 116 THR A C   1 
ATOM   919  O  O   . THR A 1 116 ? -14.894 6.660   -8.099  1.00 15.06 ? 116 THR A O   1 
ATOM   920  C  CB  . THR A 1 116 ? -15.789 4.338   -10.190 1.00 19.43 ? 116 THR A CB  1 
ATOM   921  O  OG1 . THR A 1 116 ? -14.929 3.807   -9.167  1.00 16.71 ? 116 THR A OG1 1 
ATOM   922  C  CG2 . THR A 1 116 ? -15.389 3.819   -11.539 1.00 17.03 ? 116 THR A CG2 1 
ATOM   923  N  N   . ALA A 1 117 ? -17.136 6.431   -8.304  1.00 20.02 ? 117 ALA A N   1 
ATOM   924  C  CA  . ALA A 1 117 ? -17.417 6.889   -6.954  1.00 18.47 ? 117 ALA A CA  1 
ATOM   925  C  C   . ALA A 1 117 ? -18.278 5.875   -6.237  1.00 15.69 ? 117 ALA A C   1 
ATOM   926  O  O   . ALA A 1 117 ? -19.274 5.389   -6.769  1.00 17.04 ? 117 ALA A O   1 
ATOM   927  C  CB  . ALA A 1 117 ? -18.128 8.258   -6.989  1.00 20.51 ? 117 ALA A CB  1 
ATOM   928  N  N   . LEU A 1 118 ? -17.889 5.563   -5.012  1.00 16.09 ? 118 LEU A N   1 
ATOM   929  C  CA  . LEU A 1 118 ? -18.601 4.605   -4.198  1.00 14.91 ? 118 LEU A CA  1 
ATOM   930  C  C   . LEU A 1 118 ? -19.489 5.269   -3.141  1.00 15.16 ? 118 LEU A C   1 
ATOM   931  O  O   . LEU A 1 118 ? -19.081 6.239   -2.519  1.00 18.51 ? 118 LEU A O   1 
ATOM   932  C  CB  . LEU A 1 118 ? -17.553 3.763   -3.514  1.00 18.64 ? 118 LEU A CB  1 
ATOM   933  C  CG  . LEU A 1 118 ? -17.946 2.585   -2.672  1.00 18.67 ? 118 LEU A CG  1 
ATOM   934  C  CD1 . LEU A 1 118 ? -18.420 1.471   -3.586  1.00 22.76 ? 118 LEU A CD1 1 
ATOM   935  C  CD2 . LEU A 1 118 ? -16.686 2.133   -1.927  1.00 33.02 ? 118 LEU A CD2 1 
ATOM   936  N  N   . HIS A 1 119 ? -20.680 4.722   -2.903  1.00 17.82 ? 119 HIS A N   1 
ATOM   937  C  CA  . HIS A 1 119 ? -21.567 5.265   -1.857  1.00 19.38 ? 119 HIS A CA  1 
ATOM   938  C  C   . HIS A 1 119 ? -22.093 4.107   -1.003  1.00 20.39 ? 119 HIS A C   1 
ATOM   939  O  O   . HIS A 1 119 ? -21.975 2.935   -1.392  1.00 15.36 ? 119 HIS A O   1 
ATOM   940  C  CB  . HIS A 1 119 ? -22.768 6.024   -2.470  1.00 22.96 ? 119 HIS A CB  1 
ATOM   941  C  CG  . HIS A 1 119 ? -22.382 7.216   -3.297  1.00 29.24 ? 119 HIS A CG  1 
ATOM   942  N  ND1 . HIS A 1 119 ? -22.008 7.115   -4.624  1.00 27.84 ? 119 HIS A ND1 1 
ATOM   943  C  CD2 . HIS A 1 119 ? -22.276 8.532   -2.975  1.00 29.43 ? 119 HIS A CD2 1 
ATOM   944  C  CE1 . HIS A 1 119 ? -21.689 8.315   -5.084  1.00 27.97 ? 119 HIS A CE1 1 
ATOM   945  N  NE2 . HIS A 1 119 ? -21.841 9.192   -4.103  1.00 33.66 ? 119 HIS A NE2 1 
ATOM   946  N  N   . LYS A 1 120 ? -22.661 4.422   0.163   1.00 16.22 ? 120 LYS A N   1 
ATOM   947  C  CA  . LYS A 1 120 ? -23.226 3.386   1.054   1.00 18.31 ? 120 LYS A CA  1 
ATOM   948  C  C   . LYS A 1 120 ? -22.238 2.267   1.300   1.00 18.17 ? 120 LYS A C   1 
ATOM   949  O  O   . LYS A 1 120 ? -22.509 1.072   1.055   1.00 21.35 ? 120 LYS A O   1 
ATOM   950  C  CB  . LYS A 1 120 ? -24.527 2.864   0.453   1.00 25.07 ? 120 LYS A CB  1 
ATOM   951  C  CG  . LYS A 1 120 ? -25.489 4.037   0.216   1.00 28.13 ? 120 LYS A CG  1 
ATOM   952  C  CD  . LYS A 1 120 ? -26.890 3.619   -0.191  1.00 33.73 ? 120 LYS A CD  1 
ATOM   953  C  CE  . LYS A 1 120 ? -27.744 4.880   -0.393  1.00 37.48 ? 120 LYS A CE  1 
ATOM   954  N  NZ  . LYS A 1 120 ? -29.171 4.548   -0.689  1.00 47.04 ? 120 LYS A NZ  1 
ATOM   955  N  N   . VAL A 1 121 ? -21.091 2.677   1.824   1.00 15.84 ? 121 VAL A N   1 
ATOM   956  C  CA  . VAL A 1 121 ? -19.970 1.778   2.077   1.00 14.49 ? 121 VAL A CA  1 
ATOM   957  C  C   . VAL A 1 121 ? -19.945 1.159   3.470   1.00 16.51 ? 121 VAL A C   1 
ATOM   958  O  O   . VAL A 1 121 ? -20.095 1.869   4.470   1.00 16.23 ? 121 VAL A O   1 
ATOM   959  C  CB  . VAL A 1 121 ? -18.650 2.550   1.902   1.00 16.59 ? 121 VAL A CB  1 
ATOM   960  C  CG1 . VAL A 1 121 ? -17.452 1.608   2.162   1.00 17.00 ? 121 VAL A CG1 1 
ATOM   961  C  CG2 . VAL A 1 121 ? -18.577 3.176   0.514   1.00 18.74 ? 121 VAL A CG2 1 
ATOM   962  N  N   . THR A 1 122 ? -19.709 -0.157  3.539   1.00 16.87 ? 122 THR A N   1 
ATOM   963  C  CA  . THR A 1 122 ? -19.590 -0.841  4.834   1.00 16.37 ? 122 THR A CA  1 
ATOM   964  C  C   . THR A 1 122 ? -18.224 -1.528  4.863   1.00 16.32 ? 122 THR A C   1 
ATOM   965  O  O   . THR A 1 122 ? -17.793 -2.078  3.864   1.00 14.80 ? 122 THR A O   1 
ATOM   966  C  CB  . THR A 1 122 ? -20.652 -1.957  5.014   1.00 17.41 ? 122 THR A CB  1 
ATOM   967  O  OG1 . THR A 1 122 ? -21.965 -1.383  5.001   1.00 18.14 ? 122 THR A OG1 1 
ATOM   968  C  CG2 . THR A 1 122 ? -20.417 -2.707  6.329   1.00 16.24 ? 122 THR A CG2 1 
ATOM   969  N  N   . TYR A 1 123 ? -17.550 -1.476  6.002   1.00 13.11 ? 123 TYR A N   1 
ATOM   970  C  CA  . TYR A 1 123 ? -16.280 -2.167  6.188   1.00 15.45 ? 123 TYR A CA  1 
ATOM   971  C  C   . TYR A 1 123 ? -16.708 -3.334  7.097   1.00 14.46 ? 123 TYR A C   1 
ATOM   972  O  O   . TYR A 1 123 ? -17.424 -3.132  8.082   1.00 15.95 ? 123 TYR A O   1 
ATOM   973  C  CB  . TYR A 1 123 ? -15.290 -1.294  6.957   1.00 13.81 ? 123 TYR A CB  1 
ATOM   974  C  CG  . TYR A 1 123 ? -14.729 -0.157  6.151   1.00 15.83 ? 123 TYR A CG  1 
ATOM   975  C  CD1 . TYR A 1 123 ? -15.425 1.036   6.009   1.00 12.29 ? 123 TYR A CD1 1 
ATOM   976  C  CD2 . TYR A 1 123 ? -13.469 -0.278  5.559   1.00 16.67 ? 123 TYR A CD2 1 
ATOM   977  C  CE1 . TYR A 1 123 ? -14.871 2.112   5.277   1.00 12.81 ? 123 TYR A CE1 1 
ATOM   978  C  CE2 . TYR A 1 123 ? -12.893 0.781   4.845   1.00 16.03 ? 123 TYR A CE2 1 
ATOM   979  C  CZ  . TYR A 1 123 ? -13.606 1.967   4.713   1.00 16.79 ? 123 TYR A CZ  1 
ATOM   980  O  OH  . TYR A 1 123 ? -13.041 3.004   4.018   1.00 11.79 ? 123 TYR A OH  1 
ATOM   981  N  N   . LEU A 1 124 ? -16.281 -4.540  6.765   1.00 14.71 ? 124 LEU A N   1 
ATOM   982  C  CA  . LEU A 1 124 ? -16.651 -5.701  7.531   1.00 11.45 ? 124 LEU A CA  1 
ATOM   983  C  C   . LEU A 1 124 ? -15.437 -6.421  8.016   1.00 14.88 ? 124 LEU A C   1 
ATOM   984  O  O   . LEU A 1 124 ? -14.376 -6.367  7.381   1.00 13.78 ? 124 LEU A O   1 
ATOM   985  C  CB  . LEU A 1 124 ? -17.471 -6.672  6.676   1.00 13.58 ? 124 LEU A CB  1 
ATOM   986  C  CG  . LEU A 1 124 ? -18.861 -6.189  6.257   1.00 16.95 ? 124 LEU A CG  1 
ATOM   987  C  CD1 . LEU A 1 124 ? -18.762 -5.521  4.863   1.00 17.43 ? 124 LEU A CD1 1 
ATOM   988  C  CD2 . LEU A 1 124 ? -19.818 -7.388  6.210   1.00 20.32 ? 124 LEU A CD2 1 
ATOM   989  N  N   . GLN A 1 125 ? -15.593 -7.074  9.172   1.00 15.59 ? 125 GLN A N   1 
ATOM   990  C  CA  . GLN A 1 125 ? -14.543 -7.882  9.764   1.00 14.89 ? 125 GLN A CA  1 
ATOM   991  C  C   . GLN A 1 125 ? -15.156 -9.238  10.114  1.00 17.43 ? 125 GLN A C   1 
ATOM   992  O  O   . GLN A 1 125 ? -16.147 -9.311  10.860  1.00 16.09 ? 125 GLN A O   1 
ATOM   993  C  CB  . GLN A 1 125 ? -13.957 -7.264  11.041  1.00 15.50 ? 125 GLN A CB  1 
ATOM   994  C  CG  . GLN A 1 125 ? -12.994 -8.228  11.751  1.00 16.38 ? 125 GLN A CG  1 
ATOM   995  C  CD  . GLN A 1 125 ? -12.677 -7.831  13.181  1.00 19.82 ? 125 GLN A CD  1 
ATOM   996  O  OE1 . GLN A 1 125 ? -13.237 -6.874  13.713  1.00 23.80 ? 125 GLN A OE1 1 
ATOM   997  N  NE2 . GLN A 1 125 ? -11.792 -8.589  13.821  1.00 21.40 ? 125 GLN A NE2 1 
ATOM   998  N  N   . ASN A 1 126 ? -14.562 -10.303 9.585   1.00 15.75 ? 126 ASN A N   1 
ATOM   999  C  CA  . ASN A 1 126 ? -15.060 -11.647 9.836   1.00 16.32 ? 126 ASN A CA  1 
ATOM   1000 C  C   . ASN A 1 126 ? -16.549 -11.747 9.604   1.00 19.49 ? 126 ASN A C   1 
ATOM   1001 O  O   . ASN A 1 126 ? -17.280 -12.342 10.419  1.00 18.86 ? 126 ASN A O   1 
ATOM   1002 C  CB  . ASN A 1 126 ? -14.714 -12.080 11.259  1.00 16.49 ? 126 ASN A CB  1 
ATOM   1003 C  CG  . ASN A 1 126 ? -13.198 -12.200 11.469  1.00 19.76 ? 126 ASN A CG  1 
ATOM   1004 O  OD1 . ASN A 1 126 ? -12.453 -12.540 10.543  1.00 17.58 ? 126 ASN A OD1 1 
ATOM   1005 N  ND2 . ASN A 1 126 ? -12.751 -11.916 12.672  1.00 13.54 ? 126 ASN A ND2 1 
ATOM   1006 N  N   . GLY A 1 127 ? -16.987 -11.172 8.480   1.00 16.84 ? 127 GLY A N   1 
ATOM   1007 C  CA  . GLY A 1 127 ? -18.384 -11.195 8.074   1.00 18.26 ? 127 GLY A CA  1 
ATOM   1008 C  C   . GLY A 1 127 ? -19.369 -10.301 8.830   1.00 22.28 ? 127 GLY A C   1 
ATOM   1009 O  O   . GLY A 1 127 ? -20.579 -10.387 8.601   1.00 22.70 ? 127 GLY A O   1 
ATOM   1010 N  N   . LYS A 1 128 ? -18.872 -9.443  9.717   1.00 20.65 ? 128 LYS A N   1 
ATOM   1011 C  CA  . LYS A 1 128 ? -19.742 -8.554  10.492  1.00 24.04 ? 128 LYS A CA  1 
ATOM   1012 C  C   . LYS A 1 128 ? -19.414 -7.088  10.242  1.00 21.94 ? 128 LYS A C   1 
ATOM   1013 O  O   . LYS A 1 128 ? -18.242 -6.711  10.147  1.00 19.58 ? 128 LYS A O   1 
ATOM   1014 C  CB  . LYS A 1 128 ? -19.599 -8.846  11.990  1.00 29.86 ? 128 LYS A CB  1 
ATOM   1015 C  CG  . LYS A 1 128 ? -20.027 -10.264 12.361  1.00 38.87 ? 128 LYS A CG  1 
ATOM   1016 C  CD  . LYS A 1 128 ? -20.572 -10.314 13.782  1.00 46.47 ? 128 LYS A CD  1 
ATOM   1017 C  CE  . LYS A 1 128 ? -21.503 -11.503 13.971  1.00 50.35 ? 128 LYS A CE  1 
ATOM   1018 N  NZ  . LYS A 1 128 ? -22.353 -11.350 15.198  1.00 55.97 ? 128 LYS A NZ  1 
ATOM   1019 N  N   . ASP A 1 129 ? -20.458 -6.272  10.130  1.00 22.86 ? 129 ASP A N   1 
ATOM   1020 C  CA  . ASP A 1 129 ? -20.302 -4.834  9.910   1.00 24.52 ? 129 ASP A CA  1 
ATOM   1021 C  C   . ASP A 1 129 ? -19.469 -4.186  11.020  1.00 24.55 ? 129 ASP A C   1 
ATOM   1022 O  O   . ASP A 1 129 ? -19.718 -4.439  12.202  1.00 26.52 ? 129 ASP A O   1 
ATOM   1023 C  CB  . ASP A 1 129 ? -21.690 -4.171  9.879   1.00 23.98 ? 129 ASP A CB  1 
ATOM   1024 C  CG  . ASP A 1 129 ? -22.484 -4.525  8.643   1.00 28.94 ? 129 ASP A CG  1 
ATOM   1025 O  OD1 . ASP A 1 129 ? -22.069 -5.418  7.875   1.00 27.07 ? 129 ASP A OD1 1 
ATOM   1026 O  OD2 . ASP A 1 129 ? -23.546 -3.890  8.434   1.00 28.77 ? 129 ASP A OD2 1 
ATOM   1027 N  N   . ARG A 1 130 ? -18.477 -3.377  10.643  1.00 21.31 ? 130 ARG A N   1 
ATOM   1028 C  CA  . ARG A 1 130 ? -17.626 -2.635  11.581  1.00 24.69 ? 130 ARG A CA  1 
ATOM   1029 C  C   . ARG A 1 130 ? -17.886 -1.112  11.448  1.00 24.97 ? 130 ARG A C   1 
ATOM   1030 O  O   . ARG A 1 130 ? -17.758 -0.364  12.430  1.00 21.08 ? 130 ARG A O   1 
ATOM   1031 C  CB  . ARG A 1 130 ? -16.120 -2.857  11.315  1.00 24.42 ? 130 ARG A CB  1 
ATOM   1032 C  CG  . ARG A 1 130 ? -15.463 -4.100  11.926  1.00 30.11 ? 130 ARG A CG  1 
ATOM   1033 C  CD  . ARG A 1 130 ? -15.432 -4.045  13.451  1.00 26.00 ? 130 ARG A CD  1 
ATOM   1034 N  NE  . ARG A 1 130 ? -14.555 -3.039  14.062  1.00 22.02 ? 130 ARG A NE  1 
ATOM   1035 C  CZ  . ARG A 1 130 ? -13.245 -3.185  14.274  1.00 24.70 ? 130 ARG A CZ  1 
ATOM   1036 N  NH1 . ARG A 1 130 ? -12.617 -4.297  13.901  1.00 26.27 ? 130 ARG A NH1 1 
ATOM   1037 N  NH2 . ARG A 1 130 ? -12.561 -2.250  14.929  1.00 25.81 ? 130 ARG A NH2 1 
ATOM   1038 N  N   . LYS A 1 131 ? -18.245 -0.649  10.248  1.00 18.83 ? 131 LYS A N   1 
ATOM   1039 C  CA  . LYS A 1 131 ? -18.450 0.780   10.034  1.00 17.49 ? 131 LYS A CA  1 
ATOM   1040 C  C   . LYS A 1 131 ? -19.189 1.031   8.729   1.00 20.92 ? 131 LYS A C   1 
ATOM   1041 O  O   . LYS A 1 131 ? -18.885 0.408   7.711   1.00 17.80 ? 131 LYS A O   1 
ATOM   1042 C  CB  . LYS A 1 131 ? -17.090 1.496   9.962   1.00 17.06 ? 131 LYS A CB  1 
ATOM   1043 C  CG  . LYS A 1 131 ? -17.152 3.008   9.757   1.00 18.04 ? 131 LYS A CG  1 
ATOM   1044 C  CD  . LYS A 1 131 ? -17.690 3.712   10.997  1.00 28.55 ? 131 LYS A CD  1 
ATOM   1045 C  CE  . LYS A 1 131 ? -17.613 5.224   10.846  1.00 28.36 ? 131 LYS A CE  1 
ATOM   1046 N  NZ  . LYS A 1 131 ? -18.205 5.932   12.024  1.00 31.82 ? 131 LYS A NZ  1 
ATOM   1047 N  N   . TYR A 1 132 ? -20.113 1.983   8.755   1.00 17.15 ? 132 TYR A N   1 
ATOM   1048 C  CA  . TYR A 1 132 ? -20.887 2.358   7.574   1.00 14.66 ? 132 TYR A CA  1 
ATOM   1049 C  C   . TYR A 1 132 ? -20.756 3.863   7.290   1.00 14.57 ? 132 TYR A C   1 
ATOM   1050 O  O   . TYR A 1 132 ? -20.759 4.672   8.212   1.00 16.76 ? 132 TYR A O   1 
ATOM   1051 C  CB  . TYR A 1 132 ? -22.371 2.024   7.774   1.00 15.89 ? 132 TYR A CB  1 
ATOM   1052 C  CG  . TYR A 1 132 ? -23.282 2.461   6.634   1.00 18.89 ? 132 TYR A CG  1 
ATOM   1053 C  CD1 . TYR A 1 132 ? -23.379 1.711   5.445   1.00 21.21 ? 132 TYR A CD1 1 
ATOM   1054 C  CD2 . TYR A 1 132 ? -24.015 3.655   6.724   1.00 19.89 ? 132 TYR A CD2 1 
ATOM   1055 C  CE1 . TYR A 1 132 ? -24.181 2.159   4.386   1.00 21.39 ? 132 TYR A CE1 1 
ATOM   1056 C  CE2 . TYR A 1 132 ? -24.801 4.103   5.688   1.00 21.39 ? 132 TYR A CE2 1 
ATOM   1057 C  CZ  . TYR A 1 132 ? -24.886 3.360   4.527   1.00 21.42 ? 132 TYR A CZ  1 
ATOM   1058 O  OH  . TYR A 1 132 ? -25.690 3.821   3.520   1.00 25.39 ? 132 TYR A OH  1 
ATOM   1059 N  N   . PHE A 1 133 ? -20.599 4.218   6.024   1.00 13.67 ? 133 PHE A N   1 
ATOM   1060 C  CA  . PHE A 1 133 ? -20.537 5.623   5.598   1.00 17.38 ? 133 PHE A CA  1 
ATOM   1061 C  C   . PHE A 1 133 ? -21.474 5.788   4.424   1.00 20.68 ? 133 PHE A C   1 
ATOM   1062 O  O   . PHE A 1 133 ? -21.474 4.971   3.491   1.00 18.90 ? 133 PHE A O   1 
ATOM   1063 C  CB  . PHE A 1 133 ? -19.152 6.044   5.106   1.00 16.78 ? 133 PHE A CB  1 
ATOM   1064 C  CG  . PHE A 1 133 ? -18.131 6.169   6.167   1.00 19.62 ? 133 PHE A CG  1 
ATOM   1065 C  CD1 . PHE A 1 133 ? -17.143 5.193   6.304   1.00 18.35 ? 133 PHE A CD1 1 
ATOM   1066 C  CD2 . PHE A 1 133 ? -18.124 7.274   7.032   1.00 14.85 ? 133 PHE A CD2 1 
ATOM   1067 C  CE1 . PHE A 1 133 ? -16.153 5.305   7.294   1.00 17.49 ? 133 PHE A CE1 1 
ATOM   1068 C  CE2 . PHE A 1 133 ? -17.128 7.386   8.025   1.00 19.18 ? 133 PHE A CE2 1 
ATOM   1069 C  CZ  . PHE A 1 133 ? -16.146 6.403   8.149   1.00 20.05 ? 133 PHE A CZ  1 
ATOM   1070 N  N   . HIS A 1 134 ? -22.247 6.867   4.429   1.00 18.78 ? 134 HIS A N   1 
ATOM   1071 C  CA  . HIS A 1 134 ? -23.176 7.137   3.338   1.00 21.16 ? 134 HIS A CA  1 
ATOM   1072 C  C   . HIS A 1 134 ? -22.373 7.480   2.077   1.00 19.13 ? 134 HIS A C   1 
ATOM   1073 O  O   . HIS A 1 134 ? -22.753 7.095   0.969   1.00 24.22 ? 134 HIS A O   1 
ATOM   1074 C  CB  . HIS A 1 134 ? -24.094 8.295   3.757   1.00 23.85 ? 134 HIS A CB  1 
ATOM   1075 C  CG  . HIS A 1 134 ? -25.118 8.663   2.732   1.00 34.59 ? 134 HIS A CG  1 
ATOM   1076 N  ND1 . HIS A 1 134 ? -24.860 9.553   1.711   1.00 39.58 ? 134 HIS A ND1 1 
ATOM   1077 C  CD2 . HIS A 1 134 ? -26.406 8.276   2.578   1.00 38.42 ? 134 HIS A CD2 1 
ATOM   1078 C  CE1 . HIS A 1 134 ? -25.947 9.703   0.974   1.00 40.86 ? 134 HIS A CE1 1 
ATOM   1079 N  NE2 . HIS A 1 134 ? -26.900 8.940   1.480   1.00 42.78 ? 134 HIS A NE2 1 
ATOM   1080 N  N   . HIS A 1 135 ? -21.262 8.201   2.246   1.00 19.63 ? 135 HIS A N   1 
ATOM   1081 C  CA  . HIS A 1 135 ? -20.370 8.545   1.137   1.00 23.16 ? 135 HIS A CA  1 
ATOM   1082 C  C   . HIS A 1 135 ? -19.016 7.987   1.539   1.00 24.72 ? 135 HIS A C   1 
ATOM   1083 O  O   . HIS A 1 135 ? -18.617 8.068   2.718   1.00 24.74 ? 135 HIS A O   1 
ATOM   1084 C  CB  . HIS A 1 135 ? -20.209 10.041  0.958   1.00 25.68 ? 135 HIS A CB  1 
ATOM   1085 C  CG  . HIS A 1 135 ? -21.490 10.760  0.682   1.00 36.58 ? 135 HIS A CG  1 
ATOM   1086 N  ND1 . HIS A 1 135 ? -22.156 10.660  -0.523  1.00 42.57 ? 135 HIS A ND1 1 
ATOM   1087 C  CD2 . HIS A 1 135 ? -22.249 11.564  1.469   1.00 36.74 ? 135 HIS A CD2 1 
ATOM   1088 C  CE1 . HIS A 1 135 ? -23.270 11.370  -0.464  1.00 42.09 ? 135 HIS A CE1 1 
ATOM   1089 N  NE2 . HIS A 1 135 ? -23.349 11.928  0.734   1.00 39.36 ? 135 HIS A NE2 1 
ATOM   1090 N  N   . ASN A 1 136 ? -18.297 7.470   0.563   1.00 21.11 ? 136 ASN A N   1 
ATOM   1091 C  CA  . ASN A 1 136 ? -17.012 6.844   0.820   1.00 18.42 ? 136 ASN A CA  1 
ATOM   1092 C  C   . ASN A 1 136 ? -16.058 7.640   1.704   1.00 20.87 ? 136 ASN A C   1 
ATOM   1093 O  O   . ASN A 1 136 ? -15.709 8.790   1.383   1.00 20.34 ? 136 ASN A O   1 
ATOM   1094 C  CB  . ASN A 1 136 ? -16.328 6.505   -0.499  1.00 16.71 ? 136 ASN A CB  1 
ATOM   1095 C  CG  . ASN A 1 136 ? -15.260 5.484   -0.310  1.00 18.53 ? 136 ASN A CG  1 
ATOM   1096 O  OD1 . ASN A 1 136 ? -15.061 5.023   0.826   1.00 15.49 ? 136 ASN A OD1 1 
ATOM   1097 N  ND2 . ASN A 1 136 ? -14.589 5.076   -1.405  1.00 13.90 ? 136 ASN A ND2 1 
ATOM   1098 N  N   . SER A 1 137 ? -15.679 7.034   2.828   1.00 16.06 ? 137 SER A N   1 
ATOM   1099 C  CA  . SER A 1 137 ? -14.738 7.635   3.769   1.00 16.25 ? 137 SER A CA  1 
ATOM   1100 C  C   . SER A 1 137 ? -13.868 6.533   4.300   1.00 14.54 ? 137 SER A C   1 
ATOM   1101 O  O   . SER A 1 137 ? -14.244 5.372   4.221   1.00 11.01 ? 137 SER A O   1 
ATOM   1102 C  CB  . SER A 1 137 ? -15.456 8.290   4.958   1.00 18.21 ? 137 SER A CB  1 
ATOM   1103 O  OG  . SER A 1 137 ? -16.336 9.307   4.517   1.00 20.26 ? 137 SER A OG  1 
ATOM   1104 N  N   . ASP A 1 138 ? -12.712 6.886   4.865   1.00 15.44 ? 138 ASP A N   1 
ATOM   1105 C  CA  . ASP A 1 138 ? -11.820 5.885   5.433   1.00 16.56 ? 138 ASP A CA  1 
ATOM   1106 C  C   . ASP A 1 138 ? -12.237 5.445   6.820   1.00 16.97 ? 138 ASP A C   1 
ATOM   1107 O  O   . ASP A 1 138 ? -12.886 6.179   7.566   1.00 19.52 ? 138 ASP A O   1 
ATOM   1108 C  CB  . ASP A 1 138 ? -10.387 6.410   5.501   1.00 11.30 ? 138 ASP A CB  1 
ATOM   1109 C  CG  . ASP A 1 138 ? -9.812  6.683   4.145   1.00 16.70 ? 138 ASP A CG  1 
ATOM   1110 O  OD1 . ASP A 1 138 ? -10.508 6.421   3.138   1.00 15.09 ? 138 ASP A OD1 1 
ATOM   1111 O  OD2 . ASP A 1 138 ? -8.664  7.178   4.086   1.00 19.10 ? 138 ASP A OD2 1 
ATOM   1112 N  N   . PHE A 1 139 ? -11.835 4.235   7.181   1.00 14.28 ? 139 PHE A N   1 
ATOM   1113 C  CA  . PHE A 1 139 ? -12.150 3.699   8.507   1.00 15.46 ? 139 PHE A CA  1 
ATOM   1114 C  C   . PHE A 1 139 ? -10.865 3.593   9.321   1.00 14.22 ? 139 PHE A C   1 
ATOM   1115 O  O   . PHE A 1 139 ? -9.946  2.848   8.994   1.00 15.71 ? 139 PHE A O   1 
ATOM   1116 C  CB  . PHE A 1 139 ? -12.868 2.335   8.369   1.00 16.37 ? 139 PHE A CB  1 
ATOM   1117 C  CG  . PHE A 1 139 ? -13.148 1.624   9.699   1.00 18.34 ? 139 PHE A CG  1 
ATOM   1118 C  CD1 . PHE A 1 139 ? -13.658 2.317   10.801  1.00 22.41 ? 139 PHE A CD1 1 
ATOM   1119 C  CD2 . PHE A 1 139 ? -12.911 0.262   9.825   1.00 21.68 ? 139 PHE A CD2 1 
ATOM   1120 C  CE1 . PHE A 1 139 ? -13.921 1.643   12.017  1.00 26.86 ? 139 PHE A CE1 1 
ATOM   1121 C  CE2 . PHE A 1 139 ? -13.170 -0.423  11.043  1.00 23.42 ? 139 PHE A CE2 1 
ATOM   1122 C  CZ  . PHE A 1 139 ? -13.671 0.268   12.127  1.00 15.16 ? 139 PHE A CZ  1 
ATOM   1123 N  N   . HIS A 1 140 ? -10.804 4.375   10.400  1.00 16.30 ? 140 HIS A N   1 
ATOM   1124 C  CA  . HIS A 1 140 ? -9.652  4.392   11.275  1.00 17.37 ? 140 HIS A CA  1 
ATOM   1125 C  C   . HIS A 1 140 ? -9.965  3.687   12.585  1.00 19.09 ? 140 HIS A C   1 
ATOM   1126 O  O   . HIS A 1 140 ? -10.929 4.036   13.281  1.00 17.04 ? 140 HIS A O   1 
ATOM   1127 C  CB  . HIS A 1 140 ? -9.245  5.838   11.570  1.00 16.09 ? 140 HIS A CB  1 
ATOM   1128 C  CG  . HIS A 1 140 ? -8.722  6.584   10.382  1.00 10.74 ? 140 HIS A CG  1 
ATOM   1129 N  ND1 . HIS A 1 140 ? -7.377  6.823   10.185  1.00 16.18 ? 140 HIS A ND1 1 
ATOM   1130 C  CD2 . HIS A 1 140 ? -9.367  7.195   9.362   1.00 11.41 ? 140 HIS A CD2 1 
ATOM   1131 C  CE1 . HIS A 1 140 ? -7.223  7.558   9.097   1.00 15.42 ? 140 HIS A CE1 1 
ATOM   1132 N  NE2 . HIS A 1 140 ? -8.413  7.797   8.583   1.00 14.16 ? 140 HIS A NE2 1 
ATOM   1133 N  N   . ILE A 1 141 ? -9.198  2.651   12.897  1.00 20.16 ? 141 ILE A N   1 
ATOM   1134 C  CA  . ILE A 1 141 ? -9.385  1.939   14.173  1.00 24.26 ? 141 ILE A CA  1 
ATOM   1135 C  C   . ILE A 1 141 ? -8.324  2.581   15.071  1.00 21.39 ? 141 ILE A C   1 
ATOM   1136 O  O   . ILE A 1 141 ? -7.124  2.414   14.861  1.00 22.07 ? 141 ILE A O   1 
ATOM   1137 C  CB  . ILE A 1 141 ? -9.139  0.415   14.025  1.00 21.29 ? 141 ILE A CB  1 
ATOM   1138 C  CG1 . ILE A 1 141 ? -10.237 -0.201  13.161  1.00 22.54 ? 141 ILE A CG1 1 
ATOM   1139 C  CG2 . ILE A 1 141 ? -9.200  -0.276  15.399  1.00 25.20 ? 141 ILE A CG2 1 
ATOM   1140 C  CD1 . ILE A 1 141 ? -9.886  -1.643  12.653  1.00 20.47 ? 141 ILE A CD1 1 
ATOM   1141 N  N   . PRO A 1 142 ? -8.764  3.333   16.101  1.00 25.43 ? 142 PRO A N   1 
ATOM   1142 C  CA  . PRO A 1 142 ? -7.869  4.022   17.027  1.00 25.89 ? 142 PRO A CA  1 
ATOM   1143 C  C   . PRO A 1 142 ? -6.647  3.258   17.565  1.00 28.56 ? 142 PRO A C   1 
ATOM   1144 O  O   . PRO A 1 142 ? -5.483  3.641   17.349  1.00 25.73 ? 142 PRO A O   1 
ATOM   1145 C  CB  . PRO A 1 142 ? -8.807  4.430   18.176  1.00 24.97 ? 142 PRO A CB  1 
ATOM   1146 C  CG  . PRO A 1 142 ? -10.126 4.558   17.533  1.00 26.70 ? 142 PRO A CG  1 
ATOM   1147 C  CD  . PRO A 1 142 ? -10.139 3.337   16.634  1.00 24.92 ? 142 PRO A CD  1 
ATOM   1148 N  N   . LYS A 1 143 ? -6.925  2.181   18.282  1.00 22.86 ? 143 LYS A N   1 
ATOM   1149 C  CA  . LYS A 1 143 ? -5.850  1.412   18.914  1.00 27.30 ? 143 LYS A CA  1 
ATOM   1150 C  C   . LYS A 1 143 ? -6.163  -0.042  18.744  1.00 22.77 ? 143 LYS A C   1 
ATOM   1151 O  O   . LYS A 1 143 ? -7.140  -0.528  19.316  1.00 22.63 ? 143 LYS A O   1 
ATOM   1152 C  CB  . LYS A 1 143 ? -5.802  1.729   20.414  1.00 29.93 ? 143 LYS A CB  1 
ATOM   1153 C  CG  . LYS A 1 143 ? -4.894  2.872   20.825  1.00 37.08 ? 143 LYS A CG  1 
ATOM   1154 C  CD  . LYS A 1 143 ? -4.904  3.020   22.359  1.00 43.60 ? 143 LYS A CD  1 
ATOM   1155 C  CE  . LYS A 1 143 ? -4.180  4.292   22.830  1.00 47.61 ? 143 LYS A CE  1 
ATOM   1156 N  NZ  . LYS A 1 143 ? -4.236  4.482   24.334  1.00 46.84 ? 143 LYS A NZ  1 
ATOM   1157 N  N   . ALA A 1 144 ? -5.329  -0.734  17.973  1.00 26.24 ? 144 ALA A N   1 
ATOM   1158 C  CA  . ALA A 1 144 ? -5.565  -2.139  17.700  1.00 22.86 ? 144 ALA A CA  1 
ATOM   1159 C  C   . ALA A 1 144 ? -5.536  -3.035  18.934  1.00 25.98 ? 144 ALA A C   1 
ATOM   1160 O  O   . ALA A 1 144 ? -4.668  -2.874  19.793  1.00 27.74 ? 144 ALA A O   1 
ATOM   1161 C  CB  . ALA A 1 144 ? -4.519  -2.647  16.665  1.00 25.54 ? 144 ALA A CB  1 
ATOM   1162 N  N   . THR A 1 145 ? -6.494  -3.956  19.030  1.00 26.06 ? 145 THR A N   1 
ATOM   1163 C  CA  . THR A 1 145 ? -6.485  -4.935  20.116  1.00 26.74 ? 145 THR A CA  1 
ATOM   1164 C  C   . THR A 1 145 ? -6.399  -6.269  19.383  1.00 29.69 ? 145 THR A C   1 
ATOM   1165 O  O   . THR A 1 145 ? -6.460  -6.312  18.158  1.00 25.86 ? 145 THR A O   1 
ATOM   1166 C  CB  . THR A 1 145 ? -7.774  -4.963  20.951  1.00 27.63 ? 145 THR A CB  1 
ATOM   1167 O  OG1 . THR A 1 145 ? -8.857  -5.487  20.165  1.00 27.62 ? 145 THR A OG1 1 
ATOM   1168 C  CG2 . THR A 1 145 ? -8.106  -3.577  21.496  1.00 30.68 ? 145 THR A CG2 1 
ATOM   1169 N  N   . LEU A 1 146 ? -6.267  -7.365  20.113  1.00 26.04 ? 146 LEU A N   1 
ATOM   1170 C  CA  . LEU A 1 146 ? -6.217  -8.662  19.457  1.00 24.84 ? 146 LEU A CA  1 
ATOM   1171 C  C   . LEU A 1 146 ? -7.562  -8.995  18.807  1.00 25.85 ? 146 LEU A C   1 
ATOM   1172 O  O   . LEU A 1 146 ? -7.638  -9.830  17.905  1.00 28.55 ? 146 LEU A O   1 
ATOM   1173 C  CB  . LEU A 1 146 ? -5.854  -9.742  20.478  1.00 27.70 ? 146 LEU A CB  1 
ATOM   1174 C  CG  . LEU A 1 146 ? -4.499  -9.500  21.133  1.00 29.69 ? 146 LEU A CG  1 
ATOM   1175 C  CD1 . LEU A 1 146 ? -4.329  -10.467 22.310  1.00 36.48 ? 146 LEU A CD1 1 
ATOM   1176 C  CD2 . LEU A 1 146 ? -3.382  -9.681  20.115  1.00 32.41 ? 146 LEU A CD2 1 
ATOM   1177 N  N   . LYS A 1 147 ? -8.625  -8.346  19.256  1.00 24.69 ? 147 LYS A N   1 
ATOM   1178 C  CA  . LYS A 1 147 ? -9.943  -8.593  18.676  1.00 27.26 ? 147 LYS A CA  1 
ATOM   1179 C  C   . LYS A 1 147 ? -10.020 -8.043  17.244  1.00 24.95 ? 147 LYS A C   1 
ATOM   1180 O  O   . LYS A 1 147 ? -10.946 -8.351  16.513  1.00 28.41 ? 147 LYS A O   1 
ATOM   1181 C  CB  . LYS A 1 147 ? -11.017 -7.946  19.536  1.00 27.58 ? 147 LYS A CB  1 
ATOM   1182 C  CG  . LYS A 1 147 ? -11.151 -8.598  20.896  1.00 40.11 ? 147 LYS A CG  1 
ATOM   1183 C  CD  . LYS A 1 147 ? -12.411 -8.174  21.620  1.00 42.50 ? 147 LYS A CD  1 
ATOM   1184 C  CE  . LYS A 1 147 ? -12.480 -8.887  22.975  1.00 50.62 ? 147 LYS A CE  1 
ATOM   1185 N  NZ  . LYS A 1 147 ? -13.725 -8.592  23.757  1.00 52.16 ? 147 LYS A NZ  1 
ATOM   1186 N  N   . ASP A 1 148 ? -9.029  -7.250  16.846  1.00 26.56 ? 148 ASP A N   1 
ATOM   1187 C  CA  . ASP A 1 148 ? -9.030  -6.699  15.482  1.00 25.06 ? 148 ASP A CA  1 
ATOM   1188 C  C   . ASP A 1 148 ? -8.429  -7.631  14.422  1.00 27.24 ? 148 ASP A C   1 
ATOM   1189 O  O   . ASP A 1 148 ? -8.459  -7.322  13.217  1.00 28.13 ? 148 ASP A O   1 
ATOM   1190 C  CB  . ASP A 1 148 ? -8.327  -5.338  15.472  1.00 22.59 ? 148 ASP A CB  1 
ATOM   1191 C  CG  . ASP A 1 148 ? -9.151  -4.266  16.145  1.00 27.89 ? 148 ASP A CG  1 
ATOM   1192 O  OD1 . ASP A 1 148 ? -10.350 -4.166  15.812  1.00 32.02 ? 148 ASP A OD1 1 
ATOM   1193 O  OD2 . ASP A 1 148 ? -8.616  -3.522  17.001  1.00 25.74 ? 148 ASP A OD2 1 
ATOM   1194 N  N   . SER A 1 149 ? -7.888  -8.778  14.830  1.00 23.23 ? 149 SER A N   1 
ATOM   1195 C  CA  . SER A 1 149 ? -7.348  -9.710  13.832  1.00 22.73 ? 149 SER A CA  1 
ATOM   1196 C  C   . SER A 1 149 ? -8.512  -10.297 13.068  1.00 19.54 ? 149 SER A C   1 
ATOM   1197 O  O   . SER A 1 149 ? -9.589  -10.555 13.635  1.00 20.18 ? 149 SER A O   1 
ATOM   1198 C  CB  . SER A 1 149 ? -6.586  -10.873 14.483  1.00 25.87 ? 149 SER A CB  1 
ATOM   1199 O  OG  . SER A 1 149 ? -5.352  -10.440 15.032  1.00 33.48 ? 149 SER A OG  1 
ATOM   1200 N  N   . GLY A 1 150 ? -8.329  -10.545 11.783  1.00 18.32 ? 150 GLY A N   1 
ATOM   1201 C  CA  . GLY A 1 150 ? -9.427  -11.141 11.058  1.00 18.58 ? 150 GLY A CA  1 
ATOM   1202 C  C   . GLY A 1 150 ? -9.393  -10.795 9.592   1.00 18.88 ? 150 GLY A C   1 
ATOM   1203 O  O   . GLY A 1 150 ? -8.455  -10.152 9.131   1.00 19.75 ? 150 GLY A O   1 
ATOM   1204 N  N   . SER A 1 151 ? -10.434 -11.241 8.906   1.00 16.52 ? 151 SER A N   1 
ATOM   1205 C  CA  . SER A 1 151 ? -10.645 -11.051 7.484   1.00 14.79 ? 151 SER A CA  1 
ATOM   1206 C  C   . SER A 1 151 ? -11.528 -9.836  7.221   1.00 20.51 ? 151 SER A C   1 
ATOM   1207 O  O   . SER A 1 151 ? -12.707 -9.808  7.598   1.00 18.34 ? 151 SER A O   1 
ATOM   1208 C  CB  . SER A 1 151 ? -11.275 -12.339 6.925   1.00 21.00 ? 151 SER A CB  1 
ATOM   1209 O  OG  . SER A 1 151 ? -11.682 -12.196 5.582   1.00 23.48 ? 151 SER A OG  1 
ATOM   1210 N  N   . TYR A 1 152 ? -10.940 -8.823  6.577   1.00 16.83 ? 152 TYR A N   1 
ATOM   1211 C  CA  . TYR A 1 152 ? -11.664 -7.593  6.291   1.00 14.60 ? 152 TYR A CA  1 
ATOM   1212 C  C   . TYR A 1 152 ? -11.965 -7.411  4.815   1.00 13.99 ? 152 TYR A C   1 
ATOM   1213 O  O   . TYR A 1 152 ? -11.236 -7.900  3.949   1.00 17.22 ? 152 TYR A O   1 
ATOM   1214 C  CB  . TYR A 1 152 ? -10.826 -6.379  6.722   1.00 16.26 ? 152 TYR A CB  1 
ATOM   1215 C  CG  . TYR A 1 152 ? -10.671 -6.215  8.205   1.00 15.86 ? 152 TYR A CG  1 
ATOM   1216 C  CD1 . TYR A 1 152 ? -9.806  -7.052  8.942   1.00 15.43 ? 152 TYR A CD1 1 
ATOM   1217 C  CD2 . TYR A 1 152 ? -11.352 -5.193  8.878   1.00 16.90 ? 152 TYR A CD2 1 
ATOM   1218 C  CE1 . TYR A 1 152 ? -9.640  -6.857  10.331  1.00 17.68 ? 152 TYR A CE1 1 
ATOM   1219 C  CE2 . TYR A 1 152 ? -11.187 -4.990  10.264  1.00 16.05 ? 152 TYR A CE2 1 
ATOM   1220 C  CZ  . TYR A 1 152 ? -10.333 -5.827  10.976  1.00 20.22 ? 152 TYR A CZ  1 
ATOM   1221 O  OH  . TYR A 1 152 ? -10.151 -5.622  12.335  1.00 19.86 ? 152 TYR A OH  1 
ATOM   1222 N  N   . PHE A 1 153 ? -13.053 -6.700  4.531   1.00 13.47 ? 153 PHE A N   1 
ATOM   1223 C  CA  . PHE A 1 153 ? -13.385 -6.344  3.163   1.00 12.96 ? 153 PHE A CA  1 
ATOM   1224 C  C   . PHE A 1 153 ? -14.361 -5.202  3.253   1.00 15.97 ? 153 PHE A C   1 
ATOM   1225 O  O   . PHE A 1 153 ? -14.809 -4.830  4.368   1.00 13.17 ? 153 PHE A O   1 
ATOM   1226 C  CB  . PHE A 1 153 ? -13.909 -7.543  2.325   1.00 10.14 ? 153 PHE A CB  1 
ATOM   1227 C  CG  . PHE A 1 153 ? -15.348 -7.928  2.559   1.00 14.02 ? 153 PHE A CG  1 
ATOM   1228 C  CD1 . PHE A 1 153 ? -16.332 -7.536  1.654   1.00 17.32 ? 153 PHE A CD1 1 
ATOM   1229 C  CD2 . PHE A 1 153 ? -15.702 -8.764  3.636   1.00 19.82 ? 153 PHE A CD2 1 
ATOM   1230 C  CE1 . PHE A 1 153 ? -17.665 -7.973  1.805   1.00 17.86 ? 153 PHE A CE1 1 
ATOM   1231 C  CE2 . PHE A 1 153 ? -17.047 -9.216  3.798   1.00 15.56 ? 153 PHE A CE2 1 
ATOM   1232 C  CZ  . PHE A 1 153 ? -18.005 -8.825  2.896   1.00 17.33 ? 153 PHE A CZ  1 
ATOM   1233 N  N   . CYS A 1 154 ? -14.618 -4.576  2.110   1.00 13.91 ? 154 CYS A N   1 
ATOM   1234 C  CA  . CYS A 1 154 ? -15.575 -3.496  2.091   1.00 12.68 ? 154 CYS A CA  1 
ATOM   1235 C  C   . CYS A 1 154 ? -16.475 -3.667  0.877   1.00 13.82 ? 154 CYS A C   1 
ATOM   1236 O  O   . CYS A 1 154 ? -16.161 -4.400  -0.081  1.00 13.33 ? 154 CYS A O   1 
ATOM   1237 C  CB  . CYS A 1 154 ? -14.868 -2.138  2.066   1.00 12.71 ? 154 CYS A CB  1 
ATOM   1238 S  SG  . CYS A 1 154 ? -13.842 -1.774  0.613   1.00 15.43 ? 154 CYS A SG  1 
ATOM   1239 N  N   . ARG A 1 155 ? -17.625 -3.005  0.915   1.00 11.29 ? 155 ARG A N   1 
ATOM   1240 C  CA  . ARG A 1 155 ? -18.545 -3.106  -0.180  1.00 12.65 ? 155 ARG A CA  1 
ATOM   1241 C  C   . ARG A 1 155 ? -19.369 -1.852  -0.220  1.00 16.82 ? 155 ARG A C   1 
ATOM   1242 O  O   . ARG A 1 155 ? -19.440 -1.106  0.780   1.00 15.95 ? 155 ARG A O   1 
ATOM   1243 C  CB  . ARG A 1 155 ? -19.483 -4.302  -0.001  1.00 16.57 ? 155 ARG A CB  1 
ATOM   1244 C  CG  . ARG A 1 155 ? -20.345 -4.267  1.240   1.00 24.47 ? 155 ARG A CG  1 
ATOM   1245 C  CD  . ARG A 1 155 ? -21.292 -5.493  1.224   1.00 29.75 ? 155 ARG A CD  1 
ATOM   1246 N  NE  . ARG A 1 155 ? -22.071 -5.602  2.449   1.00 36.25 ? 155 ARG A NE  1 
ATOM   1247 C  CZ  . ARG A 1 155 ? -22.304 -6.746  3.089   1.00 40.01 ? 155 ARG A CZ  1 
ATOM   1248 N  NH1 . ARG A 1 155 ? -21.819 -7.900  2.633   1.00 36.11 ? 155 ARG A NH1 1 
ATOM   1249 N  NH2 . ARG A 1 155 ? -23.028 -6.727  4.194   1.00 43.16 ? 155 ARG A NH2 1 
ATOM   1250 N  N   . GLY A 1 156 ? -20.002 -1.627  -1.352  1.00 14.35 ? 156 GLY A N   1 
ATOM   1251 C  CA  . GLY A 1 156 ? -20.878 -0.473  -1.489  1.00 15.94 ? 156 GLY A CA  1 
ATOM   1252 C  C   . GLY A 1 156 ? -21.513 -0.442  -2.853  1.00 16.35 ? 156 GLY A C   1 
ATOM   1253 O  O   . GLY A 1 156 ? -21.602 -1.474  -3.551  1.00 19.53 ? 156 GLY A O   1 
ATOM   1254 N  N   . LEU A 1 157 ? -21.944 0.745   -3.249  1.00 15.17 ? 157 LEU A N   1 
ATOM   1255 C  CA  . LEU A 1 157 ? -22.598 0.925   -4.537  1.00 16.07 ? 157 LEU A CA  1 
ATOM   1256 C  C   . LEU A 1 157 ? -21.844 1.891   -5.424  1.00 16.12 ? 157 LEU A C   1 
ATOM   1257 O  O   . LEU A 1 157 ? -21.355 2.926   -4.965  1.00 16.36 ? 157 LEU A O   1 
ATOM   1258 C  CB  . LEU A 1 157 ? -24.015 1.487   -4.311  1.00 19.16 ? 157 LEU A CB  1 
ATOM   1259 C  CG  . LEU A 1 157 ? -25.120 0.540   -3.830  1.00 24.64 ? 157 LEU A CG  1 
ATOM   1260 C  CD1 . LEU A 1 157 ? -26.371 1.365   -3.424  1.00 28.88 ? 157 LEU A CD1 1 
ATOM   1261 C  CD2 . LEU A 1 157 ? -25.478 -0.434  -4.941  1.00 29.39 ? 157 LEU A CD2 1 
ATOM   1262 N  N   . VAL A 1 158 ? -21.721 1.554   -6.700  1.00 17.34 ? 158 VAL A N   1 
ATOM   1263 C  CA  . VAL A 1 158 ? -21.102 2.456   -7.680  1.00 19.72 ? 158 VAL A CA  1 
ATOM   1264 C  C   . VAL A 1 158 ? -22.255 2.532   -8.666  1.00 25.13 ? 158 VAL A C   1 
ATOM   1265 O  O   . VAL A 1 158 ? -22.575 1.531   -9.334  1.00 24.86 ? 158 VAL A O   1 
ATOM   1266 C  CB  . VAL A 1 158 ? -19.898 1.852   -8.387  1.00 20.32 ? 158 VAL A CB  1 
ATOM   1267 C  CG1 . VAL A 1 158 ? -19.447 2.778   -9.512  1.00 24.41 ? 158 VAL A CG1 1 
ATOM   1268 C  CG2 . VAL A 1 158 ? -18.774 1.675   -7.390  1.00 24.00 ? 158 VAL A CG2 1 
ATOM   1269 N  N   . GLY A 1 159 ? -22.904 3.685   -8.732  1.00 23.89 ? 159 GLY A N   1 
ATOM   1270 C  CA  . GLY A 1 159 ? -24.065 3.778   -9.602  1.00 28.42 ? 159 GLY A CA  1 
ATOM   1271 C  C   . GLY A 1 159 ? -25.121 2.897   -8.956  1.00 27.22 ? 159 GLY A C   1 
ATOM   1272 O  O   . GLY A 1 159 ? -25.455 3.074   -7.785  1.00 29.04 ? 159 GLY A O   1 
ATOM   1273 N  N   . SER A 1 160 ? -25.638 1.918   -9.688  1.00 27.93 ? 160 SER A N   1 
ATOM   1274 C  CA  . SER A 1 160 ? -26.636 1.019   -9.109  1.00 30.18 ? 160 SER A CA  1 
ATOM   1275 C  C   . SER A 1 160 ? -26.027 -0.383  -8.977  1.00 29.98 ? 160 SER A C   1 
ATOM   1276 O  O   . SER A 1 160 ? -26.718 -1.339  -8.663  1.00 30.58 ? 160 SER A O   1 
ATOM   1277 C  CB  . SER A 1 160 ? -27.872 0.968   -10.014 1.00 33.87 ? 160 SER A CB  1 
ATOM   1278 O  OG  . SER A 1 160 ? -27.480 0.762   -11.367 1.00 37.83 ? 160 SER A OG  1 
ATOM   1279 N  N   . LYS A 1 161 ? -24.720 -0.498  -9.208  1.00 27.25 ? 161 LYS A N   1 
ATOM   1280 C  CA  . LYS A 1 161 ? -24.055 -1.800  -9.133  1.00 21.78 ? 161 LYS A CA  1 
ATOM   1281 C  C   . LYS A 1 161 ? -23.475 -2.053  -7.730  1.00 19.29 ? 161 LYS A C   1 
ATOM   1282 O  O   . LYS A 1 161 ? -22.712 -1.238  -7.213  1.00 18.08 ? 161 LYS A O   1 
ATOM   1283 C  CB  . LYS A 1 161 ? -22.939 -1.835  -10.201 1.00 20.00 ? 161 LYS A CB  1 
ATOM   1284 C  CG  . LYS A 1 161 ? -22.236 -3.174  -10.359 1.00 27.57 ? 161 LYS A CG  1 
ATOM   1285 C  CD  . LYS A 1 161 ? -21.018 -3.080  -11.295 1.00 29.02 ? 161 LYS A CD  1 
ATOM   1286 C  CE  . LYS A 1 161 ? -20.213 -4.404  -11.331 1.00 29.85 ? 161 LYS A CE  1 
ATOM   1287 N  NZ  . LYS A 1 161 ? -21.011 -5.575  -11.877 1.00 27.53 ? 161 LYS A NZ  1 
ATOM   1288 N  N   . ASN A 1 162 ? -23.860 -3.162  -7.103  1.00 20.63 ? 162 ASN A N   1 
ATOM   1289 C  CA  . ASN A 1 162 ? -23.332 -3.536  -5.788  1.00 17.39 ? 162 ASN A CA  1 
ATOM   1290 C  C   . ASN A 1 162 ? -21.975 -4.190  -6.058  1.00 20.99 ? 162 ASN A C   1 
ATOM   1291 O  O   . ASN A 1 162 ? -21.861 -5.106  -6.883  1.00 18.67 ? 162 ASN A O   1 
ATOM   1292 C  CB  . ASN A 1 162 ? -24.256 -4.559  -5.103  1.00 24.32 ? 162 ASN A CB  1 
ATOM   1293 C  CG  . ASN A 1 162 ? -25.480 -3.917  -4.496  1.00 24.90 ? 162 ASN A CG  1 
ATOM   1294 O  OD1 . ASN A 1 162 ? -25.435 -3.427  -3.374  1.00 34.02 ? 162 ASN A OD1 1 
ATOM   1295 N  ND2 . ASN A 1 162 ? -26.573 -3.901  -5.239  1.00 32.68 ? 162 ASN A ND2 1 
ATOM   1296 N  N   . VAL A 1 163 ? -20.950 -3.715  -5.378  1.00 17.06 ? 163 VAL A N   1 
ATOM   1297 C  CA  . VAL A 1 163 ? -19.604 -4.231  -5.576  1.00 18.91 ? 163 VAL A CA  1 
ATOM   1298 C  C   . VAL A 1 163 ? -18.984 -4.530  -4.215  1.00 14.31 ? 163 VAL A C   1 
ATOM   1299 O  O   . VAL A 1 163 ? -19.332 -3.887  -3.216  1.00 16.14 ? 163 VAL A O   1 
ATOM   1300 C  CB  . VAL A 1 163 ? -18.718 -3.193  -6.327  1.00 21.42 ? 163 VAL A CB  1 
ATOM   1301 C  CG1 . VAL A 1 163 ? -19.249 -2.975  -7.749  1.00 22.06 ? 163 VAL A CG1 1 
ATOM   1302 C  CG2 . VAL A 1 163 ? -18.708 -1.868  -5.562  1.00 12.94 ? 163 VAL A CG2 1 
ATOM   1303 N  N   . SER A 1 164 ? -18.033 -5.471  -4.187  1.00 17.83 ? 164 SER A N   1 
ATOM   1304 C  CA  . SER A 1 164 ? -17.390 -5.883  -2.943  1.00 20.34 ? 164 SER A CA  1 
ATOM   1305 C  C   . SER A 1 164 ? -15.909 -6.092  -3.208  1.00 21.71 ? 164 SER A C   1 
ATOM   1306 O  O   . SER A 1 164 ? -15.550 -6.664  -4.224  1.00 20.09 ? 164 SER A O   1 
ATOM   1307 C  CB  . SER A 1 164 ? -17.936 -7.227  -2.463  1.00 24.58 ? 164 SER A CB  1 
ATOM   1308 O  OG  . SER A 1 164 ? -19.245 -7.140  -1.935  1.00 34.81 ? 164 SER A OG  1 
ATOM   1309 N  N   . SER A 1 165 ? -15.055 -5.673  -2.293  1.00 16.45 ? 165 SER A N   1 
ATOM   1310 C  CA  . SER A 1 165 ? -13.619 -5.870  -2.485  1.00 16.27 ? 165 SER A CA  1 
ATOM   1311 C  C   . SER A 1 165 ? -13.195 -7.283  -2.099  1.00 15.39 ? 165 SER A C   1 
ATOM   1312 O  O   . SER A 1 165 ? -13.917 -8.028  -1.402  1.00 15.96 ? 165 SER A O   1 
ATOM   1313 C  CB  . SER A 1 165 ? -12.828 -4.920  -1.591  1.00 12.96 ? 165 SER A CB  1 
ATOM   1314 O  OG  . SER A 1 165 ? -12.862 -5.382  -0.219  1.00 13.13 ? 165 SER A OG  1 
ATOM   1315 N  N   . GLU A 1 166 ? -11.990 -7.650  -2.494  1.00 13.63 ? 166 GLU A N   1 
ATOM   1316 C  CA  . GLU A 1 166 ? -11.463 -8.931  -2.043  1.00 18.98 ? 166 GLU A CA  1 
ATOM   1317 C  C   . GLU A 1 166 ? -11.140 -8.765  -0.533  1.00 21.98 ? 166 GLU A C   1 
ATOM   1318 O  O   . GLU A 1 166 ? -11.106 -7.639  -0.009  1.00 18.06 ? 166 GLU A O   1 
ATOM   1319 C  CB  . GLU A 1 166 ? -10.189 -9.302  -2.818  1.00 22.22 ? 166 GLU A CB  1 
ATOM   1320 C  CG  . GLU A 1 166 ? -10.508 -9.715  -4.243  1.00 26.82 ? 166 GLU A CG  1 
ATOM   1321 C  CD  . GLU A 1 166 ? -9.359  -10.425 -4.945  1.00 38.36 ? 166 GLU A CD  1 
ATOM   1322 O  OE1 . GLU A 1 166 ? -9.647  -11.403 -5.675  1.00 45.43 ? 166 GLU A OE1 1 
ATOM   1323 O  OE2 . GLU A 1 166 ? -8.190  -10.003 -4.780  1.00 34.43 ? 166 GLU A OE2 1 
ATOM   1324 N  N   . THR A 1 167 ? -10.947 -9.880  0.175   1.00 20.48 ? 167 THR A N   1 
ATOM   1325 C  CA  . THR A 1 167 ? -10.651 -9.809  1.591   1.00 18.89 ? 167 THR A CA  1 
ATOM   1326 C  C   . THR A 1 167 ? -9.187  -9.640  1.865   1.00 19.27 ? 167 THR A C   1 
ATOM   1327 O  O   . THR A 1 167 ? -8.345  -10.046 1.073   1.00 22.06 ? 167 THR A O   1 
ATOM   1328 C  CB  . THR A 1 167 ? -11.175 -11.050 2.363   1.00 26.74 ? 167 THR A CB  1 
ATOM   1329 O  OG1 . THR A 1 167 ? -10.690 -12.245 1.743   1.00 33.68 ? 167 THR A OG1 1 
ATOM   1330 C  CG2 . THR A 1 167 ? -12.669 -11.077 2.363   1.00 20.16 ? 167 THR A CG2 1 
ATOM   1331 N  N   . VAL A 1 168 ? -8.883  -9.018  2.997   1.00 16.75 ? 168 VAL A N   1 
ATOM   1332 C  CA  . VAL A 1 168 ? -7.509  -8.766  3.435   1.00 19.44 ? 168 VAL A CA  1 
ATOM   1333 C  C   . VAL A 1 168 ? -7.421  -9.317  4.869   1.00 19.07 ? 168 VAL A C   1 
ATOM   1334 O  O   . VAL A 1 168 ? -8.237  -8.960  5.727   1.00 17.81 ? 168 VAL A O   1 
ATOM   1335 C  CB  . VAL A 1 168 ? -7.227  -7.244  3.433   1.00 18.70 ? 168 VAL A CB  1 
ATOM   1336 C  CG1 . VAL A 1 168 ? -5.894  -6.915  4.148   1.00 25.21 ? 168 VAL A CG1 1 
ATOM   1337 C  CG2 . VAL A 1 168 ? -7.230  -6.739  1.996   1.00 21.17 ? 168 VAL A CG2 1 
ATOM   1338 N  N   . ASN A 1 169 ? -6.457  -10.195 5.122   1.00 18.41 ? 169 ASN A N   1 
ATOM   1339 C  CA  . ASN A 1 169 ? -6.291  -10.787 6.453   1.00 18.85 ? 169 ASN A CA  1 
ATOM   1340 C  C   . ASN A 1 169 ? -5.335  -9.960  7.270   1.00 21.37 ? 169 ASN A C   1 
ATOM   1341 O  O   . ASN A 1 169 ? -4.176  -9.802  6.891   1.00 28.73 ? 169 ASN A O   1 
ATOM   1342 C  CB  . ASN A 1 169 ? -5.706  -12.196 6.371   1.00 28.68 ? 169 ASN A CB  1 
ATOM   1343 C  CG  . ASN A 1 169 ? -6.636  -13.169 5.749   1.00 35.50 ? 169 ASN A CG  1 
ATOM   1344 O  OD1 . ASN A 1 169 ? -7.793  -13.248 6.125   1.00 38.92 ? 169 ASN A OD1 1 
ATOM   1345 N  ND2 . ASN A 1 169 ? -6.131  -13.951 4.794   1.00 42.35 ? 169 ASN A ND2 1 
ATOM   1346 N  N   . ILE A 1 170 ? -5.809  -9.481  8.410   1.00 18.38 ? 170 ILE A N   1 
ATOM   1347 C  CA  . ILE A 1 170 ? -5.013  -8.645  9.298   1.00 19.72 ? 170 ILE A CA  1 
ATOM   1348 C  C   . ILE A 1 170 ? -4.636  -9.398  10.566  1.00 17.34 ? 170 ILE A C   1 
ATOM   1349 O  O   . ILE A 1 170 ? -5.470  -10.070 11.172  1.00 20.57 ? 170 ILE A O   1 
ATOM   1350 C  CB  . ILE A 1 170 ? -5.807  -7.349  9.627   1.00 22.34 ? 170 ILE A CB  1 
ATOM   1351 C  CG1 . ILE A 1 170 ? -5.907  -6.492  8.346   1.00 29.23 ? 170 ILE A CG1 1 
ATOM   1352 C  CG2 . ILE A 1 170 ? -5.151  -6.574  10.758  1.00 24.78 ? 170 ILE A CG2 1 
ATOM   1353 C  CD1 . ILE A 1 170 ? -6.583  -5.146  8.552   1.00 32.83 ? 170 ILE A CD1 1 
ATOM   1354 N  N   . THR A 1 171 ? -3.363  -9.325  10.923  1.00 21.26 ? 171 THR A N   1 
ATOM   1355 C  CA  . THR A 1 171 ? -2.860  -9.994  12.127  1.00 21.98 ? 171 THR A CA  1 
ATOM   1356 C  C   . THR A 1 171 ? -2.390  -8.947  13.109  1.00 23.36 ? 171 THR A C   1 
ATOM   1357 O  O   . THR A 1 171 ? -1.685  -8.005  12.724  1.00 20.48 ? 171 THR A O   1 
ATOM   1358 C  CB  . THR A 1 171 ? -1.641  -10.895 11.820  1.00 21.08 ? 171 THR A CB  1 
ATOM   1359 O  OG1 . THR A 1 171 ? -2.025  -11.935 10.903  1.00 20.30 ? 171 THR A OG1 1 
ATOM   1360 C  CG2 . THR A 1 171 ? -1.094  -11.522 13.135  1.00 24.49 ? 171 THR A CG2 1 
ATOM   1361 N  N   . ILE A 1 172 ? -2.767  -9.112  14.369  1.00 26.13 ? 172 ILE A N   1 
ATOM   1362 C  CA  . ILE A 1 172 ? -2.303  -8.206  15.406  1.00 26.10 ? 172 ILE A CA  1 
ATOM   1363 C  C   . ILE A 1 172 ? -1.351  -9.016  16.264  1.00 25.84 ? 172 ILE A C   1 
ATOM   1364 O  O   . ILE A 1 172 ? -1.716  -10.096 16.756  1.00 29.70 ? 172 ILE A O   1 
ATOM   1365 C  CB  . ILE A 1 172 ? -3.430  -7.736  16.348  1.00 27.61 ? 172 ILE A CB  1 
ATOM   1366 C  CG1 . ILE A 1 172 ? -4.636  -7.236  15.547  1.00 26.88 ? 172 ILE A CG1 1 
ATOM   1367 C  CG2 . ILE A 1 172 ? -2.868  -6.655  17.298  1.00 27.65 ? 172 ILE A CG2 1 
ATOM   1368 C  CD1 . ILE A 1 172 ? -4.325  -6.042  14.604  1.00 26.08 ? 172 ILE A CD1 1 
ATOM   1369 N  N   . THR A 1 173 ? -0.136  -8.533  16.439  1.00 27.32 ? 173 THR A N   1 
ATOM   1370 C  CA  . THR A 1 173 ? 0.808   -9.239  17.293  1.00 34.24 ? 173 THR A CA  1 
ATOM   1371 C  C   . THR A 1 173 ? 0.778   -8.566  18.660  1.00 41.80 ? 173 THR A C   1 
ATOM   1372 O  O   . THR A 1 173 ? 0.489   -7.360  18.783  1.00 38.00 ? 173 THR A O   1 
ATOM   1373 C  CB  . THR A 1 173 ? 2.243   -9.184  16.755  1.00 32.16 ? 173 THR A CB  1 
ATOM   1374 O  OG1 . THR A 1 173 ? 2.666   -7.823  16.654  1.00 33.92 ? 173 THR A OG1 1 
ATOM   1375 C  CG2 . THR A 1 173 ? 2.325   -9.842  15.379  1.00 36.13 ? 173 THR A CG2 1 
ATOM   1376 N  N   . GLN A 1 174 ? 1.063   -9.352  19.691  1.00 45.43 ? 174 GLN A N   1 
ATOM   1377 C  CA  . GLN A 1 174 ? 1.068   -8.833  21.045  1.00 54.06 ? 174 GLN A CA  1 
ATOM   1378 C  C   . GLN A 1 174 ? 2.327   -7.991  21.242  1.00 56.55 ? 174 GLN A C   1 
ATOM   1379 O  O   . GLN A 1 174 ? 3.044   -7.714  20.275  1.00 56.66 ? 174 GLN A O   1 
ATOM   1380 C  CB  . GLN A 1 174 ? 1.017   -10.002 22.024  1.00 59.47 ? 174 GLN A CB  1 
ATOM   1381 C  CG  . GLN A 1 174 ? 0.331   -9.688  23.340  1.00 66.41 ? 174 GLN A CG  1 
ATOM   1382 C  CD  . GLN A 1 174 ? -0.308  -10.919 23.963  1.00 70.00 ? 174 GLN A CD  1 
ATOM   1383 O  OE1 . GLN A 1 174 ? 0.286   -12.002 23.979  1.00 71.41 ? 174 GLN A OE1 1 
ATOM   1384 N  NE2 . GLN A 1 174 ? -1.521  -10.756 24.490  1.00 69.97 ? 174 GLN A NE2 1 
ATOM   1385 N  N   . ALA A 1 175 ? 2.585   -7.589  22.487  1.00 62.24 ? 175 ALA A N   1 
ATOM   1386 C  CA  . ALA A 1 175 ? 3.742   -6.761  22.855  1.00 62.34 ? 175 ALA A CA  1 
ATOM   1387 C  C   . ALA A 1 175 ? 3.477   -5.303  22.491  1.00 63.88 ? 175 ALA A C   1 
ATOM   1388 O  O   . ALA A 1 175 ? 2.327   -4.906  22.276  1.00 63.13 ? 175 ALA A O   1 
ATOM   1389 C  CB  . ALA A 1 175 ? 5.016   -7.256  22.156  1.00 61.53 ? 175 ALA A CB  1 
HETATM 1390 HG HG  . HG  B 2 .   ? -2.572  6.791   7.616   0.20 36.77 ? 176 HG  A HG  1 
HETATM 1391 HG HG  . HG  C 2 .   ? 9.452   -3.632  -14.439 0.20 39.59 ? 177 HG  A HG  1 
HETATM 1392 O  O   . HOH D 3 .   ? -9.398  -5.784  -1.262  1.00 12.11 ? 178 HOH A O   1 
HETATM 1393 O  O   . HOH D 3 .   ? -1.331  4.375   -4.800  1.00 16.98 ? 179 HOH A O   1 
HETATM 1394 O  O   . HOH D 3 .   ? -12.318 4.901   1.478   1.00 12.99 ? 180 HOH A O   1 
HETATM 1395 O  O   . HOH D 3 .   ? 0.475   3.216   -2.981  1.00 16.08 ? 181 HOH A O   1 
HETATM 1396 O  O   . HOH D 3 .   ? -4.006  3.654   -4.581  1.00 14.44 ? 182 HOH A O   1 
HETATM 1397 O  O   . HOH D 3 .   ? -10.842 -6.100  -4.670  1.00 17.93 ? 183 HOH A O   1 
HETATM 1398 O  O   . HOH D 3 .   ? -3.844  7.324   -7.869  1.00 16.47 ? 184 HOH A O   1 
HETATM 1399 O  O   . HOH D 3 .   ? -11.180 5.700   -3.418  1.00 16.59 ? 185 HOH A O   1 
HETATM 1400 O  O   . HOH D 3 .   ? -5.056  6.095   -4.629  1.00 17.92 ? 186 HOH A O   1 
HETATM 1401 O  O   . HOH D 3 .   ? -7.923  2.729   -10.279 1.00 15.09 ? 187 HOH A O   1 
HETATM 1402 O  O   . HOH D 3 .   ? -2.567  -4.734  -17.609 1.00 15.61 ? 188 HOH A O   1 
HETATM 1403 O  O   . HOH D 3 .   ? 13.417  -1.098  2.101   1.00 17.58 ? 189 HOH A O   1 
HETATM 1404 O  O   . HOH D 3 .   ? -2.453  2.268   10.013  1.00 19.26 ? 190 HOH A O   1 
HETATM 1405 O  O   . HOH D 3 .   ? -2.811  1.520   -16.008 1.00 15.25 ? 191 HOH A O   1 
HETATM 1406 O  O   . HOH D 3 .   ? -15.120 6.307   -3.923  1.00 17.94 ? 192 HOH A O   1 
HETATM 1407 O  O   . HOH D 3 .   ? 6.685   -5.229  1.655   1.00 28.09 ? 193 HOH A O   1 
HETATM 1408 O  O   . HOH D 3 .   ? -0.564  7.233   2.742   1.00 22.10 ? 194 HOH A O   1 
HETATM 1409 O  O   . HOH D 3 .   ? 16.936  6.123   -10.240 1.00 22.04 ? 195 HOH A O   1 
HETATM 1410 O  O   . HOH D 3 .   ? -17.816 -4.997  -14.295 1.00 16.63 ? 196 HOH A O   1 
HETATM 1411 O  O   . HOH D 3 .   ? -18.447 10.734  5.657   1.00 16.95 ? 197 HOH A O   1 
HETATM 1412 O  O   . HOH D 3 .   ? 19.187  10.052  -7.159  1.00 24.78 ? 198 HOH A O   1 
HETATM 1413 O  O   . HOH D 3 .   ? -0.016  -5.613  -16.923 1.00 17.84 ? 199 HOH A O   1 
HETATM 1414 O  O   . HOH D 3 .   ? -15.151 -10.568 6.500   1.00 20.21 ? 200 HOH A O   1 
HETATM 1415 O  O   . HOH D 3 .   ? -11.372 6.265   -0.735  1.00 18.48 ? 201 HOH A O   1 
HETATM 1416 O  O   . HOH D 3 .   ? -7.242  7.797   -5.390  1.00 26.73 ? 202 HOH A O   1 
HETATM 1417 O  O   . HOH D 3 .   ? -17.357 -6.328  -7.103  1.00 24.61 ? 203 HOH A O   1 
HETATM 1418 O  O   . HOH D 3 .   ? -9.787  7.920   0.880   1.00 27.03 ? 204 HOH A O   1 
HETATM 1419 O  O   . HOH D 3 .   ? -11.910 9.726   5.110   1.00 20.15 ? 205 HOH A O   1 
HETATM 1420 O  O   . HOH D 3 .   ? -2.870  -1.645  0.620   1.00 16.31 ? 206 HOH A O   1 
HETATM 1421 O  O   . HOH D 3 .   ? -20.702 10.021  4.231   1.00 21.24 ? 207 HOH A O   1 
HETATM 1422 O  O   . HOH D 3 .   ? -13.234 8.407   -17.472 1.00 30.84 ? 208 HOH A O   1 
HETATM 1423 O  O   . HOH D 3 .   ? 6.191   2.566   2.570   1.00 22.91 ? 209 HOH A O   1 
HETATM 1424 O  O   . HOH D 3 .   ? -14.036 -6.494  16.243  1.00 25.92 ? 210 HOH A O   1 
HETATM 1425 O  O   . HOH D 3 .   ? -14.834 -5.823  -8.288  1.00 21.84 ? 211 HOH A O   1 
HETATM 1426 O  O   . HOH D 3 .   ? 2.660   -6.353  7.061   1.00 23.95 ? 212 HOH A O   1 
HETATM 1427 O  O   . HOH D 3 .   ? -11.316 7.901   -5.189  1.00 24.57 ? 213 HOH A O   1 
HETATM 1428 O  O   . HOH D 3 .   ? 2.049   8.990   -5.584  1.00 23.70 ? 214 HOH A O   1 
HETATM 1429 O  O   . HOH D 3 .   ? 9.894   8.469   -12.188 1.00 28.41 ? 215 HOH A O   1 
HETATM 1430 O  O   . HOH D 3 .   ? 13.763  -5.813  -6.495  1.00 24.00 ? 216 HOH A O   1 
HETATM 1431 O  O   . HOH D 3 .   ? 15.839  -1.244  3.617   1.00 20.74 ? 217 HOH A O   1 
HETATM 1432 O  O   . HOH D 3 .   ? 2.897   1.144   -15.246 1.00 21.82 ? 218 HOH A O   1 
HETATM 1433 O  O   . HOH D 3 .   ? 22.231  -3.863  1.705   1.00 19.30 ? 219 HOH A O   1 
HETATM 1434 O  O   . HOH D 3 .   ? -7.171  6.139   -9.346  1.00 19.12 ? 220 HOH A O   1 
HETATM 1435 O  O   . HOH D 3 .   ? -19.045 6.402   -10.378 1.00 22.22 ? 221 HOH A O   1 
HETATM 1436 O  O   . HOH D 3 .   ? -8.572  5.924   -17.580 1.00 29.77 ? 222 HOH A O   1 
HETATM 1437 O  O   . HOH D 3 .   ? -4.307  6.636   -14.348 1.00 25.36 ? 223 HOH A O   1 
HETATM 1438 O  O   . HOH D 3 .   ? -8.986  9.436   6.246   1.00 31.98 ? 224 HOH A O   1 
HETATM 1439 O  O   . HOH D 3 .   ? -22.907 -1.134  2.442   1.00 27.90 ? 225 HOH A O   1 
HETATM 1440 O  O   . HOH D 3 .   ? 17.303  -6.760  -6.699  1.00 29.11 ? 226 HOH A O   1 
HETATM 1441 O  O   . HOH D 3 .   ? -3.320  -10.052 4.051   1.00 38.27 ? 227 HOH A O   1 
HETATM 1442 O  O   . HOH D 3 .   ? -11.043 6.917   -16.271 1.00 27.89 ? 228 HOH A O   1 
HETATM 1443 O  O   . HOH D 3 .   ? -4.606  7.733   -0.381  1.00 22.20 ? 229 HOH A O   1 
HETATM 1444 O  O   . HOH D 3 .   ? -13.824 0.256   15.790  1.00 40.68 ? 230 HOH A O   1 
HETATM 1445 O  O   . HOH D 3 .   ? -22.607 -3.937  -2.281  1.00 24.38 ? 231 HOH A O   1 
HETATM 1446 O  O   . HOH D 3 .   ? -6.886  8.478   2.499   1.00 23.57 ? 232 HOH A O   1 
HETATM 1447 O  O   . HOH D 3 .   ? -7.082  -7.296  -1.812  1.00 23.72 ? 233 HOH A O   1 
HETATM 1448 O  O   . HOH D 3 .   ? 24.910  7.612   -5.454  1.00 35.10 ? 234 HOH A O   1 
HETATM 1449 O  O   . HOH D 3 .   ? -5.532  -12.764 11.065  1.00 26.57 ? 235 HOH A O   1 
HETATM 1450 O  O   . HOH D 3 .   ? -9.921  -1.842  18.458  1.00 35.29 ? 236 HOH A O   1 
HETATM 1451 O  O   . HOH D 3 .   ? 3.238   -2.845  4.014   1.00 31.57 ? 237 HOH A O   1 
HETATM 1452 O  O   . HOH D 3 .   ? -24.687 11.083  -3.782  1.00 33.89 ? 238 HOH A O   1 
HETATM 1453 O  O   . HOH D 3 .   ? 3.360   1.059   3.103   1.00 30.40 ? 239 HOH A O   1 
HETATM 1454 O  O   . HOH D 3 .   ? 0.839   2.572   -17.335 1.00 27.87 ? 240 HOH A O   1 
HETATM 1455 O  O   . HOH D 3 .   ? 2.741   4.165   -15.219 1.00 26.83 ? 241 HOH A O   1 
HETATM 1456 O  O   . HOH D 3 .   ? -14.440 11.250  3.627   1.00 30.27 ? 242 HOH A O   1 
HETATM 1457 O  O   . HOH D 3 .   ? 11.661  6.938   -13.850 1.00 48.83 ? 243 HOH A O   1 
HETATM 1458 O  O   . HOH D 3 .   ? -16.924 6.352   -14.185 1.00 30.95 ? 244 HOH A O   1 
HETATM 1459 O  O   . HOH D 3 .   ? -24.832 2.009   -12.433 1.00 41.99 ? 245 HOH A O   1 
HETATM 1460 O  O   . HOH D 3 .   ? -5.190  5.783   11.730  1.00 33.95 ? 246 HOH A O   1 
HETATM 1461 O  O   . HOH D 3 .   ? -18.349 8.762   11.488  1.00 25.80 ? 247 HOH A O   1 
HETATM 1462 O  O   . HOH D 3 .   ? -2.089  -10.864 8.467   1.00 30.15 ? 248 HOH A O   1 
HETATM 1463 O  O   . HOH D 3 .   ? 18.544  1.272   6.862   1.00 33.87 ? 249 HOH A O   1 
HETATM 1464 O  O   . HOH D 3 .   ? 16.115  8.092   -13.049 1.00 39.86 ? 250 HOH A O   1 
HETATM 1465 O  O   . HOH D 3 .   ? -13.000 -7.034  -6.394  1.00 33.06 ? 251 HOH A O   1 
HETATM 1466 O  O   . HOH D 3 .   ? -12.231 -8.228  -10.615 1.00 27.77 ? 252 HOH A O   1 
HETATM 1467 O  O   . HOH D 3 .   ? -11.278 -12.368 -1.243  1.00 34.17 ? 253 HOH A O   1 
HETATM 1468 O  O   . HOH D 3 .   ? -5.732  -5.159  -0.791  1.00 30.99 ? 254 HOH A O   1 
HETATM 1469 O  O   . HOH D 3 .   ? -4.997  -9.683  -7.312  1.00 47.22 ? 255 HOH A O   1 
HETATM 1470 O  O   . HOH D 3 .   ? 14.086  -7.963  -4.494  1.00 29.42 ? 256 HOH A O   1 
HETATM 1471 O  O   . HOH D 3 .   ? 19.736  -6.088  -7.551  1.00 38.04 ? 257 HOH A O   1 
HETATM 1472 O  O   . HOH D 3 .   ? -2.329  9.996   -3.774  1.00 28.04 ? 258 HOH A O   1 
HETATM 1473 O  O   . HOH D 3 .   ? -1.661  2.302   -18.333 1.00 32.39 ? 259 HOH A O   1 
HETATM 1474 O  O   . HOH D 3 .   ? -23.042 -7.323  10.794  1.00 32.12 ? 260 HOH A O   1 
HETATM 1475 O  O   . HOH D 3 .   ? 16.912  -4.049  -17.040 1.00 35.07 ? 261 HOH A O   1 
HETATM 1476 O  O   . HOH D 3 .   ? -14.953 -12.414 3.803   1.00 50.75 ? 262 HOH A O   1 
HETATM 1477 O  O   . HOH D 3 .   ? 18.715  4.699   4.728   1.00 38.72 ? 263 HOH A O   1 
HETATM 1478 O  O   . HOH D 3 .   ? -21.737 -6.636  -2.431  1.00 30.37 ? 264 HOH A O   1 
HETATM 1479 O  O   . HOH D 3 .   ? 2.564   -9.751  -12.618 1.00 37.15 ? 265 HOH A O   1 
HETATM 1480 O  O   . HOH D 3 .   ? -4.499  -3.825  1.620   1.00 35.13 ? 266 HOH A O   1 
HETATM 1481 O  O   . HOH D 3 .   ? -4.345  8.298   -3.141  1.00 28.76 ? 267 HOH A O   1 
HETATM 1482 O  O   . HOH D 3 .   ? 18.407  2.571   -15.704 1.00 30.28 ? 268 HOH A O   1 
HETATM 1483 O  O   . HOH D 3 .   ? 5.164   -8.590  -12.230 1.00 35.62 ? 269 HOH A O   1 
HETATM 1484 O  O   . HOH D 3 .   ? -0.088  1.992   12.697  1.00 35.80 ? 270 HOH A O   1 
HETATM 1485 O  O   . HOH D 3 .   ? 13.526  7.064   -11.347 1.00 27.17 ? 271 HOH A O   1 
HETATM 1486 O  O   . HOH D 3 .   ? 16.363  11.837  -14.441 1.00 63.84 ? 272 HOH A O   1 
HETATM 1487 O  O   . HOH D 3 .   ? -18.031 8.699   -3.207  1.00 33.57 ? 273 HOH A O   1 
HETATM 1488 O  O   . HOH D 3 .   ? -16.587 4.761   14.070  1.00 33.46 ? 274 HOH A O   1 
HETATM 1489 O  O   . HOH D 3 .   ? 9.272   -7.438  2.005   1.00 37.45 ? 275 HOH A O   1 
HETATM 1490 O  O   . HOH D 3 .   ? -14.317 -9.279  -5.324  1.00 38.68 ? 276 HOH A O   1 
HETATM 1491 O  O   . HOH D 3 .   ? -3.781  -12.000 16.223  1.00 31.02 ? 277 HOH A O   1 
HETATM 1492 O  O   . HOH D 3 .   ? 6.442   -11.026 -5.616  1.00 50.88 ? 278 HOH A O   1 
HETATM 1493 O  O   . HOH D 3 .   ? 0.426   -10.303 1.741   1.00 52.72 ? 279 HOH A O   1 
HETATM 1494 O  O   . HOH D 3 .   ? 26.236  12.694  -9.764  1.00 37.21 ? 280 HOH A O   1 
HETATM 1495 O  O   . HOH D 3 .   ? -10.499 8.646   -9.414  1.00 35.65 ? 281 HOH A O   1 
HETATM 1496 O  O   . HOH D 3 .   ? 0.603   1.062   9.640   1.00 47.09 ? 282 HOH A O   1 
HETATM 1497 O  O   . HOH D 3 .   ? -14.482 -10.812 14.882  1.00 40.51 ? 283 HOH A O   1 
HETATM 1498 O  O   . HOH D 3 .   ? 7.307   -0.800  -12.635 1.00 31.42 ? 284 HOH A O   1 
HETATM 1499 O  O   . HOH D 3 .   ? 2.445   -9.193  -15.812 1.00 37.25 ? 285 HOH A O   1 
HETATM 1500 O  O   . HOH D 3 .   ? -16.236 -9.128  13.639  1.00 35.82 ? 286 HOH A O   1 
HETATM 1501 O  O   . HOH D 3 .   ? -9.828  6.263   -7.903  1.00 36.36 ? 287 HOH A O   1 
HETATM 1502 O  O   . HOH D 3 .   ? 23.430  16.031  -11.607 1.00 40.55 ? 288 HOH A O   1 
HETATM 1503 O  O   . HOH D 3 .   ? 2.401   -8.116  -1.490  1.00 50.16 ? 289 HOH A O   1 
HETATM 1504 O  O   . HOH D 3 .   ? -12.954 6.065   10.928  1.00 31.86 ? 290 HOH A O   1 
HETATM 1505 O  O   . HOH D 3 .   ? 18.361  -5.499  -14.994 1.00 33.63 ? 291 HOH A O   1 
HETATM 1506 O  O   . HOH D 3 .   ? -21.944 0.962   -12.251 1.00 31.71 ? 292 HOH A O   1 
HETATM 1507 O  O   . HOH D 3 .   ? 4.848   -2.423  -16.017 1.00 34.48 ? 293 HOH A O   1 
HETATM 1508 O  O   . HOH D 3 .   ? -22.860 -6.510  -9.376  1.00 37.89 ? 294 HOH A O   1 
HETATM 1509 O  O   . HOH D 3 .   ? 4.746   -3.333  1.081   1.00 29.46 ? 295 HOH A O   1 
HETATM 1510 O  O   . HOH D 3 .   ? -12.463 5.515   14.560  1.00 38.59 ? 296 HOH A O   1 
HETATM 1511 O  O   . HOH D 3 .   ? 3.890   11.109  -3.791  1.00 37.23 ? 297 HOH A O   1 
HETATM 1512 O  O   . HOH D 3 .   ? -21.790 -11.321 6.766   1.00 39.38 ? 298 HOH A O   1 
HETATM 1513 O  O   . HOH D 3 .   ? 25.247  1.587   3.201   1.00 37.02 ? 299 HOH A O   1 
HETATM 1514 O  O   . HOH D 3 .   ? 12.822  10.109  -3.393  1.00 31.52 ? 300 HOH A O   1 
HETATM 1515 O  O   . HOH D 3 .   ? 10.650  -4.248  3.587   1.00 34.59 ? 301 HOH A O   1 
HETATM 1516 O  O   . HOH D 3 .   ? -20.480 -8.968  -0.106  1.00 45.06 ? 302 HOH A O   1 
HETATM 1517 O  O   . HOH D 3 .   ? -23.673 -1.508  6.987   1.00 30.75 ? 303 HOH A O   1 
HETATM 1518 O  O   . HOH D 3 .   ? -29.414 1.403   -6.120  1.00 37.75 ? 304 HOH A O   1 
HETATM 1519 O  O   . HOH D 3 .   ? -2.119  -10.320 -5.307  1.00 46.74 ? 305 HOH A O   1 
HETATM 1520 O  O   . HOH D 3 .   ? -24.520 -0.418  -0.515  1.00 27.88 ? 306 HOH A O   1 
HETATM 1521 O  O   . HOH D 3 .   ? -16.311 -0.992  14.858  1.00 31.23 ? 307 HOH A O   1 
HETATM 1522 O  O   . HOH D 3 .   ? -21.239 2.819   11.268  1.00 32.95 ? 308 HOH A O   1 
HETATM 1523 O  O   . HOH D 3 .   ? -0.109  -8.756  -6.744  1.00 43.42 ? 309 HOH A O   1 
HETATM 1524 O  O   . HOH D 3 .   ? -19.707 -13.268 10.923  1.00 34.45 ? 310 HOH A O   1 
HETATM 1525 O  O   . HOH D 3 .   ? -3.900  -7.307  -0.296  1.00 41.06 ? 311 HOH A O   1 
HETATM 1526 O  O   . HOH D 3 .   ? -12.385 6.524   -7.505  1.00 39.42 ? 312 HOH A O   1 
HETATM 1527 O  O   . HOH D 3 .   ? 9.433   0.907   3.880   1.00 41.29 ? 313 HOH A O   1 
HETATM 1528 O  O   . HOH D 3 .   ? -8.900  11.251  -15.600 1.00 45.06 ? 314 HOH A O   1 
HETATM 1529 O  O   . HOH D 3 .   ? 6.248   -10.178 -9.381  1.00 37.27 ? 315 HOH A O   1 
HETATM 1530 O  O   . HOH D 3 .   ? -12.085 7.910   9.095   1.00 50.23 ? 316 HOH A O   1 
HETATM 1531 O  O   . HOH D 3 .   ? -2.571  7.336   -5.560  1.00 42.05 ? 317 HOH A O   1 
HETATM 1532 O  O   . HOH D 3 .   ? 12.895  -10.372 -6.628  1.00 46.75 ? 318 HOH A O   1 
HETATM 1533 O  O   . HOH D 3 .   ? -1.333  -8.590  -9.725  1.00 31.14 ? 319 HOH A O   1 
HETATM 1534 O  O   . HOH D 3 .   ? -15.799 10.228  -9.800  1.00 46.59 ? 320 HOH A O   1 
HETATM 1535 O  O   . HOH D 3 .   ? 24.402  2.480   -11.199 1.00 45.21 ? 321 HOH A O   1 
HETATM 1536 O  O   . HOH D 3 .   ? -9.352  9.297   -1.596  1.00 36.67 ? 322 HOH A O   1 
HETATM 1537 O  O   . HOH D 3 .   ? 5.484   0.747   12.522  1.00 45.42 ? 323 HOH A O   1 
HETATM 1538 O  O   . HOH D 3 .   ? -20.893 -10.989 3.940   1.00 40.69 ? 324 HOH A O   1 
HETATM 1539 O  O   . HOH D 3 .   ? 19.055  -5.520  1.759   1.00 34.15 ? 325 HOH A O   1 
HETATM 1540 O  O   . HOH D 3 .   ? -10.588 -8.620  -7.819  1.00 58.51 ? 326 HOH A O   1 
HETATM 1541 O  O   . HOH D 3 .   ? 13.516  -2.539  -17.170 1.00 36.64 ? 327 HOH A O   1 
HETATM 1542 O  O   . HOH D 3 .   ? -11.568 13.676  -14.037 1.00 55.62 ? 328 HOH A O   1 
HETATM 1543 O  O   . HOH D 3 .   ? -5.679  6.028   16.621  1.00 48.08 ? 329 HOH A O   1 
HETATM 1544 O  O   . HOH D 3 .   ? -8.773  -0.153  22.168  1.00 45.02 ? 330 HOH A O   1 
HETATM 1545 O  O   . HOH D 3 .   ? -1.115  -12.696 18.426  1.00 40.99 ? 331 HOH A O   1 
HETATM 1546 O  O   . HOH D 3 .   ? -4.093  7.851   -11.143 1.00 29.47 ? 332 HOH A O   1 
HETATM 1547 O  O   . HOH D 3 .   ? -9.343  1.313   19.249  1.00 42.10 ? 333 HOH A O   1 
HETATM 1548 O  O   . HOH D 3 .   ? 9.213   -10.885 -6.442  1.00 47.12 ? 334 HOH A O   1 
HETATM 1549 O  O   . HOH D 3 .   ? -21.427 6.164   -8.349  1.00 39.90 ? 335 HOH A O   1 
HETATM 1550 O  O   . HOH D 3 .   ? -18.969 11.224  -4.799  1.00 45.38 ? 336 HOH A O   1 
HETATM 1551 O  O   . HOH D 3 .   ? 5.294   5.382   3.540   1.00 53.75 ? 337 HOH A O   1 
HETATM 1552 O  O   . HOH D 3 .   ? -1.864  -13.899 21.437  1.00 49.70 ? 338 HOH A O   1 
HETATM 1553 O  O   . HOH D 3 .   ? -14.775 10.484  -0.424  1.00 61.60 ? 339 HOH A O   1 
HETATM 1554 O  O   . HOH D 3 .   ? -23.923 -3.235  0.314   1.00 33.05 ? 340 HOH A O   1 
HETATM 1555 O  O   . HOH D 3 .   ? 22.780  5.311   4.312   1.00 38.01 ? 341 HOH A O   1 
HETATM 1556 O  O   . HOH D 3 .   ? -25.931 -3.435  -11.354 1.00 54.69 ? 342 HOH A O   1 
HETATM 1557 O  O   . HOH D 3 .   ? -23.425 -4.045  4.181   1.00 60.86 ? 343 HOH A O   1 
HETATM 1558 O  O   . HOH D 3 .   ? -7.723  -13.468 8.881   1.00 48.72 ? 344 HOH A O   1 
HETATM 1559 O  O   . HOH D 3 .   ? -25.698 -1.602  3.444   1.00 64.90 ? 345 HOH A O   1 
HETATM 1560 O  O   . HOH D 3 .   ? -9.779  -13.924 4.718   1.00 42.83 ? 346 HOH A O   1 
HETATM 1561 O  O   . HOH D 3 .   ? -27.072 3.899   -11.748 1.00 58.88 ? 347 HOH A O   1 
HETATM 1562 O  O   . HOH D 3 .   ? 5.049   6.547   -14.930 1.00 38.49 ? 348 HOH A O   1 
HETATM 1563 O  O   . HOH D 3 .   ? -25.387 -4.966  -8.757  1.00 36.00 ? 349 HOH A O   1 
HETATM 1564 O  O   . HOH D 3 .   ? -12.090 -4.794  17.801  1.00 31.77 ? 350 HOH A O   1 
HETATM 1565 O  O   . HOH D 3 .   ? -0.360  10.021  1.741   1.00 38.51 ? 351 HOH A O   1 
HETATM 1566 O  O   . HOH D 3 .   ? -29.261 3.651   -3.991  1.00 46.77 ? 352 HOH A O   1 
HETATM 1567 O  O   . HOH D 3 .   ? -6.275  -9.541  -0.331  1.00 40.01 ? 353 HOH A O   1 
HETATM 1568 O  O   . HOH D 3 .   ? -13.941 9.081   -7.160  1.00 46.29 ? 354 HOH A O   1 
HETATM 1569 O  O   . HOH D 3 .   ? -20.318 1.397   14.207  1.00 54.25 ? 355 HOH A O   1 
HETATM 1570 O  O   . HOH D 3 .   ? 1.902   5.249   -17.782 1.00 42.98 ? 356 HOH A O   1 
HETATM 1571 O  O   . HOH D 3 .   ? -23.660 -9.346  4.803   1.00 50.99 ? 357 HOH A O   1 
HETATM 1572 O  O   . HOH D 3 .   ? 2.808   -9.594  -6.721  1.00 44.54 ? 358 HOH A O   1 
HETATM 1573 O  O   . HOH D 3 .   ? 0.711   12.337  -14.065 1.00 36.42 ? 359 HOH A O   1 
HETATM 1574 O  O   . HOH D 3 .   ? 2.019   -0.460  12.350  1.00 42.93 ? 360 HOH A O   1 
HETATM 1575 O  O   . HOH D 3 .   ? 2.492   4.744   6.017   1.00 36.93 ? 361 HOH A O   1 
HETATM 1576 O  O   . HOH D 3 .   ? 11.579  -1.484  4.053   1.00 22.49 ? 362 HOH A O   1 
HETATM 1577 O  O   . HOH D 3 .   ? 7.931   -3.859  3.984   1.00 40.24 ? 363 HOH A O   1 
HETATM 1578 O  O   . HOH D 3 .   ? 7.166   -1.102  3.990   1.00 30.22 ? 364 HOH A O   1 
HETATM 1579 O  O   . HOH D 3 .   ? 4.703   -4.270  6.124   1.00 50.59 ? 365 HOH A O   1 
HETATM 1580 O  O   . HOH D 3 .   ? 4.995   -0.943  2.401   1.00 39.52 ? 366 HOH A O   1 
HETATM 1581 O  O   . HOH D 3 .   ? 5.956   10.915  0.440   1.00 50.01 ? 367 HOH A O   1 
HETATM 1582 O  O   . HOH D 3 .   ? 16.437  -1.133  6.416   1.00 31.04 ? 368 HOH A O   1 
HETATM 1583 O  O   . HOH D 3 .   ? -0.009  10.684  -2.112  1.00 40.26 ? 369 HOH A O   1 
HETATM 1584 O  O   . HOH D 3 .   ? -3.020  9.239   1.150   1.00 42.16 ? 370 HOH A O   1 
HETATM 1585 O  O   . HOH D 3 .   ? -6.938  9.666   -0.001  1.00 50.27 ? 371 HOH A O   1 
HETATM 1586 O  O   . HOH D 3 .   ? -0.532  9.012   -6.173  1.00 40.45 ? 372 HOH A O   1 
HETATM 1587 O  O   . HOH D 3 .   ? 3.729   2.257   5.509   1.00 45.89 ? 373 HOH A O   1 
HETATM 1588 O  O   . HOH D 3 .   ? -2.732  -8.249  2.081   1.00 39.72 ? 374 HOH A O   1 
HETATM 1589 O  O   . HOH D 3 .   ? -5.419  5.858   -16.784 1.00 41.05 ? 375 HOH A O   1 
HETATM 1590 O  O   . HOH D 3 .   ? -3.965  4.022   -18.344 1.00 46.20 ? 376 HOH A O   1 
HETATM 1591 O  O   . HOH D 3 .   ? 24.894  11.186  -12.055 1.00 57.31 ? 377 HOH A O   1 
HETATM 1592 O  O   . HOH D 3 .   ? 19.736  -7.830  -9.900  1.00 32.40 ? 378 HOH A O   1 
HETATM 1593 O  O   . HOH D 3 .   ? 12.174  1.303   -16.541 1.00 44.24 ? 379 HOH A O   1 
HETATM 1594 O  O   . HOH D 3 .   ? 19.054  4.418   -17.885 1.00 43.29 ? 380 HOH A O   1 
HETATM 1595 O  O   . HOH D 3 .   ? 16.607  0.571   -17.201 1.00 52.15 ? 381 HOH A O   1 
HETATM 1596 O  O   . HOH D 3 .   ? 27.628  15.014  -8.427  1.00 48.56 ? 382 HOH A O   1 
HETATM 1597 O  O   . HOH D 3 .   ? -17.514 10.335  -0.893  1.00 45.61 ? 383 HOH A O   1 
HETATM 1598 O  O   . HOH D 3 .   ? 24.231  -5.182  -0.096  1.00 36.27 ? 384 HOH A O   1 
HETATM 1599 O  O   . HOH D 3 .   ? -8.574  -7.605  -5.632  1.00 33.39 ? 385 HOH A O   1 
HETATM 1600 O  O   . HOH D 3 .   ? -12.417 8.780   -0.355  1.00 48.17 ? 386 HOH A O   1 
HETATM 1601 O  O   . HOH D 3 .   ? -18.351 9.155   -11.048 1.00 42.52 ? 387 HOH A O   1 
HETATM 1602 O  O   . HOH D 3 .   ? -21.015 10.139  -9.632  1.00 50.32 ? 388 HOH A O   1 
HETATM 1603 O  O   . HOH D 3 .   ? -18.734 4.627   -12.532 1.00 29.31 ? 389 HOH A O   1 
HETATM 1604 O  O   . HOH D 3 .   ? -21.203 10.899  -6.757  1.00 52.22 ? 390 HOH A O   1 
HETATM 1605 O  O   . HOH D 3 .   ? -26.437 -0.810  6.362   1.00 51.17 ? 391 HOH A O   1 
HETATM 1606 O  O   . HOH D 3 .   ? -21.578 -0.671  12.117  1.00 49.47 ? 392 HOH A O   1 
HETATM 1607 O  O   . HOH D 3 .   ? -17.196 1.901   14.182  1.00 46.49 ? 393 HOH A O   1 
HETATM 1608 O  O   . HOH D 3 .   ? -27.032 6.099   4.163   1.00 43.80 ? 394 HOH A O   1 
HETATM 1609 O  O   . HOH D 3 .   ? -21.498 -15.693 3.901   1.00 39.91 ? 395 HOH A O   1 
HETATM 1610 O  O   . HOH D 3 .   ? -12.229 -0.160  18.316  1.00 42.20 ? 396 HOH A O   1 
HETATM 1611 O  O   . HOH D 3 .   ? -16.846 -11.456 0.688   1.00 47.04 ? 397 HOH A O   1 
HETATM 1612 O  O   . HOH D 3 .   ? -17.027 -9.157  -6.509  1.00 51.36 ? 398 HOH A O   1 
HETATM 1613 O  O   . HOH D 3 .   ? -21.349 -8.202  -7.551  1.00 58.28 ? 399 HOH A O   1 
HETATM 1614 O  O   . HOH D 3 .   ? -21.127 -13.829 8.450   1.00 46.00 ? 400 HOH A O   1 
HETATM 1615 O  O   . HOH D 3 .   ? -20.883 3.155   -13.477 1.00 29.55 ? 401 HOH A O   1 
HETATM 1616 O  O   . HOH D 3 .   ? -21.344 -7.658  -4.840  1.00 47.13 ? 402 HOH A O   1 
# 
